data_1X66
#
_entry.id   1X66
#
_entity_poly.entity_id   1
_entity_poly.type   'polypeptide(L)'
_entity_poly.pdbx_seq_one_letter_code
;GSSGSSGPPNMTTNERRVIVPADPTLWTQEHVRQWLEWAIKEYSLMEIDTSFFQNMDGKELCKMNKEDFLRATTLYNTEV
LLSHLSYLRESSSGPSSG
;
_entity_poly.pdbx_strand_id   A
#
# COMPACT_ATOMS: atom_id res chain seq x y z
N GLY A 1 -0.20 -0.04 -25.57
CA GLY A 1 0.83 0.95 -25.34
C GLY A 1 1.20 1.72 -26.60
N SER A 2 2.50 1.81 -26.88
CA SER A 2 2.97 2.52 -28.06
C SER A 2 2.55 3.98 -28.02
N SER A 3 3.16 4.74 -27.10
CA SER A 3 2.84 6.15 -26.95
C SER A 3 1.36 6.35 -26.61
N GLY A 4 0.94 7.61 -26.53
CA GLY A 4 -0.44 7.91 -26.21
C GLY A 4 -0.81 7.50 -24.79
N SER A 5 0.17 7.49 -23.91
CA SER A 5 -0.05 7.11 -22.51
C SER A 5 -0.29 8.35 -21.65
N SER A 6 -1.44 8.36 -20.97
CA SER A 6 -1.79 9.49 -20.10
C SER A 6 -2.26 9.00 -18.74
N GLY A 7 -1.46 8.14 -18.12
CA GLY A 7 -1.81 7.62 -16.81
C GLY A 7 -2.02 8.70 -15.79
N PRO A 8 -2.41 8.30 -14.55
CA PRO A 8 -2.65 9.24 -13.47
C PRO A 8 -1.37 9.89 -12.95
N PRO A 9 -1.53 10.94 -12.13
CA PRO A 9 -0.39 11.67 -11.56
C PRO A 9 0.37 10.84 -10.52
N ASN A 10 1.53 10.34 -10.91
CA ASN A 10 2.36 9.53 -10.02
C ASN A 10 2.79 10.35 -8.81
N MET A 11 3.15 9.65 -7.73
CA MET A 11 3.58 10.31 -6.50
C MET A 11 4.88 11.08 -6.74
N THR A 12 5.16 12.03 -5.85
CA THR A 12 6.36 12.85 -5.96
C THR A 12 7.59 12.09 -5.48
N THR A 13 8.72 12.34 -6.13
CA THR A 13 9.97 11.67 -5.76
C THR A 13 11.15 12.24 -6.56
N ASN A 14 12.36 11.94 -6.11
CA ASN A 14 13.57 12.42 -6.77
C ASN A 14 13.63 11.90 -8.21
N GLU A 15 13.64 10.58 -8.35
CA GLU A 15 13.70 9.96 -9.68
C GLU A 15 12.42 9.21 -9.99
N ARG A 16 12.23 8.07 -9.31
CA ARG A 16 11.04 7.26 -9.51
C ARG A 16 10.98 6.12 -8.49
N ARG A 17 10.52 6.45 -7.28
CA ARG A 17 10.41 5.47 -6.21
C ARG A 17 9.61 6.02 -5.04
N VAL A 18 9.24 5.15 -4.11
CA VAL A 18 8.47 5.55 -2.94
C VAL A 18 9.36 5.61 -1.70
N ILE A 19 9.00 6.48 -0.77
CA ILE A 19 9.76 6.64 0.47
C ILE A 19 8.88 6.39 1.70
N VAL A 20 8.78 5.12 2.09
CA VAL A 20 7.97 4.75 3.25
C VAL A 20 8.73 3.79 4.16
N PRO A 21 8.36 3.77 5.45
CA PRO A 21 8.98 2.91 6.44
C PRO A 21 8.64 1.43 6.23
N ALA A 22 9.46 0.56 6.79
CA ALA A 22 9.24 -0.88 6.66
C ALA A 22 7.86 -1.28 7.19
N ASP A 23 7.66 -1.08 8.50
CA ASP A 23 6.39 -1.43 9.12
C ASP A 23 5.26 -0.55 8.57
N PRO A 24 4.23 -1.20 8.01
CA PRO A 24 3.08 -0.51 7.43
C PRO A 24 2.21 0.14 8.50
N THR A 25 2.33 -0.34 9.73
CA THR A 25 1.55 0.20 10.83
C THR A 25 1.99 1.61 11.19
N LEU A 26 3.19 1.98 10.75
CA LEU A 26 3.73 3.31 11.02
C LEU A 26 3.35 4.29 9.91
N TRP A 27 2.70 3.76 8.87
CA TRP A 27 2.28 4.60 7.74
C TRP A 27 1.23 5.61 8.19
N THR A 28 1.44 6.87 7.80
CA THR A 28 0.51 7.94 8.16
C THR A 28 -0.69 7.95 7.23
N GLN A 29 -1.59 8.92 7.44
CA GLN A 29 -2.78 9.04 6.61
C GLN A 29 -2.41 9.31 5.16
N GLU A 30 -1.18 9.74 4.93
CA GLU A 30 -0.70 10.02 3.58
C GLU A 30 0.03 8.83 2.98
N HIS A 31 0.89 8.21 3.80
CA HIS A 31 1.65 7.04 3.36
C HIS A 31 0.73 5.98 2.76
N VAL A 32 -0.31 5.62 3.51
CA VAL A 32 -1.26 4.62 3.06
C VAL A 32 -1.77 4.93 1.65
N ARG A 33 -1.84 6.22 1.33
CA ARG A 33 -2.31 6.65 0.03
C ARG A 33 -1.20 6.53 -1.01
N GLN A 34 0.01 6.96 -0.65
CA GLN A 34 1.15 6.89 -1.54
C GLN A 34 1.45 5.45 -1.94
N TRP A 35 1.61 4.59 -0.95
CA TRP A 35 1.90 3.18 -1.21
C TRP A 35 0.83 2.55 -2.10
N LEU A 36 -0.40 3.02 -1.95
CA LEU A 36 -1.51 2.50 -2.74
C LEU A 36 -1.31 2.79 -4.22
N GLU A 37 -1.21 4.08 -4.56
CA GLU A 37 -1.00 4.49 -5.94
C GLU A 37 0.25 3.85 -6.52
N TRP A 38 1.18 3.50 -5.66
CA TRP A 38 2.43 2.87 -6.08
C TRP A 38 2.19 1.44 -6.57
N ALA A 39 1.70 0.59 -5.66
CA ALA A 39 1.42 -0.80 -6.01
C ALA A 39 0.56 -0.91 -7.25
N ILE A 40 -0.27 0.11 -7.47
CA ILE A 40 -1.16 0.13 -8.63
C ILE A 40 -0.36 0.36 -9.92
N LYS A 41 0.51 1.36 -9.89
CA LYS A 41 1.33 1.67 -11.06
C LYS A 41 2.45 0.65 -11.24
N GLU A 42 2.76 -0.08 -10.16
CA GLU A 42 3.80 -1.10 -10.21
C GLU A 42 3.24 -2.43 -10.70
N TYR A 43 2.20 -2.90 -10.02
CA TYR A 43 1.57 -4.17 -10.39
C TYR A 43 0.48 -3.96 -11.44
N SER A 44 0.40 -2.74 -11.96
CA SER A 44 -0.61 -2.41 -12.97
C SER A 44 -2.00 -2.81 -12.50
N LEU A 45 -2.35 -2.38 -11.29
CA LEU A 45 -3.67 -2.69 -10.73
C LEU A 45 -4.73 -1.75 -11.28
N MET A 46 -5.97 -2.25 -11.36
CA MET A 46 -7.08 -1.45 -11.87
C MET A 46 -8.36 -1.76 -11.11
N GLU A 47 -9.38 -0.93 -11.30
CA GLU A 47 -10.66 -1.12 -10.63
C GLU A 47 -10.50 -0.98 -9.12
N ILE A 48 -9.48 -0.24 -8.69
CA ILE A 48 -9.23 -0.03 -7.28
C ILE A 48 -9.73 1.34 -6.82
N ASP A 49 -10.37 1.37 -5.66
CA ASP A 49 -10.90 2.61 -5.12
C ASP A 49 -9.93 3.21 -4.10
N THR A 50 -8.99 4.02 -4.61
CA THR A 50 -8.00 4.66 -3.75
C THR A 50 -8.66 5.60 -2.74
N SER A 51 -9.86 6.06 -3.08
CA SER A 51 -10.60 6.97 -2.21
C SER A 51 -10.92 6.30 -0.88
N PHE A 52 -11.21 5.01 -0.93
CA PHE A 52 -11.54 4.25 0.27
C PHE A 52 -10.44 4.40 1.33
N PHE A 53 -9.22 4.64 0.86
CA PHE A 53 -8.08 4.81 1.77
C PHE A 53 -7.59 6.25 1.78
N GLN A 54 -8.50 7.18 1.45
CA GLN A 54 -8.16 8.59 1.42
C GLN A 54 -7.83 9.11 2.82
N ASN A 55 -8.32 8.40 3.83
CA ASN A 55 -8.08 8.79 5.22
C ASN A 55 -7.90 7.56 6.10
N MET A 56 -7.30 6.51 5.53
CA MET A 56 -7.07 5.27 6.27
C MET A 56 -5.62 5.21 6.78
N ASP A 57 -5.45 5.51 8.06
CA ASP A 57 -4.11 5.48 8.66
C ASP A 57 -3.49 4.09 8.55
N GLY A 58 -2.17 4.04 8.47
CA GLY A 58 -1.48 2.78 8.37
C GLY A 58 -2.05 1.72 9.30
N LYS A 59 -2.37 2.13 10.52
CA LYS A 59 -2.93 1.22 11.50
C LYS A 59 -4.22 0.58 11.00
N GLU A 60 -5.11 1.41 10.48
CA GLU A 60 -6.39 0.94 9.95
C GLU A 60 -6.19 0.20 8.63
N LEU A 61 -4.99 0.30 8.08
CA LEU A 61 -4.67 -0.35 6.81
C LEU A 61 -4.16 -1.77 7.05
N CYS A 62 -3.51 -1.98 8.19
CA CYS A 62 -2.97 -3.29 8.54
C CYS A 62 -4.05 -4.16 9.18
N LYS A 63 -5.12 -3.52 9.65
CA LYS A 63 -6.21 -4.24 10.29
C LYS A 63 -7.23 -4.72 9.26
N MET A 64 -7.29 -4.02 8.13
CA MET A 64 -8.22 -4.38 7.05
C MET A 64 -8.01 -5.83 6.62
N ASN A 65 -9.10 -6.49 6.25
CA ASN A 65 -9.04 -7.89 5.82
C ASN A 65 -9.45 -8.01 4.36
N LYS A 66 -9.42 -9.24 3.84
CA LYS A 66 -9.78 -9.50 2.46
C LYS A 66 -11.14 -8.89 2.13
N GLU A 67 -12.08 -9.02 3.06
CA GLU A 67 -13.43 -8.49 2.86
C GLU A 67 -13.40 -6.95 2.79
N ASP A 68 -12.91 -6.33 3.86
CA ASP A 68 -12.83 -4.88 3.92
C ASP A 68 -12.08 -4.33 2.71
N PHE A 69 -11.13 -5.10 2.21
CA PHE A 69 -10.34 -4.69 1.06
C PHE A 69 -11.11 -4.93 -0.24
N LEU A 70 -11.95 -5.96 -0.24
CA LEU A 70 -12.75 -6.30 -1.41
C LEU A 70 -13.82 -5.24 -1.67
N ARG A 71 -14.13 -4.47 -0.64
CA ARG A 71 -15.14 -3.42 -0.75
C ARG A 71 -14.54 -2.14 -1.33
N ALA A 72 -13.27 -2.21 -1.68
CA ALA A 72 -12.56 -1.06 -2.24
C ALA A 72 -11.79 -1.45 -3.49
N THR A 73 -11.17 -2.63 -3.46
CA THR A 73 -10.40 -3.11 -4.59
C THR A 73 -10.88 -4.49 -5.04
N THR A 74 -10.61 -4.83 -6.29
CA THR A 74 -11.00 -6.12 -6.84
C THR A 74 -10.32 -7.27 -6.10
N LEU A 75 -10.84 -8.48 -6.28
CA LEU A 75 -10.28 -9.66 -5.64
C LEU A 75 -8.80 -9.81 -5.98
N TYR A 76 -8.49 -9.78 -7.26
CA TYR A 76 -7.11 -9.92 -7.73
C TYR A 76 -6.18 -8.97 -6.97
N ASN A 77 -6.56 -7.69 -6.94
CA ASN A 77 -5.76 -6.69 -6.24
C ASN A 77 -5.74 -6.95 -4.74
N THR A 78 -6.85 -7.46 -4.22
CA THR A 78 -6.96 -7.75 -2.80
C THR A 78 -5.93 -8.80 -2.37
N GLU A 79 -5.59 -9.69 -3.29
CA GLU A 79 -4.61 -10.74 -3.01
C GLU A 79 -3.19 -10.18 -3.02
N VAL A 80 -2.93 -9.21 -3.91
CA VAL A 80 -1.62 -8.59 -4.02
C VAL A 80 -1.33 -7.72 -2.81
N LEU A 81 -2.23 -6.78 -2.53
CA LEU A 81 -2.07 -5.88 -1.39
C LEU A 81 -1.86 -6.66 -0.10
N LEU A 82 -2.80 -7.55 0.20
CA LEU A 82 -2.73 -8.36 1.41
C LEU A 82 -1.39 -9.11 1.49
N SER A 83 -1.01 -9.73 0.37
CA SER A 83 0.25 -10.48 0.31
C SER A 83 1.44 -9.56 0.56
N HIS A 84 1.43 -8.39 -0.08
CA HIS A 84 2.51 -7.42 0.08
C HIS A 84 2.60 -6.94 1.53
N LEU A 85 1.51 -6.37 2.03
CA LEU A 85 1.47 -5.87 3.40
C LEU A 85 1.82 -6.97 4.39
N SER A 86 1.54 -8.22 4.01
CA SER A 86 1.82 -9.36 4.87
C SER A 86 3.29 -9.38 5.29
N TYR A 87 4.17 -9.15 4.32
CA TYR A 87 5.61 -9.15 4.59
C TYR A 87 6.02 -7.89 5.34
N LEU A 88 5.68 -6.73 4.78
CA LEU A 88 6.01 -5.45 5.39
C LEU A 88 5.55 -5.41 6.85
N ARG A 89 4.44 -6.07 7.13
CA ARG A 89 3.89 -6.11 8.48
C ARG A 89 4.80 -6.92 9.40
N GLU A 90 5.36 -8.00 8.88
CA GLU A 90 6.24 -8.86 9.66
C GLU A 90 7.70 -8.48 9.43
N SER A 91 7.97 -7.18 9.32
CA SER A 91 9.32 -6.70 9.09
C SER A 91 9.47 -5.26 9.60
N SER A 92 10.39 -5.07 10.53
CA SER A 92 10.63 -3.76 11.10
C SER A 92 12.12 -3.43 11.11
N SER A 93 12.76 -3.54 9.94
CA SER A 93 14.18 -3.26 9.81
C SER A 93 14.99 -4.15 10.74
N GLY A 94 14.44 -5.32 11.07
CA GLY A 94 15.13 -6.24 11.96
C GLY A 94 15.59 -7.49 11.24
N PRO A 95 16.24 -8.40 12.00
CA PRO A 95 16.74 -9.66 11.44
C PRO A 95 15.61 -10.62 11.06
N SER A 96 15.96 -11.66 10.31
CA SER A 96 14.98 -12.65 9.87
C SER A 96 14.89 -13.79 10.87
N SER A 97 13.66 -14.27 11.08
CA SER A 97 13.43 -15.37 12.02
C SER A 97 14.06 -16.66 11.51
N GLY A 98 13.85 -17.75 12.24
CA GLY A 98 14.40 -19.03 11.86
C GLY A 98 15.90 -19.00 11.71
N GLY A 1 -5.10 -0.39 -21.22
CA GLY A 1 -4.60 -0.92 -22.46
C GLY A 1 -4.03 0.16 -23.37
N SER A 2 -3.55 -0.24 -24.54
CA SER A 2 -2.98 0.69 -25.50
C SER A 2 -4.07 1.58 -26.11
N SER A 3 -5.00 0.95 -26.82
CA SER A 3 -6.09 1.68 -27.46
C SER A 3 -6.95 2.39 -26.42
N GLY A 4 -7.67 3.42 -26.86
CA GLY A 4 -8.52 4.16 -25.95
C GLY A 4 -7.73 5.05 -25.01
N SER A 5 -8.15 6.31 -24.89
CA SER A 5 -7.48 7.27 -24.03
C SER A 5 -7.65 6.89 -22.57
N SER A 6 -6.54 6.92 -21.82
CA SER A 6 -6.57 6.58 -20.41
C SER A 6 -6.27 7.79 -19.54
N GLY A 7 -5.02 8.26 -19.61
CA GLY A 7 -4.63 9.42 -18.82
C GLY A 7 -3.32 9.19 -18.08
N PRO A 8 -2.94 10.18 -17.24
CA PRO A 8 -1.70 10.10 -16.45
C PRO A 8 -1.78 9.06 -15.35
N PRO A 9 -0.62 8.75 -14.75
CA PRO A 9 -0.54 7.76 -13.67
C PRO A 9 -1.18 8.25 -12.39
N ASN A 10 -1.21 7.39 -11.37
CA ASN A 10 -1.80 7.73 -10.08
C ASN A 10 -0.77 8.41 -9.18
N MET A 11 0.23 7.65 -8.76
CA MET A 11 1.27 8.18 -7.89
C MET A 11 2.24 9.07 -8.68
N THR A 12 2.50 10.27 -8.16
CA THR A 12 3.39 11.20 -8.81
C THR A 12 4.84 10.71 -8.76
N THR A 13 5.36 10.33 -9.92
CA THR A 13 6.73 9.84 -10.01
C THR A 13 7.17 9.72 -11.47
N ASN A 14 7.94 10.71 -11.94
CA ASN A 14 8.43 10.70 -13.30
C ASN A 14 9.46 9.60 -13.52
N GLU A 15 10.19 9.27 -12.46
CA GLU A 15 11.21 8.22 -12.53
C GLU A 15 11.84 7.99 -11.15
N ARG A 16 11.04 8.15 -10.11
CA ARG A 16 11.52 7.95 -8.75
C ARG A 16 10.80 6.78 -8.08
N ARG A 17 11.00 6.64 -6.77
CA ARG A 17 10.38 5.56 -6.02
C ARG A 17 9.57 6.11 -4.85
N VAL A 18 9.08 5.21 -3.99
CA VAL A 18 8.30 5.62 -2.83
C VAL A 18 9.17 5.72 -1.59
N ILE A 19 8.76 6.57 -0.66
CA ILE A 19 9.50 6.76 0.58
C ILE A 19 8.64 6.44 1.80
N VAL A 20 8.64 5.17 2.19
CA VAL A 20 7.86 4.72 3.34
C VAL A 20 8.66 3.77 4.22
N PRO A 21 8.30 3.71 5.51
CA PRO A 21 8.98 2.84 6.48
C PRO A 21 8.71 1.37 6.22
N ALA A 22 9.43 0.50 6.94
CA ALA A 22 9.26 -0.93 6.80
C ALA A 22 7.83 -1.36 7.12
N ASP A 23 7.52 -1.42 8.42
CA ASP A 23 6.18 -1.81 8.86
C ASP A 23 5.13 -0.82 8.35
N PRO A 24 3.97 -1.36 7.93
CA PRO A 24 2.87 -0.54 7.42
C PRO A 24 2.20 0.28 8.51
N THR A 25 2.23 -0.23 9.73
CA THR A 25 1.62 0.46 10.87
C THR A 25 2.25 1.83 11.07
N LEU A 26 3.45 2.02 10.52
CA LEU A 26 4.15 3.30 10.63
C LEU A 26 3.76 4.25 9.51
N TRP A 27 2.77 3.83 8.72
CA TRP A 27 2.31 4.65 7.60
C TRP A 27 1.26 5.66 8.07
N THR A 28 1.47 6.93 7.75
CA THR A 28 0.55 7.98 8.14
C THR A 28 -0.67 8.01 7.21
N GLN A 29 -1.54 9.00 7.41
CA GLN A 29 -2.73 9.14 6.60
C GLN A 29 -2.38 9.41 5.14
N GLU A 30 -1.13 9.81 4.91
CA GLU A 30 -0.66 10.09 3.55
C GLU A 30 0.06 8.87 2.97
N HIS A 31 0.92 8.25 3.76
CA HIS A 31 1.67 7.08 3.32
C HIS A 31 0.74 6.03 2.74
N VAL A 32 -0.29 5.67 3.50
CA VAL A 32 -1.26 4.67 3.07
C VAL A 32 -1.78 4.99 1.66
N ARG A 33 -1.84 6.27 1.33
CA ARG A 33 -2.32 6.71 0.03
C ARG A 33 -1.22 6.56 -1.02
N GLN A 34 -0.01 6.96 -0.68
CA GLN A 34 1.12 6.87 -1.59
C GLN A 34 1.41 5.42 -1.95
N TRP A 35 1.57 4.59 -0.93
CA TRP A 35 1.86 3.17 -1.14
C TRP A 35 0.82 2.53 -2.04
N LEU A 36 -0.43 2.96 -1.89
CA LEU A 36 -1.53 2.43 -2.70
C LEU A 36 -1.31 2.73 -4.18
N GLU A 37 -1.24 4.02 -4.50
CA GLU A 37 -1.04 4.43 -5.89
C GLU A 37 0.22 3.78 -6.47
N TRP A 38 1.16 3.45 -5.60
CA TRP A 38 2.41 2.83 -6.03
C TRP A 38 2.18 1.40 -6.49
N ALA A 39 1.65 0.57 -5.59
CA ALA A 39 1.39 -0.83 -5.91
C ALA A 39 0.51 -0.95 -7.15
N ILE A 40 -0.31 0.08 -7.39
CA ILE A 40 -1.20 0.09 -8.55
C ILE A 40 -0.42 0.30 -9.84
N LYS A 41 0.28 1.43 -9.93
CA LYS A 41 1.07 1.75 -11.10
C LYS A 41 2.26 0.81 -11.24
N GLU A 42 2.54 0.05 -10.18
CA GLU A 42 3.65 -0.88 -10.19
C GLU A 42 3.18 -2.28 -10.60
N TYR A 43 2.13 -2.75 -9.96
CA TYR A 43 1.59 -4.08 -10.27
C TYR A 43 0.50 -3.99 -11.34
N SER A 44 0.41 -2.82 -11.99
CA SER A 44 -0.59 -2.61 -13.03
C SER A 44 -1.98 -2.99 -12.54
N LEU A 45 -2.37 -2.41 -11.41
CA LEU A 45 -3.69 -2.68 -10.83
C LEU A 45 -4.73 -1.72 -11.38
N MET A 46 -5.97 -2.19 -11.47
CA MET A 46 -7.06 -1.37 -11.98
C MET A 46 -8.35 -1.67 -11.23
N GLU A 47 -9.35 -0.79 -11.40
CA GLU A 47 -10.64 -0.96 -10.73
C GLU A 47 -10.48 -0.88 -9.22
N ILE A 48 -9.47 -0.14 -8.77
CA ILE A 48 -9.21 0.00 -7.34
C ILE A 48 -9.74 1.34 -6.82
N ASP A 49 -10.39 1.30 -5.67
CA ASP A 49 -10.93 2.51 -5.07
C ASP A 49 -9.96 3.10 -4.05
N THR A 50 -9.12 4.02 -4.51
CA THR A 50 -8.14 4.67 -3.65
C THR A 50 -8.82 5.54 -2.59
N SER A 51 -9.98 6.07 -2.94
CA SER A 51 -10.74 6.93 -2.03
C SER A 51 -10.99 6.21 -0.70
N PHE A 52 -11.16 4.89 -0.77
CA PHE A 52 -11.42 4.09 0.41
C PHE A 52 -10.28 4.24 1.42
N PHE A 53 -9.11 4.61 0.94
CA PHE A 53 -7.95 4.79 1.80
C PHE A 53 -7.48 6.24 1.78
N GLN A 54 -8.38 7.15 1.41
CA GLN A 54 -8.05 8.57 1.36
C GLN A 54 -7.65 9.10 2.73
N ASN A 55 -8.22 8.49 3.77
CA ASN A 55 -7.93 8.90 5.14
C ASN A 55 -7.74 7.68 6.04
N MET A 56 -7.28 6.59 5.46
CA MET A 56 -7.06 5.36 6.21
C MET A 56 -5.63 5.28 6.72
N ASP A 57 -5.43 5.59 8.00
CA ASP A 57 -4.11 5.55 8.61
C ASP A 57 -3.52 4.15 8.52
N GLY A 58 -2.18 4.08 8.46
CA GLY A 58 -1.51 2.80 8.37
C GLY A 58 -2.07 1.79 9.34
N LYS A 59 -2.49 2.25 10.51
CA LYS A 59 -3.05 1.38 11.54
C LYS A 59 -4.35 0.74 11.06
N GLU A 60 -5.21 1.56 10.46
CA GLU A 60 -6.50 1.09 9.96
C GLU A 60 -6.33 0.34 8.65
N LEU A 61 -5.13 0.45 8.06
CA LEU A 61 -4.84 -0.21 6.79
C LEU A 61 -4.29 -1.62 7.04
N CYS A 62 -3.53 -1.78 8.11
CA CYS A 62 -2.96 -3.07 8.46
C CYS A 62 -3.99 -3.96 9.13
N LYS A 63 -5.08 -3.36 9.59
CA LYS A 63 -6.13 -4.10 10.26
C LYS A 63 -7.17 -4.61 9.26
N MET A 64 -7.27 -3.91 8.12
CA MET A 64 -8.22 -4.29 7.09
C MET A 64 -8.07 -5.76 6.73
N ASN A 65 -9.17 -6.37 6.27
CA ASN A 65 -9.16 -7.77 5.89
C ASN A 65 -9.54 -7.94 4.42
N LYS A 66 -9.52 -9.18 3.95
CA LYS A 66 -9.86 -9.48 2.57
C LYS A 66 -11.21 -8.86 2.19
N GLU A 67 -12.17 -8.93 3.11
CA GLU A 67 -13.49 -8.37 2.88
C GLU A 67 -13.43 -6.85 2.75
N ASP A 68 -12.93 -6.19 3.79
CA ASP A 68 -12.82 -4.74 3.79
C ASP A 68 -12.04 -4.25 2.57
N PHE A 69 -11.09 -5.07 2.12
CA PHE A 69 -10.28 -4.73 0.96
C PHE A 69 -11.04 -4.97 -0.34
N LEU A 70 -11.84 -6.03 -0.35
CA LEU A 70 -12.64 -6.37 -1.54
C LEU A 70 -13.75 -5.34 -1.77
N ARG A 71 -14.07 -4.58 -0.73
CA ARG A 71 -15.11 -3.56 -0.82
C ARG A 71 -14.55 -2.27 -1.42
N ALA A 72 -13.27 -2.30 -1.78
CA ALA A 72 -12.62 -1.13 -2.37
C ALA A 72 -11.84 -1.52 -3.62
N THR A 73 -11.18 -2.67 -3.57
CA THR A 73 -10.39 -3.15 -4.69
C THR A 73 -10.84 -4.53 -5.14
N THR A 74 -10.57 -4.87 -6.39
CA THR A 74 -10.96 -6.16 -6.95
C THR A 74 -10.26 -7.30 -6.20
N LEU A 75 -10.76 -8.51 -6.41
CA LEU A 75 -10.18 -9.70 -5.75
C LEU A 75 -8.71 -9.84 -6.10
N TYR A 76 -8.41 -9.79 -7.39
CA TYR A 76 -7.03 -9.92 -7.86
C TYR A 76 -6.10 -8.99 -7.09
N ASN A 77 -6.47 -7.71 -7.03
CA ASN A 77 -5.67 -6.73 -6.31
C ASN A 77 -5.66 -7.00 -4.81
N THR A 78 -6.79 -7.48 -4.31
CA THR A 78 -6.92 -7.79 -2.89
C THR A 78 -5.87 -8.80 -2.44
N GLU A 79 -5.52 -9.71 -3.35
CA GLU A 79 -4.52 -10.74 -3.06
C GLU A 79 -3.12 -10.15 -3.03
N VAL A 80 -2.85 -9.23 -3.96
CA VAL A 80 -1.55 -8.58 -4.05
C VAL A 80 -1.28 -7.73 -2.82
N LEU A 81 -2.15 -6.77 -2.57
CA LEU A 81 -2.01 -5.88 -1.41
C LEU A 81 -1.81 -6.68 -0.13
N LEU A 82 -2.76 -7.58 0.15
CA LEU A 82 -2.69 -8.40 1.36
C LEU A 82 -1.34 -9.13 1.44
N SER A 83 -0.95 -9.75 0.33
CA SER A 83 0.32 -10.48 0.28
C SER A 83 1.50 -9.55 0.58
N HIS A 84 1.49 -8.39 -0.06
CA HIS A 84 2.57 -7.41 0.14
C HIS A 84 2.65 -6.99 1.60
N LEU A 85 1.55 -6.45 2.13
CA LEU A 85 1.50 -6.00 3.51
C LEU A 85 1.84 -7.14 4.46
N SER A 86 1.57 -8.38 4.03
CA SER A 86 1.85 -9.54 4.85
C SER A 86 3.31 -9.58 5.28
N TYR A 87 4.21 -9.29 4.35
CA TYR A 87 5.64 -9.28 4.64
C TYR A 87 6.02 -8.04 5.44
N LEU A 88 5.68 -6.87 4.92
CA LEU A 88 5.99 -5.61 5.58
C LEU A 88 5.51 -5.62 7.03
N ARG A 89 4.40 -6.32 7.27
CA ARG A 89 3.84 -6.41 8.61
C ARG A 89 4.69 -7.31 9.50
N GLU A 90 5.24 -8.37 8.90
CA GLU A 90 6.07 -9.31 9.63
C GLU A 90 7.55 -8.97 9.47
N SER A 91 7.85 -7.67 9.35
CA SER A 91 9.22 -7.21 9.19
C SER A 91 9.57 -6.14 10.22
N SER A 92 10.78 -5.61 10.13
CA SER A 92 11.23 -4.58 11.06
C SER A 92 11.24 -5.11 12.49
N SER A 93 11.83 -4.32 13.39
CA SER A 93 11.92 -4.71 14.79
C SER A 93 10.96 -3.88 15.64
N GLY A 94 10.79 -2.61 15.27
CA GLY A 94 9.91 -1.74 16.01
C GLY A 94 10.39 -1.47 17.42
N PRO A 95 9.70 -0.56 18.12
CA PRO A 95 10.05 -0.20 19.50
C PRO A 95 9.77 -1.33 20.49
N SER A 96 8.70 -2.07 20.25
CA SER A 96 8.32 -3.17 21.13
C SER A 96 8.73 -4.51 20.51
N SER A 97 8.35 -5.60 21.18
CA SER A 97 8.68 -6.94 20.69
C SER A 97 7.79 -7.98 21.36
N GLY A 98 6.75 -8.41 20.67
CA GLY A 98 5.84 -9.40 21.20
C GLY A 98 4.77 -9.81 20.22
N GLY A 1 -8.41 0.13 -23.28
CA GLY A 1 -9.53 1.02 -23.55
C GLY A 1 -9.20 2.47 -23.26
N SER A 2 -9.64 2.95 -22.10
CA SER A 2 -9.39 4.34 -21.71
C SER A 2 -7.97 4.51 -21.18
N SER A 3 -7.35 5.63 -21.54
CA SER A 3 -5.99 5.91 -21.10
C SER A 3 -5.95 6.30 -19.63
N GLY A 4 -6.99 7.00 -19.18
CA GLY A 4 -7.05 7.41 -17.79
C GLY A 4 -5.94 8.38 -17.43
N SER A 5 -6.08 9.63 -17.86
CA SER A 5 -5.09 10.65 -17.57
C SER A 5 -5.75 12.01 -17.33
N SER A 6 -5.21 12.76 -16.38
CA SER A 6 -5.75 14.08 -16.05
C SER A 6 -4.76 15.18 -16.42
N GLY A 7 -3.47 14.90 -16.25
CA GLY A 7 -2.45 15.88 -16.57
C GLY A 7 -1.20 15.71 -15.73
N PRO A 8 -1.28 16.13 -14.45
CA PRO A 8 -0.16 16.03 -13.51
C PRO A 8 0.15 14.59 -13.13
N PRO A 9 1.32 14.39 -12.48
CA PRO A 9 1.76 13.06 -12.05
C PRO A 9 0.91 12.52 -10.90
N ASN A 10 0.48 11.26 -11.03
CA ASN A 10 -0.35 10.63 -10.01
C ASN A 10 0.36 10.66 -8.66
N MET A 11 1.41 9.84 -8.52
CA MET A 11 2.16 9.78 -7.27
C MET A 11 3.36 10.73 -7.32
N THR A 12 3.68 11.33 -6.17
CA THR A 12 4.80 12.26 -6.08
C THR A 12 6.12 11.52 -5.92
N THR A 13 7.09 11.87 -6.76
CA THR A 13 8.40 11.23 -6.72
C THR A 13 9.36 11.89 -7.71
N ASN A 14 10.63 11.54 -7.60
CA ASN A 14 11.66 12.10 -8.49
C ASN A 14 12.12 11.04 -9.50
N GLU A 15 12.75 9.98 -8.99
CA GLU A 15 13.25 8.92 -9.85
C GLU A 15 12.28 7.73 -9.86
N ARG A 16 10.99 8.03 -9.79
CA ARG A 16 9.96 7.00 -9.79
C ARG A 16 10.19 6.00 -8.66
N ARG A 17 9.65 6.31 -7.48
CA ARG A 17 9.80 5.44 -6.32
C ARG A 17 8.91 5.92 -5.17
N VAL A 18 9.05 5.28 -4.02
CA VAL A 18 8.26 5.63 -2.85
C VAL A 18 9.14 5.73 -1.61
N ILE A 19 8.73 6.58 -0.67
CA ILE A 19 9.48 6.78 0.56
C ILE A 19 8.63 6.44 1.78
N VAL A 20 8.62 5.18 2.17
CA VAL A 20 7.84 4.72 3.32
C VAL A 20 8.66 3.77 4.20
N PRO A 21 8.30 3.71 5.48
CA PRO A 21 8.99 2.85 6.46
C PRO A 21 8.72 1.37 6.20
N ALA A 22 9.42 0.51 6.94
CA ALA A 22 9.26 -0.93 6.80
C ALA A 22 7.83 -1.36 7.12
N ASP A 23 7.52 -1.40 8.41
CA ASP A 23 6.18 -1.79 8.86
C ASP A 23 5.13 -0.82 8.35
N PRO A 24 3.97 -1.36 7.92
CA PRO A 24 2.87 -0.54 7.41
C PRO A 24 2.20 0.29 8.50
N THR A 25 2.23 -0.23 9.73
CA THR A 25 1.62 0.46 10.86
C THR A 25 2.25 1.83 11.07
N LEU A 26 3.45 2.02 10.51
CA LEU A 26 4.15 3.30 10.63
C LEU A 26 3.77 4.24 9.50
N TRP A 27 2.78 3.84 8.71
CA TRP A 27 2.32 4.66 7.60
C TRP A 27 1.26 5.67 8.06
N THR A 28 1.49 6.93 7.75
CA THR A 28 0.57 8.00 8.13
C THR A 28 -0.64 8.03 7.21
N GLN A 29 -1.51 9.02 7.43
CA GLN A 29 -2.72 9.16 6.61
C GLN A 29 -2.36 9.42 5.15
N GLU A 30 -1.11 9.82 4.91
CA GLU A 30 -0.66 10.09 3.55
C GLU A 30 0.07 8.88 2.97
N HIS A 31 0.92 8.26 3.76
CA HIS A 31 1.67 7.09 3.32
C HIS A 31 0.73 6.04 2.74
N VAL A 32 -0.29 5.69 3.50
CA VAL A 32 -1.26 4.69 3.07
C VAL A 32 -1.78 5.00 1.67
N ARG A 33 -1.85 6.29 1.35
CA ARG A 33 -2.33 6.72 0.04
C ARG A 33 -1.23 6.57 -1.02
N GLN A 34 -0.02 6.98 -0.67
CA GLN A 34 1.11 6.88 -1.59
C GLN A 34 1.41 5.43 -1.95
N TRP A 35 1.56 4.59 -0.93
CA TRP A 35 1.84 3.18 -1.14
C TRP A 35 0.80 2.54 -2.04
N LEU A 36 -0.45 2.98 -1.90
CA LEU A 36 -1.55 2.45 -2.70
C LEU A 36 -1.33 2.75 -4.18
N GLU A 37 -1.26 4.04 -4.51
CA GLU A 37 -1.06 4.45 -5.89
C GLU A 37 0.20 3.81 -6.49
N TRP A 38 1.14 3.47 -5.62
CA TRP A 38 2.39 2.84 -6.04
C TRP A 38 2.14 1.42 -6.53
N ALA A 39 1.66 0.56 -5.62
CA ALA A 39 1.39 -0.83 -5.96
C ALA A 39 0.51 -0.93 -7.21
N ILE A 40 -0.34 0.08 -7.40
CA ILE A 40 -1.23 0.10 -8.56
C ILE A 40 -0.46 0.34 -9.85
N LYS A 41 0.39 1.35 -9.85
CA LYS A 41 1.20 1.69 -11.03
C LYS A 41 2.39 0.74 -11.15
N GLU A 42 2.56 -0.11 -10.14
CA GLU A 42 3.67 -1.07 -10.14
C GLU A 42 3.19 -2.45 -10.61
N TYR A 43 2.14 -2.95 -9.97
CA TYR A 43 1.60 -4.26 -10.31
C TYR A 43 0.49 -4.13 -11.36
N SER A 44 0.40 -2.95 -11.98
CA SER A 44 -0.61 -2.70 -13.00
C SER A 44 -2.00 -3.08 -12.48
N LEU A 45 -2.42 -2.42 -11.41
CA LEU A 45 -3.73 -2.68 -10.82
C LEU A 45 -4.77 -1.71 -11.38
N MET A 46 -6.02 -2.18 -11.45
CA MET A 46 -7.11 -1.34 -11.95
C MET A 46 -8.41 -1.64 -11.19
N GLU A 47 -9.40 -0.77 -11.36
CA GLU A 47 -10.68 -0.93 -10.70
C GLU A 47 -10.52 -0.86 -9.18
N ILE A 48 -9.50 -0.14 -8.74
CA ILE A 48 -9.24 0.01 -7.31
C ILE A 48 -9.76 1.34 -6.79
N ASP A 49 -10.40 1.31 -5.63
CA ASP A 49 -10.95 2.52 -5.02
C ASP A 49 -9.97 3.12 -4.02
N THR A 50 -9.15 4.06 -4.49
CA THR A 50 -8.16 4.71 -3.63
C THR A 50 -8.84 5.57 -2.57
N SER A 51 -10.02 6.09 -2.90
CA SER A 51 -10.76 6.94 -1.98
C SER A 51 -11.01 6.21 -0.65
N PHE A 52 -11.18 4.89 -0.73
CA PHE A 52 -11.42 4.09 0.45
C PHE A 52 -10.29 4.24 1.45
N PHE A 53 -9.11 4.62 0.97
CA PHE A 53 -7.95 4.79 1.83
C PHE A 53 -7.48 6.25 1.81
N GLN A 54 -8.39 7.16 1.45
CA GLN A 54 -8.06 8.58 1.40
C GLN A 54 -7.65 9.10 2.77
N ASN A 55 -8.22 8.50 3.81
CA ASN A 55 -7.90 8.91 5.17
C ASN A 55 -7.73 7.70 6.07
N MET A 56 -7.27 6.59 5.49
CA MET A 56 -7.06 5.35 6.24
C MET A 56 -5.63 5.28 6.74
N ASP A 57 -5.43 5.60 8.01
CA ASP A 57 -4.10 5.55 8.62
C ASP A 57 -3.50 4.15 8.53
N GLY A 58 -2.18 4.07 8.47
CA GLY A 58 -1.50 2.79 8.38
C GLY A 58 -2.08 1.77 9.34
N LYS A 59 -2.49 2.24 10.51
CA LYS A 59 -3.07 1.36 11.53
C LYS A 59 -4.37 0.74 11.04
N GLU A 60 -5.24 1.57 10.46
CA GLU A 60 -6.52 1.09 9.95
C GLU A 60 -6.34 0.35 8.63
N LEU A 61 -5.15 0.45 8.06
CA LEU A 61 -4.84 -0.21 6.79
C LEU A 61 -4.29 -1.62 7.04
N CYS A 62 -3.53 -1.77 8.10
CA CYS A 62 -2.95 -3.07 8.45
C CYS A 62 -3.98 -3.96 9.13
N LYS A 63 -5.07 -3.36 9.58
CA LYS A 63 -6.14 -4.09 10.26
C LYS A 63 -7.16 -4.60 9.26
N MET A 64 -7.27 -3.91 8.12
CA MET A 64 -8.22 -4.29 7.08
C MET A 64 -8.06 -5.76 6.71
N ASN A 65 -9.14 -6.37 6.24
CA ASN A 65 -9.13 -7.78 5.86
C ASN A 65 -9.52 -7.95 4.39
N LYS A 66 -9.50 -9.19 3.92
CA LYS A 66 -9.86 -9.48 2.54
C LYS A 66 -11.20 -8.86 2.18
N GLU A 67 -12.14 -8.92 3.11
CA GLU A 67 -13.48 -8.36 2.90
C GLU A 67 -13.41 -6.84 2.75
N ASP A 68 -12.95 -6.18 3.80
CA ASP A 68 -12.84 -4.73 3.80
C ASP A 68 -12.05 -4.25 2.59
N PHE A 69 -11.12 -5.07 2.13
CA PHE A 69 -10.30 -4.73 0.97
C PHE A 69 -11.05 -4.97 -0.33
N LEU A 70 -11.85 -6.03 -0.34
CA LEU A 70 -12.64 -6.38 -1.53
C LEU A 70 -13.75 -5.36 -1.76
N ARG A 71 -14.07 -4.59 -0.73
CA ARG A 71 -15.12 -3.58 -0.81
C ARG A 71 -14.57 -2.29 -1.42
N ALA A 72 -13.29 -2.31 -1.78
CA ALA A 72 -12.64 -1.14 -2.37
C ALA A 72 -11.85 -1.52 -3.61
N THR A 73 -11.19 -2.67 -3.56
CA THR A 73 -10.39 -3.15 -4.68
C THR A 73 -10.85 -4.53 -5.13
N THR A 74 -10.57 -4.86 -6.39
CA THR A 74 -10.95 -6.16 -6.95
C THR A 74 -10.26 -7.30 -6.20
N LEU A 75 -10.74 -8.51 -6.42
CA LEU A 75 -10.18 -9.69 -5.77
C LEU A 75 -8.70 -9.83 -6.11
N TYR A 76 -8.39 -9.78 -7.40
CA TYR A 76 -7.01 -9.91 -7.86
C TYR A 76 -6.08 -8.98 -7.09
N ASN A 77 -6.46 -7.71 -7.04
CA ASN A 77 -5.67 -6.70 -6.33
C ASN A 77 -5.66 -6.99 -4.83
N THR A 78 -6.78 -7.48 -4.31
CA THR A 78 -6.90 -7.79 -2.89
C THR A 78 -5.84 -8.79 -2.46
N GLU A 79 -5.50 -9.72 -3.36
CA GLU A 79 -4.51 -10.74 -3.07
C GLU A 79 -3.11 -10.15 -3.05
N VAL A 80 -2.84 -9.22 -3.97
CA VAL A 80 -1.55 -8.57 -4.06
C VAL A 80 -1.27 -7.72 -2.83
N LEU A 81 -2.16 -6.76 -2.57
CA LEU A 81 -2.01 -5.88 -1.41
C LEU A 81 -1.81 -6.69 -0.13
N LEU A 82 -2.76 -7.58 0.15
CA LEU A 82 -2.68 -8.41 1.34
C LEU A 82 -1.34 -9.13 1.43
N SER A 83 -0.94 -9.76 0.32
CA SER A 83 0.32 -10.48 0.27
C SER A 83 1.50 -9.55 0.57
N HIS A 84 1.50 -8.39 -0.06
CA HIS A 84 2.56 -7.41 0.13
C HIS A 84 2.65 -6.99 1.59
N LEU A 85 1.54 -6.44 2.12
CA LEU A 85 1.50 -6.00 3.50
C LEU A 85 1.83 -7.14 4.45
N SER A 86 1.57 -8.38 4.02
CA SER A 86 1.85 -9.55 4.83
C SER A 86 3.32 -9.57 5.27
N TYR A 87 4.21 -9.29 4.34
CA TYR A 87 5.63 -9.27 4.63
C TYR A 87 6.02 -8.03 5.43
N LEU A 88 5.68 -6.87 4.91
CA LEU A 88 5.98 -5.60 5.57
C LEU A 88 5.51 -5.62 7.02
N ARG A 89 4.39 -6.31 7.26
CA ARG A 89 3.83 -6.40 8.60
C ARG A 89 4.69 -7.31 9.49
N GLU A 90 5.25 -8.36 8.89
CA GLU A 90 6.09 -9.29 9.63
C GLU A 90 7.56 -9.03 9.34
N SER A 91 7.92 -7.76 9.19
CA SER A 91 9.30 -7.38 8.91
C SER A 91 9.78 -6.31 9.90
N SER A 92 9.17 -6.30 11.08
CA SER A 92 9.53 -5.33 12.11
C SER A 92 9.00 -5.76 13.48
N SER A 93 9.83 -5.62 14.50
CA SER A 93 9.45 -6.00 15.86
C SER A 93 9.04 -7.46 15.92
N GLY A 94 8.66 -7.92 17.10
CA GLY A 94 8.25 -9.30 17.28
C GLY A 94 6.74 -9.47 17.26
N PRO A 95 6.28 -10.73 17.32
CA PRO A 95 4.85 -11.05 17.31
C PRO A 95 4.16 -10.63 18.60
N SER A 96 4.87 -10.74 19.72
CA SER A 96 4.32 -10.39 21.02
C SER A 96 3.93 -8.91 21.05
N SER A 97 4.72 -8.08 20.37
CA SER A 97 4.45 -6.65 20.33
C SER A 97 4.35 -6.07 21.74
N GLY A 98 5.31 -6.43 22.59
CA GLY A 98 5.32 -5.94 23.96
C GLY A 98 4.33 -6.68 24.84
N GLY A 1 -12.66 1.37 -24.05
CA GLY A 1 -13.93 1.93 -23.63
C GLY A 1 -14.08 1.95 -22.12
N SER A 2 -14.23 0.77 -21.53
CA SER A 2 -14.39 0.66 -20.08
C SER A 2 -13.14 0.06 -19.45
N SER A 3 -12.85 -1.18 -19.79
CA SER A 3 -11.69 -1.88 -19.25
C SER A 3 -10.53 -1.88 -20.25
N GLY A 4 -10.38 -0.76 -20.97
CA GLY A 4 -9.32 -0.65 -21.95
C GLY A 4 -8.23 0.31 -21.51
N SER A 5 -8.53 1.60 -21.54
CA SER A 5 -7.56 2.62 -21.14
C SER A 5 -8.24 3.96 -20.93
N SER A 6 -8.53 4.27 -19.67
CA SER A 6 -9.18 5.53 -19.32
C SER A 6 -8.18 6.56 -18.83
N GLY A 7 -7.13 6.08 -18.16
CA GLY A 7 -6.11 6.97 -17.64
C GLY A 7 -6.23 7.19 -16.16
N PRO A 8 -5.91 6.16 -15.37
CA PRO A 8 -5.98 6.23 -13.91
C PRO A 8 -4.90 7.13 -13.32
N PRO A 9 -5.04 7.45 -12.02
CA PRO A 9 -4.08 8.31 -11.30
C PRO A 9 -2.74 7.62 -11.09
N ASN A 10 -1.67 8.33 -11.43
CA ASN A 10 -0.32 7.79 -11.28
C ASN A 10 0.30 8.26 -9.96
N MET A 11 1.24 7.47 -9.44
CA MET A 11 1.91 7.79 -8.19
C MET A 11 3.13 8.67 -8.45
N THR A 12 3.31 9.69 -7.61
CA THR A 12 4.45 10.60 -7.76
C THR A 12 5.19 10.75 -6.43
N THR A 13 6.41 10.21 -6.38
CA THR A 13 7.22 10.28 -5.17
C THR A 13 8.20 11.46 -5.24
N ASN A 14 8.20 12.16 -6.37
CA ASN A 14 9.08 13.30 -6.57
C ASN A 14 10.54 12.87 -6.52
N GLU A 15 10.84 11.72 -7.12
CA GLU A 15 12.20 11.20 -7.15
C GLU A 15 12.31 10.02 -8.11
N ARG A 16 11.80 8.87 -7.68
CA ARG A 16 11.84 7.66 -8.50
C ARG A 16 11.19 6.49 -7.78
N ARG A 17 11.37 6.43 -6.47
CA ARG A 17 10.79 5.36 -5.66
C ARG A 17 10.06 5.92 -4.46
N VAL A 18 9.08 5.18 -3.97
CA VAL A 18 8.29 5.60 -2.82
C VAL A 18 9.16 5.70 -1.57
N ILE A 19 8.76 6.57 -0.65
CA ILE A 19 9.51 6.76 0.59
C ILE A 19 8.64 6.44 1.80
N VAL A 20 8.64 5.16 2.20
CA VAL A 20 7.86 4.73 3.35
C VAL A 20 8.67 3.78 4.23
N PRO A 21 8.30 3.71 5.51
CA PRO A 21 8.97 2.85 6.49
C PRO A 21 8.69 1.37 6.23
N ALA A 22 9.43 0.51 6.93
CA ALA A 22 9.27 -0.94 6.78
C ALA A 22 7.84 -1.36 7.10
N ASP A 23 7.53 -1.41 8.40
CA ASP A 23 6.20 -1.81 8.85
C ASP A 23 5.15 -0.82 8.34
N PRO A 24 3.99 -1.36 7.92
CA PRO A 24 2.88 -0.55 7.40
C PRO A 24 2.21 0.27 8.49
N THR A 25 2.23 -0.24 9.72
CA THR A 25 1.62 0.44 10.85
C THR A 25 2.25 1.82 11.06
N LEU A 26 3.45 2.01 10.51
CA LEU A 26 4.15 3.28 10.64
C LEU A 26 3.77 4.23 9.51
N TRP A 27 2.77 3.83 8.73
CA TRP A 27 2.31 4.65 7.61
C TRP A 27 1.26 5.66 8.09
N THR A 28 1.48 6.93 7.77
CA THR A 28 0.55 7.99 8.16
C THR A 28 -0.66 8.02 7.24
N GLN A 29 -1.53 9.01 7.45
CA GLN A 29 -2.73 9.16 6.63
C GLN A 29 -2.37 9.41 5.18
N GLU A 30 -1.12 9.81 4.94
CA GLU A 30 -0.65 10.11 3.58
C GLU A 30 0.06 8.90 2.99
N HIS A 31 0.93 8.27 3.79
CA HIS A 31 1.67 7.10 3.34
C HIS A 31 0.75 6.05 2.76
N VAL A 32 -0.29 5.69 3.52
CA VAL A 32 -1.25 4.69 3.08
C VAL A 32 -1.77 5.01 1.68
N ARG A 33 -1.84 6.30 1.36
CA ARG A 33 -2.31 6.74 0.05
C ARG A 33 -1.22 6.59 -1.00
N GLN A 34 -0.01 7.00 -0.64
CA GLN A 34 1.13 6.92 -1.56
C GLN A 34 1.42 5.46 -1.93
N TRP A 35 1.57 4.62 -0.92
CA TRP A 35 1.86 3.21 -1.14
C TRP A 35 0.81 2.57 -2.04
N LEU A 36 -0.44 2.99 -1.88
CA LEU A 36 -1.53 2.46 -2.69
C LEU A 36 -1.33 2.78 -4.16
N GLU A 37 -1.28 4.07 -4.49
CA GLU A 37 -1.09 4.50 -5.87
C GLU A 37 0.16 3.86 -6.46
N TRP A 38 1.13 3.54 -5.61
CA TRP A 38 2.37 2.90 -6.05
C TRP A 38 2.12 1.49 -6.53
N ALA A 39 1.65 0.63 -5.62
CA ALA A 39 1.38 -0.76 -5.94
C ALA A 39 0.48 -0.87 -7.17
N ILE A 40 -0.36 0.14 -7.38
CA ILE A 40 -1.27 0.16 -8.52
C ILE A 40 -0.50 0.36 -9.82
N LYS A 41 0.40 1.34 -9.82
CA LYS A 41 1.19 1.64 -11.00
C LYS A 41 2.29 0.61 -11.20
N GLU A 42 2.64 -0.09 -10.12
CA GLU A 42 3.68 -1.11 -10.18
C GLU A 42 3.09 -2.45 -10.64
N TYR A 43 2.06 -2.90 -9.96
CA TYR A 43 1.41 -4.16 -10.30
C TYR A 43 0.31 -3.95 -11.34
N SER A 44 0.24 -2.74 -11.88
CA SER A 44 -0.77 -2.41 -12.88
C SER A 44 -2.16 -2.79 -12.40
N LEU A 45 -2.47 -2.43 -11.16
CA LEU A 45 -3.77 -2.74 -10.57
C LEU A 45 -4.85 -1.83 -11.17
N MET A 46 -6.01 -2.42 -11.43
CA MET A 46 -7.14 -1.67 -12.00
C MET A 46 -8.41 -1.93 -11.21
N GLU A 47 -9.39 -1.04 -11.37
CA GLU A 47 -10.67 -1.18 -10.67
C GLU A 47 -10.48 -1.09 -9.17
N ILE A 48 -9.56 -0.22 -8.74
CA ILE A 48 -9.28 -0.03 -7.32
C ILE A 48 -9.79 1.31 -6.84
N ASP A 49 -10.42 1.30 -5.66
CA ASP A 49 -10.96 2.53 -5.07
C ASP A 49 -9.97 3.14 -4.08
N THR A 50 -9.12 4.03 -4.56
CA THR A 50 -8.14 4.68 -3.71
C THR A 50 -8.80 5.55 -2.65
N SER A 51 -9.99 6.06 -2.97
CA SER A 51 -10.72 6.92 -2.05
C SER A 51 -10.98 6.20 -0.73
N PHE A 52 -11.16 4.88 -0.81
CA PHE A 52 -11.42 4.06 0.38
C PHE A 52 -10.29 4.21 1.39
N PHE A 53 -9.11 4.60 0.90
CA PHE A 53 -7.95 4.78 1.76
C PHE A 53 -7.48 6.23 1.75
N GLN A 54 -8.38 7.13 1.39
CA GLN A 54 -8.06 8.55 1.34
C GLN A 54 -7.68 9.07 2.72
N ASN A 55 -8.26 8.47 3.76
CA ASN A 55 -7.99 8.87 5.13
C ASN A 55 -7.82 7.66 6.03
N MET A 56 -7.28 6.59 5.47
CA MET A 56 -7.06 5.36 6.22
C MET A 56 -5.63 5.28 6.73
N ASP A 57 -5.43 5.59 8.01
CA ASP A 57 -4.11 5.55 8.62
C ASP A 57 -3.51 4.14 8.53
N GLY A 58 -2.18 4.08 8.47
CA GLY A 58 -1.51 2.80 8.38
C GLY A 58 -2.08 1.78 9.33
N LYS A 59 -2.51 2.24 10.51
CA LYS A 59 -3.08 1.34 11.52
C LYS A 59 -4.38 0.73 11.02
N GLU A 60 -5.24 1.55 10.44
CA GLU A 60 -6.52 1.09 9.92
C GLU A 60 -6.34 0.35 8.61
N LEU A 61 -5.14 0.45 8.04
CA LEU A 61 -4.83 -0.22 6.77
C LEU A 61 -4.29 -1.61 7.02
N CYS A 62 -3.53 -1.78 8.08
CA CYS A 62 -2.94 -3.07 8.43
C CYS A 62 -3.98 -3.97 9.10
N LYS A 63 -5.07 -3.37 9.56
CA LYS A 63 -6.14 -4.11 10.23
C LYS A 63 -7.16 -4.61 9.22
N MET A 64 -7.27 -3.91 8.09
CA MET A 64 -8.22 -4.29 7.05
C MET A 64 -8.05 -5.75 6.67
N ASN A 65 -9.14 -6.39 6.27
CA ASN A 65 -9.12 -7.79 5.87
C ASN A 65 -9.52 -7.96 4.41
N LYS A 66 -9.48 -9.20 3.93
CA LYS A 66 -9.84 -9.49 2.55
C LYS A 66 -11.19 -8.89 2.20
N GLU A 67 -12.13 -8.94 3.14
CA GLU A 67 -13.46 -8.39 2.92
C GLU A 67 -13.42 -6.87 2.80
N ASP A 68 -12.92 -6.21 3.84
CA ASP A 68 -12.82 -4.76 3.85
C ASP A 68 -12.04 -4.26 2.65
N PHE A 69 -11.14 -5.10 2.15
CA PHE A 69 -10.31 -4.74 0.99
C PHE A 69 -11.08 -4.97 -0.30
N LEU A 70 -11.88 -6.03 -0.33
CA LEU A 70 -12.67 -6.37 -1.52
C LEU A 70 -13.77 -5.34 -1.74
N ARG A 71 -14.09 -4.57 -0.70
CA ARG A 71 -15.13 -3.56 -0.78
C ARG A 71 -14.57 -2.27 -1.38
N ALA A 72 -13.30 -2.30 -1.76
CA ALA A 72 -12.66 -1.13 -2.35
C ALA A 72 -11.86 -1.51 -3.59
N THR A 73 -11.20 -2.65 -3.52
CA THR A 73 -10.39 -3.14 -4.65
C THR A 73 -10.85 -4.52 -5.10
N THR A 74 -10.56 -4.85 -6.36
CA THR A 74 -10.94 -6.14 -6.90
C THR A 74 -10.25 -7.28 -6.17
N LEU A 75 -10.74 -8.50 -6.38
CA LEU A 75 -10.18 -9.68 -5.73
C LEU A 75 -8.69 -9.82 -6.07
N TYR A 76 -8.39 -9.80 -7.37
CA TYR A 76 -7.02 -9.94 -7.83
C TYR A 76 -6.09 -8.98 -7.08
N ASN A 77 -6.47 -7.70 -7.05
CA ASN A 77 -5.68 -6.69 -6.36
C ASN A 77 -5.63 -6.95 -4.86
N THR A 78 -6.75 -7.43 -4.32
CA THR A 78 -6.84 -7.73 -2.90
C THR A 78 -5.76 -8.72 -2.47
N GLU A 79 -5.52 -9.72 -3.32
CA GLU A 79 -4.51 -10.73 -3.04
C GLU A 79 -3.11 -10.13 -3.03
N VAL A 80 -2.86 -9.21 -3.96
CA VAL A 80 -1.56 -8.55 -4.05
C VAL A 80 -1.28 -7.72 -2.82
N LEU A 81 -2.16 -6.76 -2.53
CA LEU A 81 -2.01 -5.88 -1.38
C LEU A 81 -1.82 -6.70 -0.11
N LEU A 82 -2.77 -7.58 0.17
CA LEU A 82 -2.70 -8.42 1.36
C LEU A 82 -1.37 -9.15 1.44
N SER A 83 -0.97 -9.76 0.34
CA SER A 83 0.29 -10.49 0.28
C SER A 83 1.47 -9.57 0.58
N HIS A 84 1.48 -8.41 -0.07
CA HIS A 84 2.55 -7.44 0.13
C HIS A 84 2.64 -7.01 1.58
N LEU A 85 1.54 -6.47 2.11
CA LEU A 85 1.50 -6.02 3.49
C LEU A 85 1.84 -7.15 4.45
N SER A 86 1.57 -8.39 4.02
CA SER A 86 1.84 -9.56 4.84
C SER A 86 3.31 -9.57 5.27
N TYR A 87 4.21 -9.30 4.34
CA TYR A 87 5.64 -9.29 4.63
C TYR A 87 6.02 -8.06 5.43
N LEU A 88 5.67 -6.89 4.90
CA LEU A 88 5.99 -5.62 5.57
C LEU A 88 5.50 -5.64 7.02
N ARG A 89 4.40 -6.33 7.26
CA ARG A 89 3.83 -6.43 8.60
C ARG A 89 4.68 -7.33 9.49
N GLU A 90 5.23 -8.39 8.89
CA GLU A 90 6.06 -9.33 9.62
C GLU A 90 7.54 -9.09 9.33
N SER A 91 7.89 -7.84 9.05
CA SER A 91 9.27 -7.48 8.74
C SER A 91 9.92 -6.76 9.92
N SER A 92 9.15 -5.90 10.57
CA SER A 92 9.65 -5.15 11.72
C SER A 92 8.80 -5.41 12.96
N SER A 93 8.38 -6.66 13.13
CA SER A 93 7.55 -7.03 14.26
C SER A 93 7.41 -8.56 14.35
N GLY A 94 6.92 -9.04 15.49
CA GLY A 94 6.74 -10.46 15.67
C GLY A 94 6.20 -10.81 17.05
N PRO A 95 6.06 -12.11 17.32
CA PRO A 95 5.55 -12.60 18.61
C PRO A 95 6.52 -12.37 19.75
N SER A 96 6.07 -11.64 20.77
CA SER A 96 6.91 -11.35 21.93
C SER A 96 6.92 -12.51 22.91
N SER A 97 8.00 -12.61 23.68
CA SER A 97 8.14 -13.69 24.66
C SER A 97 7.98 -15.06 24.00
N GLY A 98 8.59 -15.21 22.82
CA GLY A 98 8.50 -16.47 22.10
C GLY A 98 8.73 -16.30 20.61
N GLY A 1 8.61 7.48 -27.66
CA GLY A 1 7.61 7.55 -26.61
C GLY A 1 7.02 6.20 -26.28
N SER A 2 5.71 6.16 -26.06
CA SER A 2 5.03 4.92 -25.72
C SER A 2 3.92 4.62 -26.73
N SER A 3 3.52 3.36 -26.80
CA SER A 3 2.46 2.95 -27.73
C SER A 3 1.11 2.89 -27.02
N GLY A 4 1.14 2.54 -25.73
CA GLY A 4 -0.09 2.46 -24.96
C GLY A 4 -0.70 3.82 -24.71
N SER A 5 -1.61 3.88 -23.73
CA SER A 5 -2.28 5.13 -23.40
C SER A 5 -2.82 5.08 -21.97
N SER A 6 -2.04 5.58 -21.02
CA SER A 6 -2.44 5.59 -19.62
C SER A 6 -2.42 7.00 -19.06
N GLY A 7 -3.38 7.31 -18.19
CA GLY A 7 -3.44 8.63 -17.58
C GLY A 7 -2.13 9.05 -16.96
N PRO A 8 -2.04 10.33 -16.58
CA PRO A 8 -0.83 10.89 -15.96
C PRO A 8 -0.61 10.36 -14.56
N PRO A 9 0.60 10.61 -14.01
CA PRO A 9 0.96 10.17 -12.66
C PRO A 9 0.21 10.92 -11.58
N ASN A 10 -0.14 10.21 -10.50
CA ASN A 10 -0.86 10.82 -9.39
C ASN A 10 0.00 10.89 -8.14
N MET A 11 0.92 9.93 -8.00
CA MET A 11 1.82 9.89 -6.86
C MET A 11 2.98 10.85 -7.04
N THR A 12 3.32 11.58 -5.99
CA THR A 12 4.42 12.53 -6.02
C THR A 12 5.77 11.83 -5.90
N THR A 13 6.52 11.82 -7.00
CA THR A 13 7.84 11.19 -7.01
C THR A 13 8.95 12.22 -6.92
N ASN A 14 9.43 12.46 -5.71
CA ASN A 14 10.50 13.44 -5.49
C ASN A 14 11.78 13.00 -6.20
N GLU A 15 11.93 11.70 -6.40
CA GLU A 15 13.10 11.14 -7.06
C GLU A 15 12.71 10.18 -8.17
N ARG A 16 12.26 8.99 -7.78
CA ARG A 16 11.85 7.97 -8.73
C ARG A 16 11.36 6.71 -8.02
N ARG A 17 10.70 6.90 -6.88
CA ARG A 17 10.19 5.79 -6.10
C ARG A 17 9.37 6.28 -4.92
N VAL A 18 9.01 5.37 -4.03
CA VAL A 18 8.23 5.71 -2.85
C VAL A 18 9.11 5.81 -1.61
N ILE A 19 8.70 6.64 -0.66
CA ILE A 19 9.44 6.82 0.58
C ILE A 19 8.58 6.49 1.80
N VAL A 20 8.58 5.22 2.18
CA VAL A 20 7.80 4.77 3.33
C VAL A 20 8.62 3.83 4.21
N PRO A 21 8.26 3.77 5.50
CA PRO A 21 8.95 2.91 6.47
C PRO A 21 8.68 1.42 6.23
N ALA A 22 9.40 0.57 6.95
CA ALA A 22 9.24 -0.87 6.81
C ALA A 22 7.82 -1.30 7.13
N ASP A 23 7.50 -1.34 8.42
CA ASP A 23 6.16 -1.73 8.86
C ASP A 23 5.11 -0.76 8.34
N PRO A 24 3.95 -1.30 7.95
CA PRO A 24 2.84 -0.50 7.42
C PRO A 24 2.18 0.35 8.51
N THR A 25 2.20 -0.15 9.74
CA THR A 25 1.61 0.57 10.86
C THR A 25 2.25 1.94 11.04
N LEU A 26 3.45 2.10 10.49
CA LEU A 26 4.17 3.37 10.59
C LEU A 26 3.76 4.31 9.47
N TRP A 27 2.77 3.90 8.68
CA TRP A 27 2.28 4.71 7.57
C TRP A 27 1.23 5.71 8.05
N THR A 28 1.45 6.99 7.74
CA THR A 28 0.51 8.04 8.14
C THR A 28 -0.71 8.06 7.23
N GLN A 29 -1.57 9.06 7.43
CA GLN A 29 -2.77 9.19 6.62
C GLN A 29 -2.42 9.44 5.16
N GLU A 30 -1.18 9.85 4.92
CA GLU A 30 -0.72 10.13 3.56
C GLU A 30 0.00 8.92 2.97
N HIS A 31 0.87 8.31 3.77
CA HIS A 31 1.63 7.14 3.33
C HIS A 31 0.69 6.08 2.74
N VAL A 32 -0.33 5.72 3.51
CA VAL A 32 -1.29 4.71 3.07
C VAL A 32 -1.81 5.03 1.66
N ARG A 33 -1.89 6.32 1.35
CA ARG A 33 -2.37 6.75 0.04
C ARG A 33 -1.27 6.64 -1.01
N GLN A 34 -0.05 7.00 -0.63
CA GLN A 34 1.09 6.95 -1.54
C GLN A 34 1.39 5.51 -1.93
N TRP A 35 1.55 4.64 -0.93
CA TRP A 35 1.85 3.24 -1.17
C TRP A 35 0.80 2.60 -2.08
N LEU A 36 -0.45 3.01 -1.91
CA LEU A 36 -1.54 2.49 -2.72
C LEU A 36 -1.33 2.82 -4.20
N GLU A 37 -1.27 4.11 -4.51
CA GLU A 37 -1.07 4.56 -5.88
C GLU A 37 0.17 3.91 -6.49
N TRP A 38 1.12 3.56 -5.64
CA TRP A 38 2.36 2.94 -6.09
C TRP A 38 2.11 1.50 -6.54
N ALA A 39 1.65 0.67 -5.62
CA ALA A 39 1.35 -0.73 -5.93
C ALA A 39 0.47 -0.85 -7.16
N ILE A 40 -0.36 0.16 -7.39
CA ILE A 40 -1.27 0.17 -8.53
C ILE A 40 -0.50 0.38 -9.84
N LYS A 41 0.38 1.37 -9.85
CA LYS A 41 1.17 1.67 -11.03
C LYS A 41 2.27 0.62 -11.22
N GLU A 42 2.63 -0.06 -10.14
CA GLU A 42 3.67 -1.07 -10.19
C GLU A 42 3.09 -2.41 -10.64
N TYR A 43 2.04 -2.86 -9.95
CA TYR A 43 1.40 -4.13 -10.27
C TYR A 43 0.30 -3.92 -11.31
N SER A 44 0.23 -2.72 -11.87
CA SER A 44 -0.77 -2.40 -12.87
C SER A 44 -2.16 -2.78 -12.39
N LEU A 45 -2.46 -2.44 -11.13
CA LEU A 45 -3.77 -2.74 -10.55
C LEU A 45 -4.85 -1.86 -11.15
N MET A 46 -6.00 -2.45 -11.42
CA MET A 46 -7.12 -1.71 -12.00
C MET A 46 -8.41 -1.98 -11.22
N GLU A 47 -9.39 -1.09 -11.37
CA GLU A 47 -10.66 -1.22 -10.68
C GLU A 47 -10.46 -1.13 -9.16
N ILE A 48 -9.56 -0.25 -8.75
CA ILE A 48 -9.28 -0.06 -7.32
C ILE A 48 -9.80 1.29 -6.84
N ASP A 49 -10.43 1.28 -5.67
CA ASP A 49 -10.97 2.51 -5.10
C ASP A 49 -9.99 3.13 -4.10
N THR A 50 -9.12 4.00 -4.60
CA THR A 50 -8.12 4.65 -3.76
C THR A 50 -8.79 5.56 -2.73
N SER A 51 -9.98 6.05 -3.06
CA SER A 51 -10.72 6.93 -2.17
C SER A 51 -11.03 6.23 -0.84
N PHE A 52 -11.10 4.90 -0.89
CA PHE A 52 -11.39 4.11 0.30
C PHE A 52 -10.27 4.24 1.32
N PHE A 53 -9.08 4.57 0.85
CA PHE A 53 -7.92 4.72 1.72
C PHE A 53 -7.44 6.17 1.74
N GLN A 54 -8.33 7.09 1.39
CA GLN A 54 -7.99 8.52 1.37
C GLN A 54 -7.68 9.01 2.77
N ASN A 55 -8.33 8.42 3.76
CA ASN A 55 -8.12 8.82 5.15
C ASN A 55 -7.93 7.60 6.05
N MET A 56 -7.33 6.55 5.49
CA MET A 56 -7.10 5.31 6.24
C MET A 56 -5.66 5.25 6.74
N ASP A 57 -5.46 5.58 8.01
CA ASP A 57 -4.13 5.55 8.61
C ASP A 57 -3.52 4.16 8.52
N GLY A 58 -2.20 4.10 8.45
CA GLY A 58 -1.52 2.82 8.37
C GLY A 58 -2.08 1.80 9.33
N LYS A 59 -2.48 2.26 10.51
CA LYS A 59 -3.04 1.38 11.53
C LYS A 59 -4.33 0.74 11.04
N GLU A 60 -5.22 1.55 10.47
CA GLU A 60 -6.50 1.07 9.97
C GLU A 60 -6.31 0.32 8.64
N LEU A 61 -5.11 0.43 8.07
CA LEU A 61 -4.81 -0.24 6.81
C LEU A 61 -4.24 -1.63 7.05
N CYS A 62 -3.45 -1.77 8.11
CA CYS A 62 -2.86 -3.05 8.46
C CYS A 62 -3.87 -3.96 9.14
N LYS A 63 -4.97 -3.37 9.60
CA LYS A 63 -6.02 -4.13 10.27
C LYS A 63 -7.05 -4.64 9.26
N MET A 64 -7.18 -3.93 8.15
CA MET A 64 -8.13 -4.32 7.11
C MET A 64 -7.93 -5.78 6.71
N ASN A 65 -9.00 -6.42 6.28
CA ASN A 65 -8.95 -7.82 5.87
C ASN A 65 -9.38 -7.97 4.41
N LYS A 66 -9.31 -9.21 3.91
CA LYS A 66 -9.69 -9.49 2.53
C LYS A 66 -11.08 -8.93 2.21
N GLU A 67 -11.96 -8.97 3.21
CA GLU A 67 -13.32 -8.47 3.04
C GLU A 67 -13.32 -6.95 2.89
N ASP A 68 -12.82 -6.26 3.91
CA ASP A 68 -12.76 -4.81 3.90
C ASP A 68 -12.00 -4.30 2.68
N PHE A 69 -11.07 -5.12 2.19
CA PHE A 69 -10.26 -4.76 1.02
C PHE A 69 -11.04 -4.99 -0.26
N LEU A 70 -11.85 -6.05 -0.28
CA LEU A 70 -12.65 -6.37 -1.47
C LEU A 70 -13.75 -5.34 -1.67
N ARG A 71 -14.06 -4.59 -0.63
CA ARG A 71 -15.10 -3.56 -0.69
C ARG A 71 -14.55 -2.27 -1.29
N ALA A 72 -13.27 -2.29 -1.68
CA ALA A 72 -12.63 -1.13 -2.26
C ALA A 72 -11.85 -1.50 -3.51
N THR A 73 -11.19 -2.65 -3.47
CA THR A 73 -10.40 -3.12 -4.60
C THR A 73 -10.85 -4.50 -5.06
N THR A 74 -10.59 -4.82 -6.31
CA THR A 74 -10.96 -6.12 -6.87
C THR A 74 -10.27 -7.26 -6.14
N LEU A 75 -10.76 -8.48 -6.35
CA LEU A 75 -10.18 -9.66 -5.71
C LEU A 75 -8.71 -9.80 -6.07
N TYR A 76 -8.41 -9.76 -7.37
CA TYR A 76 -7.04 -9.88 -7.85
C TYR A 76 -6.11 -8.94 -7.08
N ASN A 77 -6.48 -7.67 -7.04
CA ASN A 77 -5.68 -6.67 -6.34
C ASN A 77 -5.64 -6.95 -4.84
N THR A 78 -6.76 -7.43 -4.30
CA THR A 78 -6.86 -7.74 -2.89
C THR A 78 -5.79 -8.74 -2.47
N GLU A 79 -5.50 -9.69 -3.35
CA GLU A 79 -4.49 -10.71 -3.07
C GLU A 79 -3.10 -10.11 -3.06
N VAL A 80 -2.85 -9.18 -3.98
CA VAL A 80 -1.54 -8.53 -4.07
C VAL A 80 -1.26 -7.70 -2.82
N LEU A 81 -2.13 -6.73 -2.55
CA LEU A 81 -1.97 -5.86 -1.39
C LEU A 81 -1.77 -6.68 -0.12
N LEU A 82 -2.71 -7.58 0.15
CA LEU A 82 -2.63 -8.43 1.33
C LEU A 82 -1.30 -9.18 1.39
N SER A 83 -0.91 -9.77 0.27
CA SER A 83 0.34 -10.51 0.19
C SER A 83 1.53 -9.61 0.49
N HIS A 84 1.51 -8.41 -0.09
CA HIS A 84 2.59 -7.45 0.13
C HIS A 84 2.65 -7.00 1.58
N LEU A 85 1.56 -6.41 2.06
CA LEU A 85 1.48 -5.95 3.44
C LEU A 85 1.78 -7.07 4.42
N SER A 86 1.40 -8.29 4.04
CA SER A 86 1.62 -9.45 4.89
C SER A 86 3.08 -9.55 5.32
N TYR A 87 3.99 -9.39 4.35
CA TYR A 87 5.42 -9.45 4.62
C TYR A 87 5.86 -8.26 5.47
N LEU A 88 5.54 -7.06 5.01
CA LEU A 88 5.90 -5.85 5.73
C LEU A 88 5.39 -5.88 7.16
N ARG A 89 4.32 -6.64 7.38
CA ARG A 89 3.73 -6.76 8.71
C ARG A 89 4.52 -7.73 9.57
N GLU A 90 5.17 -8.70 8.93
CA GLU A 90 5.95 -9.69 9.64
C GLU A 90 7.44 -9.37 9.54
N SER A 91 7.75 -8.09 9.38
CA SER A 91 9.13 -7.64 9.27
C SER A 91 9.24 -6.13 9.50
N SER A 92 10.19 -5.72 10.32
CA SER A 92 10.40 -4.32 10.63
C SER A 92 11.84 -4.06 11.05
N SER A 93 12.20 -4.55 12.23
CA SER A 93 13.55 -4.36 12.75
C SER A 93 14.45 -5.53 12.37
N GLY A 94 15.51 -5.24 11.62
CA GLY A 94 16.42 -6.28 11.20
C GLY A 94 17.67 -6.34 12.07
N PRO A 95 18.57 -7.28 11.75
CA PRO A 95 19.82 -7.46 12.49
C PRO A 95 20.79 -6.31 12.29
N SER A 96 21.88 -6.33 13.05
CA SER A 96 22.90 -5.27 12.95
C SER A 96 23.55 -5.28 11.57
N SER A 97 23.76 -6.47 11.03
CA SER A 97 24.39 -6.61 9.72
C SER A 97 25.78 -5.99 9.71
N GLY A 98 26.66 -6.52 10.54
CA GLY A 98 28.02 -5.99 10.60
C GLY A 98 28.95 -6.91 11.38
N GLY A 1 20.81 2.55 19.04
CA GLY A 1 21.48 2.78 17.78
C GLY A 1 21.00 4.04 17.08
N SER A 2 21.20 4.10 15.77
CA SER A 2 20.79 5.27 14.99
C SER A 2 20.01 4.84 13.75
N SER A 3 19.24 5.76 13.20
CA SER A 3 18.43 5.48 12.02
C SER A 3 18.85 6.37 10.85
N GLY A 4 18.21 6.16 9.70
CA GLY A 4 18.53 6.96 8.53
C GLY A 4 17.90 8.34 8.58
N SER A 5 18.56 9.32 7.95
CA SER A 5 18.07 10.68 7.93
C SER A 5 17.86 11.16 6.50
N SER A 6 18.93 11.18 5.72
CA SER A 6 18.87 11.62 4.33
C SER A 6 19.63 10.67 3.42
N GLY A 7 19.04 10.33 2.29
CA GLY A 7 19.68 9.42 1.35
C GLY A 7 18.83 9.14 0.13
N PRO A 8 19.34 8.29 -0.76
CA PRO A 8 18.63 7.91 -1.99
C PRO A 8 17.41 7.04 -1.71
N PRO A 9 16.56 6.87 -2.74
CA PRO A 9 15.34 6.06 -2.63
C PRO A 9 15.64 4.57 -2.49
N ASN A 10 15.18 3.98 -1.40
CA ASN A 10 15.40 2.56 -1.14
C ASN A 10 14.66 1.71 -2.16
N MET A 11 13.51 2.21 -2.61
CA MET A 11 12.69 1.49 -3.58
C MET A 11 13.17 1.77 -5.00
N THR A 12 13.48 0.70 -5.73
CA THR A 12 13.96 0.83 -7.11
C THR A 12 12.79 0.85 -8.10
N THR A 13 12.83 1.80 -9.03
CA THR A 13 11.77 1.93 -10.02
C THR A 13 12.19 2.87 -11.15
N ASN A 14 11.43 2.85 -12.24
CA ASN A 14 11.73 3.71 -13.39
C ASN A 14 11.56 5.18 -13.02
N GLU A 15 10.35 5.55 -12.62
CA GLU A 15 10.05 6.92 -12.25
C GLU A 15 8.97 6.97 -11.16
N ARG A 16 8.92 8.09 -10.44
CA ARG A 16 7.94 8.27 -9.38
C ARG A 16 8.10 7.19 -8.31
N ARG A 17 8.81 7.53 -7.24
CA ARG A 17 9.03 6.59 -6.14
C ARG A 17 8.37 7.08 -4.86
N VAL A 18 8.10 6.15 -3.95
CA VAL A 18 7.46 6.48 -2.68
C VAL A 18 8.44 6.33 -1.52
N ILE A 19 8.34 7.24 -0.55
CA ILE A 19 9.21 7.22 0.62
C ILE A 19 8.44 6.81 1.87
N VAL A 20 8.34 5.51 2.11
CA VAL A 20 7.63 5.00 3.27
C VAL A 20 8.53 4.08 4.10
N PRO A 21 8.23 3.99 5.41
CA PRO A 21 9.00 3.15 6.33
C PRO A 21 8.78 1.66 6.08
N ALA A 22 9.47 0.83 6.84
CA ALA A 22 9.34 -0.62 6.70
C ALA A 22 7.95 -1.09 7.09
N ASP A 23 7.68 -1.14 8.39
CA ASP A 23 6.38 -1.57 8.89
C ASP A 23 5.26 -0.69 8.33
N PRO A 24 4.15 -1.32 7.92
CA PRO A 24 2.99 -0.62 7.37
C PRO A 24 2.25 0.21 8.42
N THR A 25 2.22 -0.30 9.65
CA THR A 25 1.55 0.39 10.74
C THR A 25 2.15 1.77 10.97
N LEU A 26 3.38 1.95 10.50
CA LEU A 26 4.07 3.24 10.67
C LEU A 26 3.67 4.21 9.56
N TRP A 27 2.75 3.77 8.70
CA TRP A 27 2.28 4.61 7.61
C TRP A 27 1.21 5.58 8.07
N THR A 28 1.39 6.86 7.74
CA THR A 28 0.43 7.89 8.13
C THR A 28 -0.77 7.92 7.19
N GLN A 29 -1.66 8.87 7.40
CA GLN A 29 -2.85 9.01 6.57
C GLN A 29 -2.48 9.32 5.13
N GLU A 30 -1.24 9.75 4.92
CA GLU A 30 -0.76 10.08 3.58
C GLU A 30 -0.01 8.90 2.97
N HIS A 31 0.80 8.24 3.78
CA HIS A 31 1.59 7.10 3.32
C HIS A 31 0.68 6.02 2.73
N VAL A 32 -0.34 5.64 3.49
CA VAL A 32 -1.28 4.62 3.04
C VAL A 32 -1.80 4.93 1.65
N ARG A 33 -1.91 6.21 1.33
CA ARG A 33 -2.39 6.64 0.02
C ARG A 33 -1.31 6.48 -1.04
N GLN A 34 -0.13 7.01 -0.77
CA GLN A 34 0.99 6.93 -1.71
C GLN A 34 1.31 5.47 -2.02
N TRP A 35 1.44 4.66 -0.98
CA TRP A 35 1.76 3.24 -1.15
C TRP A 35 0.75 2.57 -2.07
N LEU A 36 -0.50 3.02 -2.02
CA LEU A 36 -1.56 2.46 -2.85
C LEU A 36 -1.30 2.74 -4.32
N GLU A 37 -1.24 4.02 -4.67
CA GLU A 37 -1.00 4.43 -6.05
C GLU A 37 0.28 3.78 -6.59
N TRP A 38 1.22 3.49 -5.69
CA TRP A 38 2.48 2.87 -6.07
C TRP A 38 2.27 1.42 -6.52
N ALA A 39 1.78 0.59 -5.60
CA ALA A 39 1.53 -0.81 -5.91
C ALA A 39 0.69 -0.95 -7.17
N ILE A 40 -0.16 0.04 -7.43
CA ILE A 40 -1.02 0.01 -8.60
C ILE A 40 -0.22 0.23 -9.88
N LYS A 41 0.62 1.28 -9.88
CA LYS A 41 1.44 1.60 -11.03
C LYS A 41 2.58 0.60 -11.17
N GLU A 42 2.88 -0.13 -10.10
CA GLU A 42 3.94 -1.12 -10.10
C GLU A 42 3.43 -2.48 -10.55
N TYR A 43 2.39 -2.96 -9.88
CA TYR A 43 1.81 -4.26 -10.22
C TYR A 43 0.71 -4.11 -11.26
N SER A 44 0.60 -2.90 -11.83
CA SER A 44 -0.41 -2.63 -12.84
C SER A 44 -1.79 -3.06 -12.36
N LEU A 45 -2.30 -2.37 -11.34
CA LEU A 45 -3.62 -2.69 -10.80
C LEU A 45 -4.67 -1.74 -11.35
N MET A 46 -5.91 -2.22 -11.43
CA MET A 46 -7.01 -1.40 -11.93
C MET A 46 -8.31 -1.72 -11.19
N GLU A 47 -9.31 -0.88 -11.37
CA GLU A 47 -10.60 -1.07 -10.72
C GLU A 47 -10.45 -0.96 -9.21
N ILE A 48 -9.49 -0.16 -8.76
CA ILE A 48 -9.25 0.02 -7.34
C ILE A 48 -9.78 1.36 -6.85
N ASP A 49 -10.44 1.35 -5.70
CA ASP A 49 -10.99 2.57 -5.13
C ASP A 49 -10.05 3.18 -4.10
N THR A 50 -9.16 4.05 -4.56
CA THR A 50 -8.19 4.70 -3.69
C THR A 50 -8.89 5.59 -2.68
N SER A 51 -10.09 6.05 -3.01
CA SER A 51 -10.85 6.92 -2.14
C SER A 51 -11.14 6.22 -0.80
N PHE A 52 -11.16 4.89 -0.83
CA PHE A 52 -11.42 4.11 0.37
C PHE A 52 -10.27 4.24 1.36
N PHE A 53 -9.09 4.56 0.86
CA PHE A 53 -7.91 4.71 1.70
C PHE A 53 -7.46 6.17 1.75
N GLN A 54 -8.36 7.07 1.39
CA GLN A 54 -8.06 8.50 1.40
C GLN A 54 -7.78 8.99 2.82
N ASN A 55 -8.35 8.29 3.80
CA ASN A 55 -8.16 8.65 5.20
C ASN A 55 -7.95 7.41 6.06
N MET A 56 -7.35 6.38 5.48
CA MET A 56 -7.10 5.13 6.19
C MET A 56 -5.67 5.08 6.70
N ASP A 57 -5.48 5.39 7.99
CA ASP A 57 -4.17 5.37 8.60
C ASP A 57 -3.52 3.99 8.49
N GLY A 58 -2.20 3.95 8.44
CA GLY A 58 -1.49 2.69 8.33
C GLY A 58 -2.02 1.65 9.30
N LYS A 59 -2.45 2.11 10.48
CA LYS A 59 -2.98 1.22 11.50
C LYS A 59 -4.28 0.57 11.04
N GLU A 60 -5.16 1.38 10.44
CA GLU A 60 -6.44 0.88 9.95
C GLU A 60 -6.27 0.14 8.63
N LEU A 61 -5.09 0.27 8.03
CA LEU A 61 -4.80 -0.38 6.76
C LEU A 61 -4.23 -1.79 6.98
N CYS A 62 -3.48 -1.95 8.07
CA CYS A 62 -2.89 -3.24 8.39
C CYS A 62 -3.89 -4.14 9.09
N LYS A 63 -5.00 -3.56 9.53
CA LYS A 63 -6.05 -4.30 10.22
C LYS A 63 -7.09 -4.80 9.23
N MET A 64 -7.24 -4.08 8.12
CA MET A 64 -8.22 -4.45 7.10
C MET A 64 -8.03 -5.90 6.67
N ASN A 65 -9.13 -6.54 6.29
CA ASN A 65 -9.09 -7.95 5.87
C ASN A 65 -9.49 -8.08 4.40
N LYS A 66 -9.45 -9.30 3.89
CA LYS A 66 -9.82 -9.57 2.50
C LYS A 66 -11.19 -8.97 2.18
N GLU A 67 -12.10 -9.05 3.14
CA GLU A 67 -13.45 -8.51 2.95
C GLU A 67 -13.42 -7.00 2.81
N ASP A 68 -12.97 -6.32 3.86
CA ASP A 68 -12.88 -4.87 3.86
C ASP A 68 -12.11 -4.37 2.64
N PHE A 69 -11.17 -5.19 2.17
CA PHE A 69 -10.36 -4.83 1.01
C PHE A 69 -11.15 -5.02 -0.28
N LEU A 70 -12.00 -6.03 -0.31
CA LEU A 70 -12.81 -6.32 -1.49
C LEU A 70 -13.88 -5.25 -1.68
N ARG A 71 -14.16 -4.50 -0.63
CA ARG A 71 -15.17 -3.44 -0.68
C ARG A 71 -14.57 -2.15 -1.24
N ALA A 72 -13.30 -2.22 -1.62
CA ALA A 72 -12.61 -1.06 -2.17
C ALA A 72 -11.84 -1.41 -3.43
N THR A 73 -11.23 -2.60 -3.43
CA THR A 73 -10.46 -3.07 -4.58
C THR A 73 -10.91 -4.46 -5.01
N THR A 74 -10.65 -4.78 -6.28
CA THR A 74 -11.03 -6.08 -6.83
C THR A 74 -10.33 -7.21 -6.09
N LEU A 75 -10.88 -8.42 -6.20
CA LEU A 75 -10.29 -9.59 -5.54
C LEU A 75 -8.82 -9.73 -5.90
N TYR A 76 -8.53 -9.70 -7.19
CA TYR A 76 -7.15 -9.83 -7.67
C TYR A 76 -6.23 -8.87 -6.93
N ASN A 77 -6.58 -7.59 -6.94
CA ASN A 77 -5.78 -6.57 -6.26
C ASN A 77 -5.76 -6.81 -4.75
N THR A 78 -6.87 -7.34 -4.24
CA THR A 78 -6.98 -7.60 -2.80
C THR A 78 -5.97 -8.65 -2.36
N GLU A 79 -5.59 -9.53 -3.28
CA GLU A 79 -4.63 -10.58 -2.98
C GLU A 79 -3.20 -10.03 -3.01
N VAL A 80 -2.95 -9.07 -3.89
CA VAL A 80 -1.63 -8.46 -4.02
C VAL A 80 -1.32 -7.57 -2.81
N LEU A 81 -2.17 -6.57 -2.60
CA LEU A 81 -1.99 -5.64 -1.48
C LEU A 81 -1.81 -6.39 -0.17
N LEU A 82 -2.80 -7.21 0.18
CA LEU A 82 -2.74 -7.99 1.41
C LEU A 82 -1.45 -8.79 1.50
N SER A 83 -1.08 -9.43 0.38
CA SER A 83 0.13 -10.24 0.33
C SER A 83 1.36 -9.37 0.61
N HIS A 84 1.43 -8.21 -0.04
CA HIS A 84 2.55 -7.30 0.14
C HIS A 84 2.70 -6.89 1.60
N LEU A 85 1.63 -6.33 2.16
CA LEU A 85 1.64 -5.90 3.55
C LEU A 85 1.92 -7.07 4.49
N SER A 86 1.59 -8.28 4.03
CA SER A 86 1.81 -9.48 4.83
C SER A 86 3.27 -9.57 5.27
N TYR A 87 4.18 -9.22 4.38
CA TYR A 87 5.61 -9.27 4.68
C TYR A 87 6.04 -8.05 5.49
N LEU A 88 5.74 -6.86 4.97
CA LEU A 88 6.09 -5.62 5.64
C LEU A 88 5.57 -5.61 7.07
N ARG A 89 4.48 -6.33 7.30
CA ARG A 89 3.88 -6.40 8.63
C ARG A 89 4.75 -7.24 9.58
N GLU A 90 5.38 -8.27 9.03
CA GLU A 90 6.24 -9.14 9.82
C GLU A 90 7.72 -8.82 9.59
N SER A 91 8.00 -7.54 9.35
CA SER A 91 9.37 -7.10 9.11
C SER A 91 9.75 -5.97 10.06
N SER A 92 10.98 -5.51 9.95
CA SER A 92 11.48 -4.44 10.81
C SER A 92 11.45 -4.85 12.28
N SER A 93 12.17 -5.93 12.60
CA SER A 93 12.23 -6.43 13.96
C SER A 93 13.60 -7.04 14.26
N GLY A 94 14.63 -6.46 13.68
CA GLY A 94 15.98 -6.95 13.90
C GLY A 94 17.04 -5.93 13.50
N PRO A 95 18.31 -6.24 13.83
CA PRO A 95 19.43 -5.35 13.52
C PRO A 95 19.73 -5.30 12.02
N SER A 96 20.41 -4.24 11.61
CA SER A 96 20.75 -4.05 10.20
C SER A 96 22.21 -3.61 10.05
N SER A 97 22.51 -2.42 10.56
CA SER A 97 23.86 -1.88 10.48
C SER A 97 24.82 -2.66 11.37
N GLY A 98 26.10 -2.31 11.31
CA GLY A 98 27.10 -3.00 12.11
C GLY A 98 28.52 -2.66 11.69
N GLY A 1 8.08 3.78 -17.54
CA GLY A 1 7.12 2.87 -18.13
C GLY A 1 7.71 2.01 -19.22
N SER A 2 6.89 1.61 -20.18
CA SER A 2 7.33 0.77 -21.29
C SER A 2 6.78 1.28 -22.62
N SER A 3 5.47 1.21 -22.77
CA SER A 3 4.81 1.68 -23.99
C SER A 3 3.29 1.64 -23.83
N GLY A 4 2.64 2.70 -24.30
CA GLY A 4 1.19 2.78 -24.21
C GLY A 4 0.70 4.20 -23.98
N SER A 5 -0.57 4.33 -23.63
CA SER A 5 -1.16 5.64 -23.40
C SER A 5 -1.51 5.83 -21.92
N SER A 6 -0.50 5.78 -21.07
CA SER A 6 -0.69 5.92 -19.63
C SER A 6 0.12 7.10 -19.09
N GLY A 7 -0.43 7.79 -18.09
CA GLY A 7 0.25 8.92 -17.50
C GLY A 7 -0.38 9.38 -16.20
N PRO A 8 -0.23 8.57 -15.15
CA PRO A 8 -0.79 8.87 -13.83
C PRO A 8 -0.08 10.06 -13.16
N PRO A 9 -0.69 10.56 -12.08
CA PRO A 9 -0.14 11.70 -11.32
C PRO A 9 1.13 11.32 -10.56
N ASN A 10 1.19 10.08 -10.09
CA ASN A 10 2.35 9.61 -9.34
C ASN A 10 2.55 10.42 -8.06
N MET A 11 3.46 9.96 -7.22
CA MET A 11 3.74 10.63 -5.95
C MET A 11 5.00 11.50 -6.07
N THR A 12 5.01 12.62 -5.38
CA THR A 12 6.14 13.53 -5.40
C THR A 12 7.31 12.97 -4.61
N THR A 13 8.48 12.96 -5.23
CA THR A 13 9.69 12.45 -4.58
C THR A 13 10.94 12.88 -5.32
N ASN A 14 12.10 12.59 -4.73
CA ASN A 14 13.38 12.96 -5.35
C ASN A 14 13.48 12.39 -6.76
N GLU A 15 13.54 11.06 -6.87
CA GLU A 15 13.64 10.40 -8.16
C GLU A 15 12.26 9.98 -8.66
N ARG A 16 11.71 8.94 -8.05
CA ARG A 16 10.39 8.44 -8.44
C ARG A 16 9.92 7.35 -7.48
N ARG A 17 10.86 6.50 -7.05
CA ARG A 17 10.55 5.42 -6.13
C ARG A 17 9.82 5.94 -4.89
N VAL A 18 9.20 5.03 -4.14
CA VAL A 18 8.48 5.40 -2.93
C VAL A 18 9.41 5.44 -1.72
N ILE A 19 9.09 6.30 -0.76
CA ILE A 19 9.89 6.43 0.44
C ILE A 19 9.03 6.29 1.70
N VAL A 20 8.84 5.06 2.14
CA VAL A 20 8.04 4.79 3.33
C VAL A 20 8.77 3.83 4.28
N PRO A 21 8.42 3.92 5.57
CA PRO A 21 9.02 3.05 6.60
C PRO A 21 8.59 1.60 6.47
N ALA A 22 9.46 0.69 6.92
CA ALA A 22 9.16 -0.73 6.85
C ALA A 22 7.80 -1.04 7.46
N ASP A 23 7.69 -0.88 8.77
CA ASP A 23 6.43 -1.13 9.47
C ASP A 23 5.27 -0.39 8.81
N PRO A 24 4.39 -1.15 8.15
CA PRO A 24 3.21 -0.59 7.46
C PRO A 24 2.18 -0.04 8.43
N THR A 25 2.33 -0.37 9.71
CA THR A 25 1.41 0.08 10.74
C THR A 25 1.72 1.51 11.16
N LEU A 26 2.96 1.94 10.91
CA LEU A 26 3.38 3.30 11.26
C LEU A 26 3.06 4.28 10.13
N TRP A 27 2.58 3.75 9.01
CA TRP A 27 2.24 4.59 7.86
C TRP A 27 1.17 5.61 8.24
N THR A 28 1.40 6.87 7.86
CA THR A 28 0.46 7.93 8.16
C THR A 28 -0.72 7.92 7.19
N GLN A 29 -1.64 8.85 7.38
CA GLN A 29 -2.82 8.94 6.52
C GLN A 29 -2.41 9.19 5.07
N GLU A 30 -1.19 9.68 4.87
CA GLU A 30 -0.69 9.96 3.54
C GLU A 30 0.09 8.77 2.98
N HIS A 31 0.94 8.17 3.83
CA HIS A 31 1.74 7.02 3.42
C HIS A 31 0.85 5.94 2.80
N VAL A 32 -0.21 5.58 3.52
CA VAL A 32 -1.13 4.56 3.03
C VAL A 32 -1.59 4.84 1.62
N ARG A 33 -1.76 6.13 1.30
CA ARG A 33 -2.20 6.54 -0.03
C ARG A 33 -1.07 6.38 -1.05
N GLN A 34 0.08 6.95 -0.74
CA GLN A 34 1.23 6.88 -1.62
C GLN A 34 1.54 5.43 -2.00
N TRP A 35 1.60 4.57 -0.99
CA TRP A 35 1.88 3.16 -1.21
C TRP A 35 0.85 2.53 -2.14
N LEU A 36 -0.40 2.94 -1.98
CA LEU A 36 -1.49 2.44 -2.81
C LEU A 36 -1.25 2.75 -4.29
N GLU A 37 -1.15 4.04 -4.59
CA GLU A 37 -0.93 4.48 -5.96
C GLU A 37 0.32 3.82 -6.55
N TRP A 38 1.24 3.44 -5.68
CA TRP A 38 2.47 2.80 -6.11
C TRP A 38 2.23 1.37 -6.56
N ALA A 39 1.69 0.56 -5.65
CA ALA A 39 1.39 -0.83 -5.96
C ALA A 39 0.51 -0.96 -7.20
N ILE A 40 -0.28 0.08 -7.45
CA ILE A 40 -1.16 0.10 -8.61
C ILE A 40 -0.38 0.29 -9.91
N LYS A 41 0.35 1.40 -9.99
CA LYS A 41 1.15 1.70 -11.17
C LYS A 41 2.33 0.73 -11.29
N GLU A 42 2.58 -0.03 -10.23
CA GLU A 42 3.67 -0.99 -10.22
C GLU A 42 3.19 -2.37 -10.64
N TYR A 43 2.13 -2.84 -9.99
CA TYR A 43 1.57 -4.16 -10.29
C TYR A 43 0.48 -4.05 -11.35
N SER A 44 0.38 -2.89 -11.98
CA SER A 44 -0.62 -2.65 -13.01
C SER A 44 -2.01 -3.02 -12.51
N LEU A 45 -2.37 -2.47 -11.35
CA LEU A 45 -3.68 -2.73 -10.76
C LEU A 45 -4.73 -1.79 -11.31
N MET A 46 -5.97 -2.28 -11.43
CA MET A 46 -7.06 -1.48 -11.96
C MET A 46 -8.36 -1.78 -11.20
N GLU A 47 -9.36 -0.92 -11.39
CA GLU A 47 -10.64 -1.08 -10.72
C GLU A 47 -10.49 -0.96 -9.21
N ILE A 48 -9.49 -0.20 -8.78
CA ILE A 48 -9.24 0.00 -7.36
C ILE A 48 -9.75 1.36 -6.90
N ASP A 49 -10.41 1.37 -5.74
CA ASP A 49 -10.95 2.60 -5.18
C ASP A 49 -10.00 3.21 -4.16
N THR A 50 -9.07 4.03 -4.64
CA THR A 50 -8.09 4.67 -3.77
C THR A 50 -8.78 5.58 -2.76
N SER A 51 -9.98 6.02 -3.09
CA SER A 51 -10.74 6.90 -2.21
C SER A 51 -11.04 6.23 -0.87
N PHE A 52 -11.09 4.89 -0.89
CA PHE A 52 -11.36 4.12 0.31
C PHE A 52 -10.22 4.25 1.31
N PHE A 53 -9.03 4.55 0.80
CA PHE A 53 -7.85 4.70 1.65
C PHE A 53 -7.37 6.15 1.67
N GLN A 54 -8.25 7.07 1.28
CA GLN A 54 -7.91 8.48 1.25
C GLN A 54 -7.54 8.99 2.65
N ASN A 55 -8.14 8.38 3.66
CA ASN A 55 -7.87 8.77 5.05
C ASN A 55 -7.69 7.54 5.93
N MET A 56 -7.26 6.44 5.33
CA MET A 56 -7.05 5.19 6.06
C MET A 56 -5.62 5.13 6.60
N ASP A 57 -5.47 5.42 7.89
CA ASP A 57 -4.17 5.39 8.52
C ASP A 57 -3.54 4.01 8.43
N GLY A 58 -2.21 3.97 8.39
CA GLY A 58 -1.51 2.70 8.29
C GLY A 58 -2.06 1.66 9.25
N LYS A 59 -2.44 2.11 10.44
CA LYS A 59 -2.99 1.20 11.45
C LYS A 59 -4.30 0.58 10.98
N GLU A 60 -5.16 1.40 10.38
CA GLU A 60 -6.44 0.92 9.87
C GLU A 60 -6.27 0.16 8.57
N LEU A 61 -5.08 0.28 7.98
CA LEU A 61 -4.78 -0.41 6.73
C LEU A 61 -4.23 -1.81 6.99
N CYS A 62 -3.53 -1.96 8.10
CA CYS A 62 -2.95 -3.25 8.47
C CYS A 62 -3.98 -4.13 9.19
N LYS A 63 -5.08 -3.51 9.60
CA LYS A 63 -6.14 -4.23 10.30
C LYS A 63 -7.19 -4.74 9.31
N MET A 64 -7.35 -4.04 8.20
CA MET A 64 -8.32 -4.41 7.19
C MET A 64 -8.15 -5.88 6.79
N ASN A 65 -9.24 -6.50 6.34
CA ASN A 65 -9.21 -7.89 5.92
C ASN A 65 -9.61 -8.04 4.47
N LYS A 66 -9.54 -9.27 3.95
CA LYS A 66 -9.90 -9.55 2.57
C LYS A 66 -11.28 -8.98 2.24
N GLU A 67 -12.19 -9.05 3.20
CA GLU A 67 -13.54 -8.54 3.01
C GLU A 67 -13.54 -7.02 2.84
N ASP A 68 -13.03 -6.32 3.85
CA ASP A 68 -12.97 -4.87 3.80
C ASP A 68 -12.19 -4.39 2.58
N PHE A 69 -11.20 -5.18 2.17
CA PHE A 69 -10.38 -4.84 1.01
C PHE A 69 -11.16 -5.02 -0.27
N LEU A 70 -12.05 -6.01 -0.30
CA LEU A 70 -12.86 -6.29 -1.48
C LEU A 70 -13.90 -5.19 -1.69
N ARG A 71 -14.18 -4.44 -0.63
CA ARG A 71 -15.15 -3.36 -0.70
C ARG A 71 -14.52 -2.08 -1.24
N ALA A 72 -13.25 -2.17 -1.62
CA ALA A 72 -12.52 -1.02 -2.15
C ALA A 72 -11.77 -1.41 -3.42
N THR A 73 -11.18 -2.60 -3.42
CA THR A 73 -10.43 -3.09 -4.57
C THR A 73 -10.88 -4.48 -4.99
N THR A 74 -10.64 -4.81 -6.25
CA THR A 74 -11.03 -6.12 -6.78
C THR A 74 -10.31 -7.24 -6.04
N LEU A 75 -10.87 -8.45 -6.12
CA LEU A 75 -10.28 -9.61 -5.45
C LEU A 75 -8.81 -9.76 -5.82
N TYR A 76 -8.52 -9.74 -7.13
CA TYR A 76 -7.15 -9.88 -7.61
C TYR A 76 -6.23 -8.91 -6.88
N ASN A 77 -6.57 -7.63 -6.90
CA ASN A 77 -5.76 -6.60 -6.25
C ASN A 77 -5.74 -6.83 -4.74
N THR A 78 -6.84 -7.34 -4.21
CA THR A 78 -6.93 -7.60 -2.77
C THR A 78 -5.92 -8.65 -2.33
N GLU A 79 -5.57 -9.55 -3.24
CA GLU A 79 -4.60 -10.60 -2.93
C GLU A 79 -3.18 -10.05 -2.98
N VAL A 80 -2.93 -9.11 -3.88
CA VAL A 80 -1.62 -8.51 -4.03
C VAL A 80 -1.29 -7.61 -2.84
N LEU A 81 -2.14 -6.61 -2.61
CA LEU A 81 -1.94 -5.68 -1.50
C LEU A 81 -1.76 -6.43 -0.19
N LEU A 82 -2.76 -7.24 0.17
CA LEU A 82 -2.71 -8.01 1.40
C LEU A 82 -1.41 -8.81 1.49
N SER A 83 -1.07 -9.51 0.42
CA SER A 83 0.15 -10.31 0.38
C SER A 83 1.38 -9.44 0.61
N HIS A 84 1.44 -8.31 -0.07
CA HIS A 84 2.56 -7.39 0.07
C HIS A 84 2.70 -6.91 1.51
N LEU A 85 1.62 -6.34 2.05
CA LEU A 85 1.62 -5.85 3.42
C LEU A 85 1.95 -6.96 4.40
N SER A 86 1.65 -8.19 4.01
CA SER A 86 1.91 -9.34 4.87
C SER A 86 3.38 -9.40 5.29
N TYR A 87 4.26 -9.16 4.33
CA TYR A 87 5.70 -9.17 4.60
C TYR A 87 6.13 -7.93 5.37
N LEU A 88 5.80 -6.77 4.82
CA LEU A 88 6.14 -5.50 5.46
C LEU A 88 5.68 -5.48 6.92
N ARG A 89 4.55 -6.11 7.18
CA ARG A 89 3.99 -6.17 8.53
C ARG A 89 4.86 -7.04 9.43
N GLU A 90 5.41 -8.11 8.87
CA GLU A 90 6.26 -9.02 9.63
C GLU A 90 7.73 -8.81 9.29
N SER A 91 8.08 -7.57 8.93
CA SER A 91 9.45 -7.23 8.57
C SER A 91 10.19 -6.66 9.79
N SER A 92 9.77 -5.49 10.23
CA SER A 92 10.40 -4.83 11.38
C SER A 92 9.88 -5.42 12.68
N SER A 93 8.57 -5.43 12.84
CA SER A 93 7.95 -5.97 14.05
C SER A 93 8.35 -7.43 14.26
N GLY A 94 8.96 -7.70 15.42
CA GLY A 94 9.38 -9.05 15.73
C GLY A 94 10.54 -9.09 16.70
N PRO A 95 10.90 -10.29 17.16
CA PRO A 95 12.01 -10.48 18.10
C PRO A 95 13.36 -10.21 17.47
N SER A 96 14.36 -9.94 18.30
CA SER A 96 15.71 -9.67 17.82
C SER A 96 16.40 -10.95 17.37
N SER A 97 16.73 -11.02 16.09
CA SER A 97 17.40 -12.20 15.53
C SER A 97 18.88 -12.21 15.89
N GLY A 98 19.17 -12.54 17.14
CA GLY A 98 20.55 -12.58 17.60
C GLY A 98 21.29 -13.79 17.06
N GLY A 1 14.21 13.10 12.24
CA GLY A 1 15.24 13.04 11.22
C GLY A 1 15.42 11.64 10.66
N SER A 2 15.61 11.55 9.35
CA SER A 2 15.79 10.26 8.70
C SER A 2 16.43 10.43 7.33
N SER A 3 17.61 9.86 7.15
CA SER A 3 18.34 9.94 5.89
C SER A 3 18.14 8.68 5.05
N GLY A 4 16.90 8.22 4.97
CA GLY A 4 16.59 7.03 4.22
C GLY A 4 16.65 5.76 5.05
N SER A 5 16.49 5.92 6.36
CA SER A 5 16.52 4.79 7.28
C SER A 5 17.89 4.12 7.26
N SER A 6 18.08 3.15 8.15
CA SER A 6 19.35 2.43 8.24
C SER A 6 19.27 1.10 7.49
N GLY A 7 18.41 1.04 6.49
CA GLY A 7 18.26 -0.18 5.72
C GLY A 7 16.87 -0.32 5.12
N PRO A 8 16.58 0.50 4.10
CA PRO A 8 15.28 0.49 3.42
C PRO A 8 15.07 -0.77 2.59
N PRO A 9 13.82 -0.99 2.14
CA PRO A 9 13.47 -2.15 1.33
C PRO A 9 14.06 -2.09 -0.06
N ASN A 10 14.24 -3.26 -0.68
CA ASN A 10 14.80 -3.34 -2.03
C ASN A 10 13.74 -3.03 -3.08
N MET A 11 13.21 -1.80 -3.05
CA MET A 11 12.19 -1.39 -4.00
C MET A 11 12.81 -1.03 -5.35
N THR A 12 12.27 -1.62 -6.41
CA THR A 12 12.78 -1.35 -7.75
C THR A 12 11.75 -0.63 -8.61
N THR A 13 12.02 0.62 -8.94
CA THR A 13 11.11 1.43 -9.74
C THR A 13 11.88 2.47 -10.56
N ASN A 14 12.76 3.19 -9.90
CA ASN A 14 13.56 4.21 -10.57
C ASN A 14 12.66 5.25 -11.24
N GLU A 15 11.46 5.41 -10.71
CA GLU A 15 10.51 6.37 -11.26
C GLU A 15 9.26 6.46 -10.39
N ARG A 16 8.95 7.66 -9.94
CA ARG A 16 7.79 7.89 -9.09
C ARG A 16 7.80 6.95 -7.89
N ARG A 17 8.99 6.60 -7.42
CA ARG A 17 9.15 5.71 -6.29
C ARG A 17 8.62 6.36 -5.01
N VAL A 18 8.19 5.53 -4.06
CA VAL A 18 7.66 6.03 -2.80
C VAL A 18 8.65 5.80 -1.66
N ILE A 19 8.70 6.76 -0.73
CA ILE A 19 9.61 6.67 0.40
C ILE A 19 8.84 6.48 1.71
N VAL A 20 8.54 5.24 2.05
CA VAL A 20 7.81 4.93 3.28
C VAL A 20 8.58 3.96 4.15
N PRO A 21 8.35 4.03 5.47
CA PRO A 21 9.01 3.16 6.44
C PRO A 21 8.56 1.71 6.33
N ALA A 22 9.43 0.79 6.75
CA ALA A 22 9.12 -0.63 6.70
C ALA A 22 7.78 -0.93 7.36
N ASP A 23 7.73 -0.75 8.68
CA ASP A 23 6.50 -1.00 9.43
C ASP A 23 5.32 -0.27 8.80
N PRO A 24 4.41 -1.04 8.19
CA PRO A 24 3.22 -0.50 7.53
C PRO A 24 2.22 0.06 8.53
N THR A 25 2.39 -0.29 9.80
CA THR A 25 1.50 0.17 10.86
C THR A 25 1.82 1.61 11.25
N LEU A 26 3.05 2.03 10.98
CA LEU A 26 3.48 3.38 11.32
C LEU A 26 3.14 4.35 10.18
N TRP A 27 2.66 3.81 9.07
CA TRP A 27 2.29 4.62 7.92
C TRP A 27 1.25 5.67 8.30
N THR A 28 1.48 6.91 7.88
CA THR A 28 0.55 8.00 8.18
C THR A 28 -0.63 7.99 7.22
N GLN A 29 -1.55 8.93 7.42
CA GLN A 29 -2.73 9.03 6.57
C GLN A 29 -2.35 9.31 5.13
N GLU A 30 -1.11 9.77 4.92
CA GLU A 30 -0.62 10.08 3.59
C GLU A 30 0.15 8.90 3.01
N HIS A 31 0.93 8.23 3.86
CA HIS A 31 1.72 7.08 3.43
C HIS A 31 0.82 6.00 2.83
N VAL A 32 -0.21 5.62 3.56
CA VAL A 32 -1.15 4.60 3.10
C VAL A 32 -1.65 4.91 1.70
N ARG A 33 -1.76 6.20 1.39
CA ARG A 33 -2.24 6.64 0.08
C ARG A 33 -1.16 6.45 -0.98
N GLN A 34 0.00 7.07 -0.75
CA GLN A 34 1.11 6.97 -1.69
C GLN A 34 1.41 5.52 -2.03
N TRP A 35 1.44 4.67 -1.00
CA TRP A 35 1.71 3.25 -1.20
C TRP A 35 0.71 2.62 -2.16
N LEU A 36 -0.55 3.02 -2.02
CA LEU A 36 -1.61 2.49 -2.87
C LEU A 36 -1.35 2.82 -4.34
N GLU A 37 -1.27 4.11 -4.65
CA GLU A 37 -1.02 4.56 -6.01
C GLU A 37 0.21 3.88 -6.58
N TRP A 38 1.16 3.55 -5.71
CA TRP A 38 2.40 2.89 -6.13
C TRP A 38 2.13 1.46 -6.56
N ALA A 39 1.64 0.64 -5.61
CA ALA A 39 1.35 -0.76 -5.90
C ALA A 39 0.48 -0.90 -7.14
N ILE A 40 -0.36 0.10 -7.38
CA ILE A 40 -1.25 0.09 -8.54
C ILE A 40 -0.46 0.23 -9.84
N LYS A 41 0.48 1.16 -9.85
CA LYS A 41 1.30 1.41 -11.03
C LYS A 41 2.41 0.36 -11.13
N GLU A 42 2.66 -0.33 -10.03
CA GLU A 42 3.70 -1.36 -10.00
C GLU A 42 3.14 -2.71 -10.44
N TYR A 43 1.96 -3.05 -9.94
CA TYR A 43 1.32 -4.30 -10.28
C TYR A 43 0.20 -4.10 -11.30
N SER A 44 0.14 -2.90 -11.85
CA SER A 44 -0.88 -2.56 -12.84
C SER A 44 -2.27 -2.92 -12.33
N LEU A 45 -2.57 -2.48 -11.11
CA LEU A 45 -3.87 -2.75 -10.51
C LEU A 45 -4.95 -1.84 -11.10
N MET A 46 -6.11 -2.43 -11.39
CA MET A 46 -7.22 -1.66 -11.94
C MET A 46 -8.51 -1.92 -11.17
N GLU A 47 -9.48 -1.04 -11.34
CA GLU A 47 -10.76 -1.17 -10.64
C GLU A 47 -10.57 -1.08 -9.13
N ILE A 48 -9.66 -0.21 -8.70
CA ILE A 48 -9.39 -0.03 -7.29
C ILE A 48 -9.85 1.35 -6.81
N ASP A 49 -10.50 1.37 -5.65
CA ASP A 49 -11.00 2.63 -5.09
C ASP A 49 -9.97 3.25 -4.15
N THR A 50 -9.21 4.20 -4.67
CA THR A 50 -8.18 4.87 -3.88
C THR A 50 -8.81 5.79 -2.82
N SER A 51 -10.04 6.23 -3.08
CA SER A 51 -10.74 7.10 -2.14
C SER A 51 -11.03 6.37 -0.83
N PHE A 52 -11.13 5.05 -0.91
CA PHE A 52 -11.40 4.24 0.27
C PHE A 52 -10.25 4.32 1.27
N PHE A 53 -9.06 4.63 0.77
CA PHE A 53 -7.89 4.73 1.62
C PHE A 53 -7.37 6.17 1.66
N GLN A 54 -8.27 7.12 1.39
CA GLN A 54 -7.91 8.53 1.39
C GLN A 54 -7.63 9.01 2.81
N ASN A 55 -8.22 8.33 3.79
CA ASN A 55 -8.03 8.70 5.19
C ASN A 55 -7.84 7.46 6.05
N MET A 56 -7.21 6.44 5.49
CA MET A 56 -6.96 5.19 6.20
C MET A 56 -5.53 5.14 6.72
N ASP A 57 -5.36 5.44 8.00
CA ASP A 57 -4.04 5.43 8.63
C ASP A 57 -3.41 4.04 8.53
N GLY A 58 -2.09 4.00 8.48
CA GLY A 58 -1.39 2.74 8.38
C GLY A 58 -1.95 1.69 9.33
N LYS A 59 -2.36 2.13 10.52
CA LYS A 59 -2.91 1.22 11.52
C LYS A 59 -4.19 0.57 11.01
N GLU A 60 -5.09 1.39 10.44
CA GLU A 60 -6.35 0.88 9.92
C GLU A 60 -6.13 0.15 8.61
N LEU A 61 -4.93 0.27 8.05
CA LEU A 61 -4.59 -0.39 6.80
C LEU A 61 -4.06 -1.80 7.04
N CYS A 62 -3.44 -2.00 8.20
CA CYS A 62 -2.89 -3.29 8.57
C CYS A 62 -3.95 -4.17 9.24
N LYS A 63 -5.04 -3.54 9.67
CA LYS A 63 -6.13 -4.25 10.33
C LYS A 63 -7.15 -4.76 9.32
N MET A 64 -7.28 -4.04 8.21
CA MET A 64 -8.23 -4.41 7.16
C MET A 64 -8.02 -5.87 6.75
N ASN A 65 -9.06 -6.45 6.16
CA ASN A 65 -9.01 -7.85 5.73
C ASN A 65 -9.44 -7.97 4.27
N LYS A 66 -9.39 -9.19 3.75
CA LYS A 66 -9.78 -9.45 2.37
C LYS A 66 -11.16 -8.87 2.08
N GLU A 67 -12.06 -8.98 3.05
CA GLU A 67 -13.42 -8.47 2.89
C GLU A 67 -13.41 -6.94 2.79
N ASP A 68 -12.92 -6.29 3.84
CA ASP A 68 -12.86 -4.83 3.89
C ASP A 68 -12.11 -4.29 2.67
N PHE A 69 -11.15 -5.07 2.17
CA PHE A 69 -10.36 -4.65 1.01
C PHE A 69 -11.14 -4.90 -0.27
N LEU A 70 -11.92 -5.97 -0.30
CA LEU A 70 -12.72 -6.32 -1.47
C LEU A 70 -13.83 -5.31 -1.70
N ARG A 71 -14.14 -4.52 -0.66
CA ARG A 71 -15.19 -3.51 -0.75
C ARG A 71 -14.65 -2.23 -1.39
N ALA A 72 -13.38 -2.26 -1.77
CA ALA A 72 -12.75 -1.09 -2.39
C ALA A 72 -11.94 -1.50 -3.63
N THR A 73 -11.27 -2.64 -3.54
CA THR A 73 -10.47 -3.14 -4.65
C THR A 73 -10.92 -4.53 -5.08
N THR A 74 -10.64 -4.88 -6.33
CA THR A 74 -11.02 -6.17 -6.87
C THR A 74 -10.32 -7.31 -6.12
N LEU A 75 -10.81 -8.52 -6.32
CA LEU A 75 -10.23 -9.69 -5.66
C LEU A 75 -8.76 -9.84 -6.00
N TYR A 76 -8.45 -9.84 -7.30
CA TYR A 76 -7.07 -9.96 -7.76
C TYR A 76 -6.16 -8.99 -7.02
N ASN A 77 -6.55 -7.72 -7.00
CA ASN A 77 -5.76 -6.69 -6.34
C ASN A 77 -5.70 -6.94 -4.84
N THR A 78 -6.79 -7.44 -4.28
CA THR A 78 -6.85 -7.74 -2.85
C THR A 78 -5.76 -8.72 -2.44
N GLU A 79 -5.54 -9.73 -3.26
CA GLU A 79 -4.52 -10.75 -2.99
C GLU A 79 -3.13 -10.13 -3.01
N VAL A 80 -2.91 -9.18 -3.92
CA VAL A 80 -1.62 -8.51 -4.04
C VAL A 80 -1.35 -7.63 -2.83
N LEU A 81 -2.28 -6.74 -2.52
CA LEU A 81 -2.14 -5.83 -1.39
C LEU A 81 -1.94 -6.62 -0.09
N LEU A 82 -2.86 -7.52 0.19
CA LEU A 82 -2.78 -8.34 1.40
C LEU A 82 -1.45 -9.08 1.47
N SER A 83 -1.05 -9.67 0.35
CA SER A 83 0.22 -10.41 0.29
C SER A 83 1.40 -9.49 0.55
N HIS A 84 1.40 -8.33 -0.10
CA HIS A 84 2.46 -7.35 0.07
C HIS A 84 2.58 -6.91 1.52
N LEU A 85 1.48 -6.38 2.05
CA LEU A 85 1.46 -5.91 3.44
C LEU A 85 1.84 -7.04 4.40
N SER A 86 1.59 -8.27 3.98
CA SER A 86 1.90 -9.44 4.80
C SER A 86 3.37 -9.45 5.21
N TYR A 87 4.24 -9.14 4.25
CA TYR A 87 5.68 -9.12 4.51
C TYR A 87 6.07 -7.87 5.30
N LEU A 88 5.69 -6.71 4.76
CA LEU A 88 5.99 -5.43 5.41
C LEU A 88 5.55 -5.44 6.86
N ARG A 89 4.43 -6.09 7.13
CA ARG A 89 3.89 -6.17 8.49
C ARG A 89 4.76 -7.07 9.36
N GLU A 90 5.30 -8.13 8.75
CA GLU A 90 6.15 -9.07 9.47
C GLU A 90 7.63 -8.79 9.20
N SER A 91 7.95 -7.52 8.99
CA SER A 91 9.32 -7.12 8.71
C SER A 91 9.62 -5.74 9.31
N SER A 92 10.10 -5.75 10.55
CA SER A 92 10.42 -4.50 11.25
C SER A 92 11.61 -4.69 12.18
N SER A 93 11.57 -5.75 12.98
CA SER A 93 12.65 -6.04 13.92
C SER A 93 13.91 -6.45 13.19
N GLY A 94 13.75 -7.23 12.12
CA GLY A 94 14.90 -7.68 11.34
C GLY A 94 15.45 -9.00 11.85
N PRO A 95 16.36 -9.60 11.06
CA PRO A 95 17.00 -10.87 11.40
C PRO A 95 17.95 -10.75 12.57
N SER A 96 18.17 -11.85 13.28
CA SER A 96 19.06 -11.86 14.44
C SER A 96 20.51 -12.03 13.99
N SER A 97 20.71 -12.88 12.99
CA SER A 97 22.05 -13.14 12.47
C SER A 97 22.70 -11.85 11.95
N GLY A 98 23.57 -11.28 12.76
CA GLY A 98 24.24 -10.04 12.37
C GLY A 98 23.31 -8.85 12.39
N GLY A 1 -13.24 18.33 -30.19
CA GLY A 1 -13.18 17.22 -29.26
C GLY A 1 -11.99 16.32 -29.50
N SER A 2 -10.88 16.63 -28.83
CA SER A 2 -9.66 15.84 -28.98
C SER A 2 -9.54 14.81 -27.86
N SER A 3 -8.65 13.84 -28.05
CA SER A 3 -8.44 12.79 -27.06
C SER A 3 -7.31 13.15 -26.11
N GLY A 4 -7.67 13.77 -24.98
CA GLY A 4 -6.67 14.16 -24.00
C GLY A 4 -7.02 13.73 -22.59
N SER A 5 -6.02 13.58 -21.74
CA SER A 5 -6.23 13.16 -20.37
C SER A 5 -5.24 13.84 -19.42
N SER A 6 -5.74 14.34 -18.30
CA SER A 6 -4.90 15.02 -17.32
C SER A 6 -4.56 14.09 -16.16
N GLY A 7 -3.35 13.52 -16.21
CA GLY A 7 -2.91 12.62 -15.16
C GLY A 7 -1.49 12.87 -14.74
N PRO A 8 -1.25 13.99 -14.03
CA PRO A 8 0.08 14.36 -13.55
C PRO A 8 0.58 13.44 -12.44
N PRO A 9 1.88 13.55 -12.13
CA PRO A 9 2.51 12.73 -11.08
C PRO A 9 2.03 13.12 -9.68
N ASN A 10 1.66 12.12 -8.88
CA ASN A 10 1.19 12.36 -7.52
C ASN A 10 2.34 12.29 -6.53
N MET A 11 3.27 11.38 -6.78
CA MET A 11 4.43 11.21 -5.90
C MET A 11 5.61 12.03 -6.40
N THR A 12 6.29 12.69 -5.48
CA THR A 12 7.45 13.51 -5.82
C THR A 12 8.73 12.97 -5.17
N THR A 13 9.75 12.79 -5.99
CA THR A 13 11.03 12.28 -5.50
C THR A 13 12.04 12.15 -6.63
N ASN A 14 13.30 12.41 -6.32
CA ASN A 14 14.37 12.33 -7.32
C ASN A 14 14.35 10.98 -8.03
N GLU A 15 14.02 9.93 -7.28
CA GLU A 15 13.95 8.58 -7.83
C GLU A 15 12.53 8.22 -8.24
N ARG A 16 12.33 6.97 -8.62
CA ARG A 16 11.01 6.50 -9.04
C ARG A 16 10.48 5.45 -8.06
N ARG A 17 10.19 5.88 -6.84
CA ARG A 17 9.67 4.97 -5.81
C ARG A 17 9.05 5.76 -4.67
N VAL A 18 8.56 5.05 -3.67
CA VAL A 18 7.93 5.67 -2.50
C VAL A 18 8.88 5.71 -1.32
N ILE A 19 8.73 6.72 -0.47
CA ILE A 19 9.58 6.88 0.70
C ILE A 19 8.82 6.51 1.98
N VAL A 20 8.43 5.24 2.08
CA VAL A 20 7.69 4.76 3.25
C VAL A 20 8.56 3.83 4.10
N PRO A 21 8.25 3.74 5.39
CA PRO A 21 8.97 2.89 6.33
C PRO A 21 8.74 1.40 6.06
N ALA A 22 9.39 0.55 6.87
CA ALA A 22 9.25 -0.88 6.73
C ALA A 22 7.83 -1.34 7.05
N ASP A 23 7.50 -1.39 8.34
CA ASP A 23 6.17 -1.80 8.77
C ASP A 23 5.11 -0.82 8.28
N PRO A 24 3.95 -1.36 7.89
CA PRO A 24 2.83 -0.56 7.39
C PRO A 24 2.19 0.28 8.49
N THR A 25 2.23 -0.22 9.72
CA THR A 25 1.65 0.48 10.85
C THR A 25 2.28 1.85 11.04
N LEU A 26 3.46 2.02 10.47
CA LEU A 26 4.18 3.29 10.57
C LEU A 26 3.79 4.23 9.44
N TRP A 27 2.76 3.85 8.68
CA TRP A 27 2.29 4.66 7.57
C TRP A 27 1.24 5.67 8.04
N THR A 28 1.48 6.94 7.72
CA THR A 28 0.56 8.00 8.11
C THR A 28 -0.67 8.04 7.19
N GLN A 29 -1.52 9.03 7.41
CA GLN A 29 -2.72 9.18 6.59
C GLN A 29 -2.37 9.45 5.14
N GLU A 30 -1.12 9.84 4.90
CA GLU A 30 -0.65 10.14 3.55
C GLU A 30 0.06 8.92 2.94
N HIS A 31 0.89 8.27 3.75
CA HIS A 31 1.63 7.10 3.29
C HIS A 31 0.68 6.05 2.72
N VAL A 32 -0.34 5.70 3.50
CA VAL A 32 -1.32 4.70 3.07
C VAL A 32 -1.85 5.03 1.67
N ARG A 33 -1.91 6.32 1.35
CA ARG A 33 -2.40 6.76 0.05
C ARG A 33 -1.31 6.60 -1.02
N GLN A 34 -0.10 7.03 -0.69
CA GLN A 34 1.02 6.95 -1.62
C GLN A 34 1.32 5.50 -1.98
N TRP A 35 1.47 4.66 -0.96
CA TRP A 35 1.76 3.25 -1.16
C TRP A 35 0.73 2.61 -2.09
N LEU A 36 -0.52 3.05 -1.97
CA LEU A 36 -1.59 2.53 -2.80
C LEU A 36 -1.34 2.81 -4.28
N GLU A 37 -1.28 4.09 -4.63
CA GLU A 37 -1.03 4.49 -6.01
C GLU A 37 0.25 3.84 -6.54
N TRP A 38 1.17 3.54 -5.64
CA TRP A 38 2.43 2.92 -6.02
C TRP A 38 2.21 1.48 -6.49
N ALA A 39 1.74 0.64 -5.58
CA ALA A 39 1.48 -0.76 -5.90
C ALA A 39 0.64 -0.90 -7.17
N ILE A 40 -0.21 0.10 -7.40
CA ILE A 40 -1.08 0.09 -8.58
C ILE A 40 -0.28 0.31 -9.85
N LYS A 41 0.57 1.33 -9.85
CA LYS A 41 1.41 1.64 -11.01
C LYS A 41 2.54 0.63 -11.15
N GLU A 42 2.82 -0.08 -10.07
CA GLU A 42 3.89 -1.08 -10.09
C GLU A 42 3.37 -2.43 -10.57
N TYR A 43 2.31 -2.92 -9.92
CA TYR A 43 1.72 -4.20 -10.28
C TYR A 43 0.63 -4.01 -11.33
N SER A 44 0.52 -2.79 -11.86
CA SER A 44 -0.48 -2.49 -12.88
C SER A 44 -1.87 -2.92 -12.42
N LEU A 45 -2.31 -2.38 -11.29
CA LEU A 45 -3.62 -2.71 -10.74
C LEU A 45 -4.69 -1.78 -11.29
N MET A 46 -5.92 -2.29 -11.36
CA MET A 46 -7.03 -1.51 -11.88
C MET A 46 -8.32 -1.82 -11.12
N GLU A 47 -9.34 -0.99 -11.30
CA GLU A 47 -10.62 -1.19 -10.64
C GLU A 47 -10.47 -1.07 -9.13
N ILE A 48 -9.50 -0.26 -8.70
CA ILE A 48 -9.26 -0.06 -7.27
C ILE A 48 -9.79 1.29 -6.81
N ASP A 49 -10.45 1.29 -5.65
CA ASP A 49 -11.01 2.52 -5.09
C ASP A 49 -10.04 3.14 -4.08
N THR A 50 -9.20 4.04 -4.56
CA THR A 50 -8.23 4.71 -3.70
C THR A 50 -8.92 5.60 -2.67
N SER A 51 -10.11 6.08 -3.02
CA SER A 51 -10.88 6.93 -2.13
C SER A 51 -11.17 6.22 -0.80
N PHE A 52 -11.19 4.90 -0.84
CA PHE A 52 -11.46 4.10 0.34
C PHE A 52 -10.34 4.26 1.38
N PHE A 53 -9.16 4.65 0.90
CA PHE A 53 -8.01 4.84 1.78
C PHE A 53 -7.58 6.30 1.79
N GLN A 54 -8.50 7.20 1.42
CA GLN A 54 -8.21 8.62 1.39
C GLN A 54 -7.88 9.13 2.79
N ASN A 55 -8.37 8.44 3.80
CA ASN A 55 -8.13 8.84 5.19
C ASN A 55 -7.95 7.60 6.08
N MET A 56 -7.33 6.56 5.53
CA MET A 56 -7.09 5.33 6.27
C MET A 56 -5.65 5.26 6.77
N ASP A 57 -5.45 5.59 8.03
CA ASP A 57 -4.12 5.56 8.63
C ASP A 57 -3.52 4.15 8.55
N GLY A 58 -2.20 4.08 8.47
CA GLY A 58 -1.52 2.80 8.39
C GLY A 58 -2.08 1.79 9.37
N LYS A 59 -2.48 2.27 10.54
CA LYS A 59 -3.03 1.41 11.58
C LYS A 59 -4.34 0.77 11.12
N GLU A 60 -5.21 1.57 10.51
CA GLU A 60 -6.49 1.08 10.03
C GLU A 60 -6.32 0.33 8.71
N LEU A 61 -5.13 0.45 8.12
CA LEU A 61 -4.84 -0.22 6.85
C LEU A 61 -4.29 -1.61 7.09
N CYS A 62 -3.50 -1.76 8.14
CA CYS A 62 -2.89 -3.05 8.49
C CYS A 62 -3.91 -3.96 9.15
N LYS A 63 -5.01 -3.37 9.63
CA LYS A 63 -6.06 -4.14 10.29
C LYS A 63 -7.09 -4.64 9.28
N MET A 64 -7.20 -3.94 8.16
CA MET A 64 -8.14 -4.33 7.11
C MET A 64 -7.96 -5.79 6.73
N ASN A 65 -9.04 -6.42 6.28
CA ASN A 65 -9.02 -7.82 5.88
C ASN A 65 -9.43 -7.98 4.42
N LYS A 66 -9.38 -9.22 3.94
CA LYS A 66 -9.76 -9.51 2.56
C LYS A 66 -11.12 -8.92 2.23
N GLU A 67 -12.03 -8.95 3.21
CA GLU A 67 -13.38 -8.42 3.02
C GLU A 67 -13.34 -6.90 2.89
N ASP A 68 -12.84 -6.23 3.92
CA ASP A 68 -12.75 -4.77 3.92
C ASP A 68 -11.98 -4.28 2.71
N PHE A 69 -11.08 -5.11 2.21
CA PHE A 69 -10.26 -4.76 1.04
C PHE A 69 -11.03 -4.98 -0.25
N LEU A 70 -11.84 -6.04 -0.27
CA LEU A 70 -12.64 -6.38 -1.45
C LEU A 70 -13.75 -5.35 -1.67
N ARG A 71 -14.06 -4.59 -0.62
CA ARG A 71 -15.10 -3.57 -0.70
C ARG A 71 -14.54 -2.28 -1.30
N ALA A 72 -13.26 -2.30 -1.67
CA ALA A 72 -12.63 -1.14 -2.26
C ALA A 72 -11.84 -1.51 -3.51
N THR A 73 -11.19 -2.67 -3.47
CA THR A 73 -10.41 -3.14 -4.60
C THR A 73 -10.88 -4.52 -5.05
N THR A 74 -10.61 -4.84 -6.32
CA THR A 74 -11.00 -6.13 -6.87
C THR A 74 -10.31 -7.28 -6.16
N LEU A 75 -10.80 -8.50 -6.37
CA LEU A 75 -10.23 -9.68 -5.75
C LEU A 75 -8.75 -9.82 -6.10
N TYR A 76 -8.44 -9.77 -7.39
CA TYR A 76 -7.07 -9.89 -7.85
C TYR A 76 -6.15 -8.96 -7.08
N ASN A 77 -6.52 -7.68 -7.00
CA ASN A 77 -5.73 -6.69 -6.28
C ASN A 77 -5.71 -6.99 -4.79
N THR A 78 -6.83 -7.49 -4.27
CA THR A 78 -6.94 -7.81 -2.85
C THR A 78 -5.89 -8.82 -2.44
N GLU A 79 -5.51 -9.69 -3.37
CA GLU A 79 -4.51 -10.72 -3.10
C GLU A 79 -3.10 -10.12 -3.08
N VAL A 80 -2.86 -9.17 -3.98
CA VAL A 80 -1.57 -8.51 -4.06
C VAL A 80 -1.29 -7.67 -2.82
N LEU A 81 -2.18 -6.72 -2.55
CA LEU A 81 -2.03 -5.85 -1.39
C LEU A 81 -1.82 -6.66 -0.12
N LEU A 82 -2.73 -7.59 0.14
CA LEU A 82 -2.65 -8.43 1.33
C LEU A 82 -1.31 -9.16 1.38
N SER A 83 -0.90 -9.72 0.25
CA SER A 83 0.36 -10.45 0.16
C SER A 83 1.54 -9.53 0.46
N HIS A 84 1.51 -8.33 -0.10
CA HIS A 84 2.57 -7.35 0.11
C HIS A 84 2.64 -6.94 1.58
N LEU A 85 1.55 -6.37 2.09
CA LEU A 85 1.49 -5.93 3.47
C LEU A 85 1.80 -7.08 4.43
N SER A 86 1.42 -8.29 4.03
CA SER A 86 1.66 -9.47 4.86
C SER A 86 3.13 -9.57 5.25
N TYR A 87 4.02 -9.35 4.29
CA TYR A 87 5.45 -9.40 4.54
C TYR A 87 5.91 -8.21 5.38
N LEU A 88 5.61 -7.01 4.90
CA LEU A 88 5.99 -5.79 5.62
C LEU A 88 5.51 -5.84 7.07
N ARG A 89 4.41 -6.55 7.30
CA ARG A 89 3.86 -6.67 8.65
C ARG A 89 4.66 -7.69 9.46
N GLU A 90 5.16 -8.72 8.80
CA GLU A 90 5.93 -9.77 9.46
C GLU A 90 7.43 -9.54 9.27
N SER A 91 7.83 -8.27 9.24
CA SER A 91 9.24 -7.93 9.05
C SER A 91 9.44 -6.43 9.20
N SER A 92 10.15 -6.04 10.27
CA SER A 92 10.41 -4.63 10.52
C SER A 92 11.92 -4.35 10.56
N SER A 93 12.67 -5.33 11.04
CA SER A 93 14.12 -5.20 11.14
C SER A 93 14.81 -6.03 10.06
N GLY A 94 14.45 -7.31 9.98
CA GLY A 94 15.04 -8.18 8.99
C GLY A 94 16.52 -8.44 9.25
N PRO A 95 17.09 -9.42 8.53
CA PRO A 95 18.50 -9.77 8.67
C PRO A 95 19.43 -8.70 8.12
N SER A 96 20.51 -8.43 8.86
CA SER A 96 21.47 -7.42 8.45
C SER A 96 20.83 -6.04 8.40
N SER A 97 21.61 -5.04 8.01
CA SER A 97 21.12 -3.67 7.92
C SER A 97 22.09 -2.79 7.14
N GLY A 98 21.81 -2.62 5.85
CA GLY A 98 22.66 -1.80 5.01
C GLY A 98 23.63 -2.63 4.18
N GLY A 1 -9.78 -5.04 -31.04
CA GLY A 1 -9.82 -3.85 -31.85
C GLY A 1 -9.03 -2.70 -31.25
N SER A 2 -9.43 -2.27 -30.06
CA SER A 2 -8.75 -1.18 -29.38
C SER A 2 -9.17 -1.11 -27.90
N SER A 3 -8.19 -1.28 -27.02
CA SER A 3 -8.46 -1.25 -25.59
C SER A 3 -8.27 0.17 -25.03
N GLY A 4 -7.37 0.93 -25.65
CA GLY A 4 -7.11 2.28 -25.20
C GLY A 4 -6.01 2.36 -24.18
N SER A 5 -5.23 3.44 -24.21
CA SER A 5 -4.14 3.62 -23.27
C SER A 5 -4.58 4.44 -22.06
N SER A 6 -3.67 4.62 -21.11
CA SER A 6 -3.98 5.38 -19.90
C SER A 6 -2.72 6.08 -19.37
N GLY A 7 -2.86 6.74 -18.23
CA GLY A 7 -1.74 7.44 -17.64
C GLY A 7 -2.13 8.24 -16.41
N PRO A 8 -2.36 7.53 -15.29
CA PRO A 8 -2.75 8.15 -14.03
C PRO A 8 -1.62 8.96 -13.39
N PRO A 9 -1.96 9.77 -12.39
CA PRO A 9 -0.97 10.61 -11.68
C PRO A 9 -0.01 9.79 -10.84
N ASN A 10 1.20 9.59 -11.35
CA ASN A 10 2.22 8.83 -10.65
C ASN A 10 2.68 9.56 -9.39
N MET A 11 2.82 8.82 -8.29
CA MET A 11 3.26 9.41 -7.04
C MET A 11 4.59 10.14 -7.21
N THR A 12 4.65 11.37 -6.70
CA THR A 12 5.86 12.17 -6.81
C THR A 12 6.42 12.51 -5.43
N THR A 13 7.58 11.95 -5.10
CA THR A 13 8.22 12.19 -3.82
C THR A 13 9.72 12.36 -3.97
N ASN A 14 10.12 13.13 -4.98
CA ASN A 14 11.53 13.38 -5.23
C ASN A 14 12.29 12.07 -5.45
N GLU A 15 11.57 11.06 -5.91
CA GLU A 15 12.17 9.74 -6.17
C GLU A 15 11.20 8.84 -6.93
N ARG A 16 11.76 7.96 -7.74
CA ARG A 16 10.95 7.03 -8.53
C ARG A 16 10.21 6.05 -7.63
N ARG A 17 10.77 5.81 -6.46
CA ARG A 17 10.15 4.89 -5.49
C ARG A 17 9.57 5.64 -4.31
N VAL A 18 8.60 5.03 -3.65
CA VAL A 18 7.95 5.64 -2.48
C VAL A 18 8.90 5.69 -1.29
N ILE A 19 8.73 6.70 -0.44
CA ILE A 19 9.57 6.85 0.74
C ILE A 19 8.80 6.47 2.00
N VAL A 20 8.41 5.20 2.09
CA VAL A 20 7.68 4.71 3.26
C VAL A 20 8.55 3.78 4.10
N PRO A 21 8.21 3.68 5.39
CA PRO A 21 8.95 2.83 6.33
C PRO A 21 8.73 1.34 6.07
N ALA A 22 9.30 0.50 6.93
CA ALA A 22 9.17 -0.95 6.78
C ALA A 22 7.73 -1.39 7.07
N ASP A 23 7.38 -1.45 8.35
CA ASP A 23 6.05 -1.86 8.76
C ASP A 23 5.00 -0.86 8.29
N PRO A 24 3.84 -1.38 7.87
CA PRO A 24 2.73 -0.54 7.40
C PRO A 24 2.08 0.27 8.51
N THR A 25 2.19 -0.24 9.74
CA THR A 25 1.61 0.43 10.89
C THR A 25 2.23 1.82 11.09
N LEU A 26 3.39 2.03 10.49
CA LEU A 26 4.09 3.31 10.59
C LEU A 26 3.76 4.21 9.42
N TRP A 27 2.68 3.88 8.71
CA TRP A 27 2.24 4.67 7.57
C TRP A 27 1.22 5.73 7.98
N THR A 28 1.54 6.99 7.71
CA THR A 28 0.64 8.09 8.06
C THR A 28 -0.58 8.11 7.16
N GLN A 29 -1.45 9.10 7.37
CA GLN A 29 -2.67 9.22 6.57
C GLN A 29 -2.33 9.45 5.10
N GLU A 30 -1.09 9.85 4.84
CA GLU A 30 -0.65 10.09 3.46
C GLU A 30 0.06 8.86 2.90
N HIS A 31 0.92 8.25 3.70
CA HIS A 31 1.66 7.07 3.27
C HIS A 31 0.71 6.02 2.70
N VAL A 32 -0.31 5.67 3.47
CA VAL A 32 -1.28 4.67 3.04
C VAL A 32 -1.82 4.98 1.65
N ARG A 33 -1.87 6.28 1.33
CA ARG A 33 -2.35 6.71 0.02
C ARG A 33 -1.28 6.55 -1.05
N GLN A 34 -0.06 6.98 -0.72
CA GLN A 34 1.06 6.90 -1.65
C GLN A 34 1.36 5.45 -2.01
N TRP A 35 1.48 4.60 -0.99
CA TRP A 35 1.76 3.19 -1.19
C TRP A 35 0.73 2.55 -2.11
N LEU A 36 -0.52 2.99 -1.98
CA LEU A 36 -1.61 2.47 -2.81
C LEU A 36 -1.36 2.75 -4.28
N GLU A 37 -1.31 4.04 -4.62
CA GLU A 37 -1.09 4.45 -6.00
C GLU A 37 0.20 3.83 -6.55
N TRP A 38 1.13 3.53 -5.65
CA TRP A 38 2.40 2.93 -6.04
C TRP A 38 2.21 1.49 -6.53
N ALA A 39 1.71 0.64 -5.64
CA ALA A 39 1.48 -0.76 -5.98
C ALA A 39 0.62 -0.88 -7.23
N ILE A 40 -0.22 0.12 -7.47
CA ILE A 40 -1.10 0.12 -8.64
C ILE A 40 -0.30 0.35 -9.92
N LYS A 41 0.57 1.36 -9.89
CA LYS A 41 1.39 1.69 -11.05
C LYS A 41 2.55 0.70 -11.20
N GLU A 42 2.84 -0.02 -10.12
CA GLU A 42 3.93 -1.00 -10.13
C GLU A 42 3.41 -2.36 -10.58
N TYR A 43 2.40 -2.87 -9.90
CA TYR A 43 1.81 -4.17 -10.23
C TYR A 43 0.71 -4.02 -11.26
N SER A 44 0.57 -2.81 -11.81
CA SER A 44 -0.45 -2.54 -12.81
C SER A 44 -1.83 -3.00 -12.33
N LEU A 45 -2.32 -2.36 -11.28
CA LEU A 45 -3.62 -2.69 -10.72
C LEU A 45 -4.71 -1.78 -11.28
N MET A 46 -5.93 -2.30 -11.34
CA MET A 46 -7.07 -1.53 -11.85
C MET A 46 -8.34 -1.85 -11.08
N GLU A 47 -9.35 -1.02 -11.26
CA GLU A 47 -10.63 -1.21 -10.58
C GLU A 47 -10.46 -1.10 -9.06
N ILE A 48 -9.51 -0.27 -8.64
CA ILE A 48 -9.25 -0.07 -7.22
C ILE A 48 -9.76 1.28 -6.75
N ASP A 49 -10.42 1.30 -5.59
CA ASP A 49 -10.95 2.53 -5.02
C ASP A 49 -9.98 3.14 -4.03
N THR A 50 -9.08 3.98 -4.52
CA THR A 50 -8.10 4.64 -3.67
C THR A 50 -8.76 5.55 -2.65
N SER A 51 -9.94 6.05 -2.99
CA SER A 51 -10.69 6.94 -2.11
C SER A 51 -10.96 6.26 -0.77
N PHE A 52 -11.21 4.95 -0.81
CA PHE A 52 -11.49 4.19 0.40
C PHE A 52 -10.37 4.37 1.43
N PHE A 53 -9.17 4.65 0.93
CA PHE A 53 -8.02 4.85 1.81
C PHE A 53 -7.57 6.31 1.80
N GLN A 54 -8.49 7.21 1.49
CA GLN A 54 -8.20 8.64 1.44
C GLN A 54 -7.81 9.16 2.82
N ASN A 55 -8.24 8.44 3.86
CA ASN A 55 -7.95 8.84 5.24
C ASN A 55 -7.76 7.62 6.12
N MET A 56 -7.30 6.52 5.53
CA MET A 56 -7.07 5.29 6.27
C MET A 56 -5.62 5.18 6.73
N ASP A 57 -5.39 5.56 7.99
CA ASP A 57 -4.04 5.51 8.56
C ASP A 57 -3.49 4.09 8.52
N GLY A 58 -2.17 3.99 8.43
CA GLY A 58 -1.53 2.68 8.38
C GLY A 58 -2.11 1.72 9.40
N LYS A 59 -2.48 2.23 10.56
CA LYS A 59 -3.04 1.40 11.62
C LYS A 59 -4.35 0.76 11.17
N GLU A 60 -5.23 1.57 10.56
CA GLU A 60 -6.51 1.07 10.08
C GLU A 60 -6.35 0.33 8.77
N LEU A 61 -5.17 0.45 8.16
CA LEU A 61 -4.89 -0.21 6.89
C LEU A 61 -4.31 -1.60 7.13
N CYS A 62 -3.51 -1.73 8.18
CA CYS A 62 -2.90 -3.02 8.51
C CYS A 62 -3.91 -3.94 9.19
N LYS A 63 -5.00 -3.36 9.68
CA LYS A 63 -6.04 -4.12 10.35
C LYS A 63 -7.08 -4.63 9.35
N MET A 64 -7.17 -3.95 8.22
CA MET A 64 -8.12 -4.34 7.19
C MET A 64 -7.98 -5.82 6.83
N ASN A 65 -9.07 -6.40 6.33
CA ASN A 65 -9.07 -7.81 5.96
C ASN A 65 -9.45 -7.99 4.49
N LYS A 66 -9.46 -9.24 4.04
CA LYS A 66 -9.82 -9.54 2.65
C LYS A 66 -11.14 -8.91 2.29
N GLU A 67 -12.12 -9.02 3.17
CA GLU A 67 -13.45 -8.46 2.94
C GLU A 67 -13.38 -6.93 2.84
N ASP A 68 -12.86 -6.31 3.89
CA ASP A 68 -12.73 -4.85 3.93
C ASP A 68 -11.97 -4.34 2.71
N PHE A 69 -11.02 -5.14 2.23
CA PHE A 69 -10.21 -4.76 1.07
C PHE A 69 -11.00 -4.98 -0.22
N LEU A 70 -11.80 -6.04 -0.24
CA LEU A 70 -12.60 -6.37 -1.43
C LEU A 70 -13.71 -5.33 -1.63
N ARG A 71 -14.02 -4.59 -0.58
CA ARG A 71 -15.05 -3.57 -0.63
C ARG A 71 -14.51 -2.27 -1.24
N ALA A 72 -13.24 -2.30 -1.62
CA ALA A 72 -12.61 -1.13 -2.22
C ALA A 72 -11.82 -1.50 -3.47
N THR A 73 -11.17 -2.65 -3.42
CA THR A 73 -10.38 -3.13 -4.57
C THR A 73 -10.85 -4.50 -5.03
N THR A 74 -10.59 -4.82 -6.29
CA THR A 74 -10.99 -6.10 -6.86
C THR A 74 -10.31 -7.26 -6.14
N LEU A 75 -10.80 -8.46 -6.38
CA LEU A 75 -10.24 -9.66 -5.77
C LEU A 75 -8.76 -9.81 -6.12
N TYR A 76 -8.46 -9.74 -7.41
CA TYR A 76 -7.08 -9.87 -7.88
C TYR A 76 -6.15 -8.95 -7.09
N ASN A 77 -6.53 -7.68 -7.00
CA ASN A 77 -5.73 -6.69 -6.27
C ASN A 77 -5.71 -7.00 -4.78
N THR A 78 -6.84 -7.49 -4.27
CA THR A 78 -6.95 -7.83 -2.85
C THR A 78 -5.89 -8.84 -2.44
N GLU A 79 -5.52 -9.71 -3.37
CA GLU A 79 -4.51 -10.74 -3.11
C GLU A 79 -3.11 -10.13 -3.08
N VAL A 80 -2.86 -9.18 -3.99
CA VAL A 80 -1.57 -8.53 -4.06
C VAL A 80 -1.30 -7.68 -2.82
N LEU A 81 -2.19 -6.74 -2.55
CA LEU A 81 -2.05 -5.87 -1.39
C LEU A 81 -1.84 -6.68 -0.12
N LEU A 82 -2.74 -7.62 0.14
CA LEU A 82 -2.65 -8.46 1.32
C LEU A 82 -1.30 -9.18 1.37
N SER A 83 -0.89 -9.73 0.23
CA SER A 83 0.38 -10.44 0.14
C SER A 83 1.55 -9.52 0.45
N HIS A 84 1.51 -8.31 -0.10
CA HIS A 84 2.56 -7.33 0.12
C HIS A 84 2.62 -6.91 1.58
N LEU A 85 1.52 -6.37 2.09
CA LEU A 85 1.45 -5.92 3.47
C LEU A 85 1.78 -7.08 4.43
N SER A 86 1.43 -8.29 4.02
CA SER A 86 1.69 -9.47 4.85
C SER A 86 3.15 -9.53 5.25
N TYR A 87 4.04 -9.26 4.29
CA TYR A 87 5.48 -9.30 4.55
C TYR A 87 5.91 -8.09 5.38
N LEU A 88 5.59 -6.90 4.89
CA LEU A 88 5.94 -5.67 5.59
C LEU A 88 5.47 -5.70 7.03
N ARG A 89 4.40 -6.44 7.28
CA ARG A 89 3.84 -6.56 8.63
C ARG A 89 4.66 -7.53 9.47
N GLU A 90 5.18 -8.57 8.81
CA GLU A 90 5.98 -9.57 9.50
C GLU A 90 7.47 -9.26 9.38
N SER A 91 7.80 -7.97 9.33
CA SER A 91 9.19 -7.54 9.20
C SER A 91 9.53 -6.50 10.27
N SER A 92 10.75 -6.00 10.21
CA SER A 92 11.21 -5.00 11.17
C SER A 92 11.17 -5.55 12.59
N SER A 93 11.67 -6.77 12.75
CA SER A 93 11.68 -7.42 14.06
C SER A 93 12.51 -6.61 15.06
N GLY A 94 13.55 -5.94 14.55
CA GLY A 94 14.39 -5.14 15.41
C GLY A 94 13.86 -3.74 15.62
N PRO A 95 14.49 -2.99 16.54
CA PRO A 95 14.08 -1.62 16.85
C PRO A 95 14.37 -0.65 15.71
N SER A 96 15.52 -0.84 15.06
CA SER A 96 15.92 0.02 13.96
C SER A 96 15.97 1.48 14.39
N SER A 97 16.74 1.75 15.43
CA SER A 97 16.88 3.11 15.96
C SER A 97 18.32 3.60 15.84
N GLY A 98 18.50 4.91 15.87
CA GLY A 98 19.83 5.48 15.77
C GLY A 98 19.80 6.98 15.53
N GLY A 1 25.86 0.62 14.48
CA GLY A 1 25.25 1.86 14.03
C GLY A 1 24.73 1.77 12.61
N SER A 2 23.83 2.68 12.25
CA SER A 2 23.26 2.69 10.91
C SER A 2 23.56 4.02 10.20
N SER A 3 23.03 4.16 8.99
CA SER A 3 23.24 5.37 8.21
C SER A 3 21.91 5.98 7.76
N GLY A 4 21.91 7.28 7.53
CA GLY A 4 20.70 7.96 7.10
C GLY A 4 19.74 8.22 8.24
N SER A 5 18.48 7.83 8.05
CA SER A 5 17.46 8.03 9.07
C SER A 5 16.47 6.86 9.07
N SER A 6 16.06 6.44 7.88
CA SER A 6 15.11 5.34 7.75
C SER A 6 15.79 4.10 7.16
N GLY A 7 16.54 4.31 6.08
CA GLY A 7 17.23 3.20 5.43
C GLY A 7 17.35 3.40 3.93
N PRO A 8 18.16 2.54 3.30
CA PRO A 8 18.39 2.60 1.85
C PRO A 8 17.17 2.18 1.05
N PRO A 9 17.20 2.45 -0.26
CA PRO A 9 16.09 2.10 -1.16
C PRO A 9 15.96 0.60 -1.36
N ASN A 10 14.85 0.04 -0.90
CA ASN A 10 14.60 -1.39 -1.03
C ASN A 10 13.76 -1.69 -2.27
N MET A 11 12.60 -1.03 -2.35
CA MET A 11 11.70 -1.22 -3.49
C MET A 11 12.33 -0.67 -4.77
N THR A 12 12.10 -1.37 -5.89
CA THR A 12 12.64 -0.95 -7.18
C THR A 12 11.57 -0.26 -8.01
N THR A 13 11.82 1.00 -8.36
CA THR A 13 10.88 1.77 -9.16
C THR A 13 11.60 2.79 -10.03
N ASN A 14 11.46 2.66 -11.34
CA ASN A 14 12.11 3.56 -12.28
C ASN A 14 11.58 4.98 -12.11
N GLU A 15 10.27 5.15 -12.26
CA GLU A 15 9.64 6.46 -12.12
C GLU A 15 8.61 6.44 -10.98
N ARG A 16 8.45 7.58 -10.33
CA ARG A 16 7.50 7.72 -9.22
C ARG A 16 7.75 6.63 -8.18
N ARG A 17 8.71 6.86 -7.31
CA ARG A 17 9.05 5.91 -6.26
C ARG A 17 8.69 6.46 -4.88
N VAL A 18 7.72 5.82 -4.23
CA VAL A 18 7.28 6.25 -2.91
C VAL A 18 8.32 5.92 -1.85
N ILE A 19 8.45 6.80 -0.87
CA ILE A 19 9.41 6.61 0.21
C ILE A 19 8.71 6.43 1.55
N VAL A 20 8.34 5.19 1.86
CA VAL A 20 7.67 4.88 3.12
C VAL A 20 8.48 3.91 3.96
N PRO A 21 8.30 3.97 5.29
CA PRO A 21 9.01 3.10 6.23
C PRO A 21 8.54 1.66 6.14
N ALA A 22 9.40 0.74 6.58
CA ALA A 22 9.08 -0.68 6.57
C ALA A 22 7.75 -0.96 7.28
N ASP A 23 7.74 -0.76 8.59
CA ASP A 23 6.55 -0.98 9.39
C ASP A 23 5.35 -0.24 8.80
N PRO A 24 4.40 -1.01 8.23
CA PRO A 24 3.20 -0.45 7.63
C PRO A 24 2.24 0.14 8.66
N THR A 25 2.55 -0.09 9.93
CA THR A 25 1.71 0.42 11.01
C THR A 25 2.05 1.87 11.33
N LEU A 26 3.27 2.27 11.00
CA LEU A 26 3.71 3.64 11.25
C LEU A 26 3.35 4.55 10.09
N TRP A 27 2.72 3.98 9.06
CA TRP A 27 2.32 4.74 7.89
C TRP A 27 1.25 5.77 8.25
N THR A 28 1.47 7.02 7.85
CA THR A 28 0.52 8.09 8.13
C THR A 28 -0.67 8.02 7.18
N GLN A 29 -1.62 8.94 7.38
CA GLN A 29 -2.82 8.98 6.53
C GLN A 29 -2.44 9.25 5.08
N GLU A 30 -1.23 9.75 4.87
CA GLU A 30 -0.76 10.05 3.52
C GLU A 30 0.05 8.87 2.95
N HIS A 31 0.85 8.24 3.80
CA HIS A 31 1.65 7.11 3.39
C HIS A 31 0.79 6.00 2.80
N VAL A 32 -0.24 5.59 3.55
CA VAL A 32 -1.14 4.55 3.09
C VAL A 32 -1.67 4.83 1.69
N ARG A 33 -1.84 6.12 1.38
CA ARG A 33 -2.34 6.54 0.08
C ARG A 33 -1.28 6.34 -0.99
N GLN A 34 -0.13 6.98 -0.81
CA GLN A 34 0.97 6.88 -1.76
C GLN A 34 1.28 5.41 -2.07
N TRP A 35 1.39 4.60 -1.03
CA TRP A 35 1.69 3.18 -1.19
C TRP A 35 0.67 2.52 -2.13
N LEU A 36 -0.58 2.91 -2.00
CA LEU A 36 -1.64 2.36 -2.84
C LEU A 36 -1.39 2.65 -4.31
N GLU A 37 -1.38 3.94 -4.65
CA GLU A 37 -1.14 4.36 -6.03
C GLU A 37 0.14 3.74 -6.57
N TRP A 38 1.09 3.47 -5.69
CA TRP A 38 2.36 2.87 -6.08
C TRP A 38 2.17 1.43 -6.53
N ALA A 39 1.70 0.58 -5.61
CA ALA A 39 1.48 -0.82 -5.92
C ALA A 39 0.63 -0.98 -7.18
N ILE A 40 -0.23 -0.01 -7.43
CA ILE A 40 -1.10 -0.04 -8.61
C ILE A 40 -0.30 0.18 -9.89
N LYS A 41 0.56 1.20 -9.88
CA LYS A 41 1.38 1.50 -11.04
C LYS A 41 2.53 0.52 -11.16
N GLU A 42 2.81 -0.20 -10.08
CA GLU A 42 3.90 -1.16 -10.07
C GLU A 42 3.40 -2.54 -10.54
N TYR A 43 2.32 -3.01 -9.91
CA TYR A 43 1.75 -4.30 -10.26
C TYR A 43 0.65 -4.15 -11.31
N SER A 44 0.52 -2.94 -11.85
CA SER A 44 -0.49 -2.66 -12.86
C SER A 44 -1.87 -3.11 -12.40
N LEU A 45 -2.43 -2.38 -11.43
CA LEU A 45 -3.74 -2.71 -10.89
C LEU A 45 -4.80 -1.75 -11.42
N MET A 46 -6.04 -2.22 -11.49
CA MET A 46 -7.15 -1.41 -11.98
C MET A 46 -8.43 -1.72 -11.22
N GLU A 47 -9.44 -0.87 -11.40
CA GLU A 47 -10.72 -1.06 -10.73
C GLU A 47 -10.57 -0.96 -9.22
N ILE A 48 -9.58 -0.18 -8.78
CA ILE A 48 -9.33 0.00 -7.36
C ILE A 48 -9.89 1.33 -6.86
N ASP A 49 -10.46 1.32 -5.66
CA ASP A 49 -11.03 2.53 -5.07
C ASP A 49 -10.06 3.15 -4.07
N THR A 50 -9.20 4.03 -4.55
CA THR A 50 -8.22 4.69 -3.69
C THR A 50 -8.91 5.57 -2.66
N SER A 51 -10.07 6.10 -3.03
CA SER A 51 -10.83 6.97 -2.12
C SER A 51 -11.11 6.28 -0.80
N PHE A 52 -11.19 4.94 -0.85
CA PHE A 52 -11.44 4.15 0.35
C PHE A 52 -10.28 4.24 1.33
N PHE A 53 -9.09 4.53 0.80
CA PHE A 53 -7.89 4.63 1.63
C PHE A 53 -7.38 6.08 1.65
N GLN A 54 -8.26 7.02 1.38
CA GLN A 54 -7.90 8.43 1.35
C GLN A 54 -7.53 8.91 2.75
N ASN A 55 -8.18 8.34 3.76
CA ASN A 55 -7.92 8.72 5.14
C ASN A 55 -7.74 7.48 6.02
N MET A 56 -7.14 6.44 5.45
CA MET A 56 -6.91 5.19 6.18
C MET A 56 -5.49 5.13 6.72
N ASP A 57 -5.33 5.44 8.00
CA ASP A 57 -4.03 5.42 8.64
C ASP A 57 -3.39 4.03 8.55
N GLY A 58 -2.07 3.99 8.52
CA GLY A 58 -1.37 2.72 8.43
C GLY A 58 -1.93 1.69 9.40
N LYS A 59 -2.36 2.15 10.56
CA LYS A 59 -2.92 1.26 11.58
C LYS A 59 -4.23 0.62 11.09
N GLU A 60 -5.09 1.45 10.49
CA GLU A 60 -6.36 0.97 9.98
C GLU A 60 -6.18 0.23 8.65
N LEU A 61 -4.99 0.35 8.08
CA LEU A 61 -4.68 -0.30 6.81
C LEU A 61 -4.14 -1.71 7.04
N CYS A 62 -3.39 -1.88 8.12
CA CYS A 62 -2.82 -3.18 8.46
C CYS A 62 -3.85 -4.07 9.13
N LYS A 63 -4.95 -3.47 9.59
CA LYS A 63 -6.01 -4.22 10.26
C LYS A 63 -7.03 -4.72 9.26
N MET A 64 -7.19 -3.99 8.16
CA MET A 64 -8.14 -4.36 7.11
C MET A 64 -7.92 -5.80 6.67
N ASN A 65 -9.00 -6.44 6.23
CA ASN A 65 -8.93 -7.82 5.78
C ASN A 65 -9.36 -7.94 4.31
N LYS A 66 -9.30 -9.17 3.78
CA LYS A 66 -9.68 -9.41 2.40
C LYS A 66 -11.07 -8.85 2.11
N GLU A 67 -11.97 -9.01 3.07
CA GLU A 67 -13.34 -8.51 2.92
C GLU A 67 -13.36 -6.99 2.84
N ASP A 68 -12.84 -6.34 3.88
CA ASP A 68 -12.79 -4.88 3.92
C ASP A 68 -12.06 -4.32 2.71
N PHE A 69 -11.10 -5.09 2.20
CA PHE A 69 -10.32 -4.66 1.04
C PHE A 69 -11.10 -4.89 -0.25
N LEU A 70 -11.90 -5.95 -0.28
CA LEU A 70 -12.70 -6.28 -1.46
C LEU A 70 -13.82 -5.25 -1.65
N ARG A 71 -14.12 -4.50 -0.61
CA ARG A 71 -15.15 -3.48 -0.67
C ARG A 71 -14.62 -2.19 -1.27
N ALA A 72 -13.35 -2.20 -1.66
CA ALA A 72 -12.71 -1.04 -2.26
C ALA A 72 -11.94 -1.41 -3.51
N THR A 73 -11.27 -2.56 -3.47
CA THR A 73 -10.48 -3.03 -4.60
C THR A 73 -10.93 -4.42 -5.04
N THR A 74 -10.67 -4.75 -6.30
CA THR A 74 -11.05 -6.04 -6.85
C THR A 74 -10.33 -7.17 -6.13
N LEU A 75 -10.82 -8.40 -6.33
CA LEU A 75 -10.23 -9.57 -5.69
C LEU A 75 -8.76 -9.71 -6.06
N TYR A 76 -8.48 -9.67 -7.35
CA TYR A 76 -7.11 -9.79 -7.84
C TYR A 76 -6.17 -8.83 -7.10
N ASN A 77 -6.56 -7.56 -7.05
CA ASN A 77 -5.76 -6.55 -6.37
C ASN A 77 -5.70 -6.83 -4.87
N THR A 78 -6.81 -7.31 -4.31
CA THR A 78 -6.89 -7.62 -2.90
C THR A 78 -5.80 -8.61 -2.49
N GLU A 79 -5.56 -9.61 -3.33
CA GLU A 79 -4.56 -10.62 -3.06
C GLU A 79 -3.15 -10.01 -3.08
N VAL A 80 -2.93 -9.08 -3.99
CA VAL A 80 -1.64 -8.41 -4.11
C VAL A 80 -1.33 -7.59 -2.87
N LEU A 81 -2.24 -6.67 -2.54
CA LEU A 81 -2.06 -5.81 -1.37
C LEU A 81 -1.87 -6.64 -0.10
N LEU A 82 -2.82 -7.52 0.16
CA LEU A 82 -2.75 -8.38 1.35
C LEU A 82 -1.44 -9.14 1.38
N SER A 83 -1.06 -9.74 0.26
CA SER A 83 0.18 -10.50 0.17
C SER A 83 1.38 -9.61 0.45
N HIS A 84 1.39 -8.43 -0.17
CA HIS A 84 2.49 -7.48 0.01
C HIS A 84 2.61 -7.05 1.48
N LEU A 85 1.52 -6.50 2.00
CA LEU A 85 1.50 -6.04 3.39
C LEU A 85 1.82 -7.18 4.35
N SER A 86 1.42 -8.40 3.97
CA SER A 86 1.67 -9.57 4.79
C SER A 86 3.15 -9.65 5.19
N TYR A 87 4.02 -9.15 4.32
CA TYR A 87 5.45 -9.18 4.58
C TYR A 87 5.89 -7.92 5.33
N LEU A 88 5.48 -6.77 4.84
CA LEU A 88 5.83 -5.50 5.46
C LEU A 88 5.43 -5.49 6.94
N ARG A 89 4.27 -6.06 7.23
CA ARG A 89 3.78 -6.13 8.61
C ARG A 89 4.71 -6.97 9.48
N GLU A 90 5.32 -7.99 8.87
CA GLU A 90 6.23 -8.87 9.59
C GLU A 90 7.68 -8.58 9.22
N SER A 91 7.94 -7.34 8.82
CA SER A 91 9.29 -6.93 8.43
C SER A 91 10.05 -6.36 9.64
N SER A 92 9.36 -5.54 10.42
CA SER A 92 9.98 -4.93 11.59
C SER A 92 9.53 -5.64 12.88
N SER A 93 8.22 -5.68 13.09
CA SER A 93 7.66 -6.32 14.28
C SER A 93 7.61 -7.84 14.10
N GLY A 94 7.59 -8.55 15.22
CA GLY A 94 7.53 -10.00 15.16
C GLY A 94 7.12 -10.62 16.49
N PRO A 95 5.84 -10.46 16.84
CA PRO A 95 5.29 -11.00 18.09
C PRO A 95 5.20 -12.52 18.07
N SER A 96 5.83 -13.15 19.06
CA SER A 96 5.81 -14.61 19.16
C SER A 96 4.52 -15.10 19.80
N SER A 97 4.09 -16.29 19.40
CA SER A 97 2.87 -16.87 19.94
C SER A 97 3.13 -17.60 21.25
N GLY A 98 2.06 -18.07 21.89
CA GLY A 98 2.21 -18.78 23.14
C GLY A 98 1.00 -18.61 24.04
N GLY A 1 17.85 16.17 4.90
CA GLY A 1 18.65 14.98 5.11
C GLY A 1 19.57 15.10 6.31
N SER A 2 19.18 14.44 7.40
CA SER A 2 19.99 14.48 8.62
C SER A 2 20.33 13.07 9.09
N SER A 3 21.47 12.57 8.63
CA SER A 3 21.93 11.23 9.00
C SER A 3 23.12 11.30 9.96
N GLY A 4 23.55 10.13 10.42
CA GLY A 4 24.68 10.08 11.34
C GLY A 4 24.79 8.74 12.04
N SER A 5 25.85 7.99 11.71
CA SER A 5 26.07 6.68 12.30
C SER A 5 24.92 5.74 11.98
N SER A 6 24.42 5.83 10.75
CA SER A 6 23.32 4.98 10.31
C SER A 6 23.48 4.59 8.85
N GLY A 7 22.62 3.70 8.37
CA GLY A 7 22.68 3.26 6.99
C GLY A 7 21.64 3.93 6.11
N PRO A 8 21.65 3.59 4.82
CA PRO A 8 20.71 4.16 3.85
C PRO A 8 19.28 3.66 4.07
N PRO A 9 18.32 4.31 3.40
CA PRO A 9 16.90 3.96 3.50
C PRO A 9 16.60 2.62 2.84
N ASN A 10 15.48 2.01 3.24
CA ASN A 10 15.07 0.72 2.70
C ASN A 10 14.68 0.86 1.22
N MET A 11 13.81 1.84 0.94
CA MET A 11 13.36 2.08 -0.42
C MET A 11 14.15 3.21 -1.07
N THR A 12 14.75 2.92 -2.21
CA THR A 12 15.55 3.92 -2.93
C THR A 12 14.69 4.64 -3.98
N THR A 13 14.93 5.94 -4.12
CA THR A 13 14.19 6.75 -5.09
C THR A 13 14.92 6.83 -6.42
N ASN A 14 14.24 7.35 -7.43
CA ASN A 14 14.83 7.47 -8.76
C ASN A 14 14.19 8.62 -9.53
N GLU A 15 12.86 8.70 -9.49
CA GLU A 15 12.13 9.75 -10.18
C GLU A 15 10.68 9.78 -9.73
N ARG A 16 10.03 8.61 -9.71
CA ARG A 16 8.64 8.52 -9.31
C ARG A 16 8.44 7.34 -8.36
N ARG A 17 9.22 7.30 -7.28
CA ARG A 17 9.13 6.23 -6.30
C ARG A 17 8.70 6.77 -4.95
N VAL A 18 7.88 6.01 -4.24
CA VAL A 18 7.39 6.41 -2.93
C VAL A 18 8.42 6.11 -1.84
N ILE A 19 8.51 6.98 -0.84
CA ILE A 19 9.45 6.81 0.26
C ILE A 19 8.71 6.64 1.58
N VAL A 20 8.35 5.39 1.90
CA VAL A 20 7.65 5.09 3.14
C VAL A 20 8.45 4.13 4.00
N PRO A 21 8.23 4.19 5.33
CA PRO A 21 8.93 3.33 6.29
C PRO A 21 8.48 1.88 6.19
N ALA A 22 9.36 0.96 6.57
CA ALA A 22 9.06 -0.46 6.53
C ALA A 22 7.74 -0.76 7.24
N ASP A 23 7.73 -0.57 8.55
CA ASP A 23 6.54 -0.82 9.36
C ASP A 23 5.33 -0.11 8.76
N PRO A 24 4.40 -0.89 8.19
CA PRO A 24 3.18 -0.36 7.58
C PRO A 24 2.21 0.21 8.61
N THR A 25 2.51 -0.02 9.89
CA THR A 25 1.67 0.47 10.97
C THR A 25 1.97 1.93 11.29
N LEU A 26 3.19 2.35 10.98
CA LEU A 26 3.61 3.73 11.24
C LEU A 26 3.23 4.65 10.07
N TRP A 27 2.61 4.06 9.05
CA TRP A 27 2.19 4.83 7.89
C TRP A 27 1.09 5.82 8.25
N THR A 28 1.29 7.08 7.88
CA THR A 28 0.33 8.12 8.18
C THR A 28 -0.87 8.05 7.25
N GLN A 29 -1.83 8.95 7.44
CA GLN A 29 -3.04 8.97 6.61
C GLN A 29 -2.68 9.22 5.15
N GLU A 30 -1.47 9.74 4.92
CA GLU A 30 -1.01 10.03 3.57
C GLU A 30 -0.20 8.86 3.01
N HIS A 31 0.68 8.32 3.84
CA HIS A 31 1.53 7.20 3.43
C HIS A 31 0.69 6.08 2.83
N VAL A 32 -0.33 5.66 3.56
CA VAL A 32 -1.22 4.59 3.11
C VAL A 32 -1.72 4.86 1.70
N ARG A 33 -1.87 6.14 1.36
CA ARG A 33 -2.35 6.53 0.04
C ARG A 33 -1.25 6.38 -1.00
N GLN A 34 -0.11 7.01 -0.76
CA GLN A 34 1.02 6.95 -1.69
C GLN A 34 1.36 5.50 -2.01
N TRP A 35 1.39 4.66 -0.98
CA TRP A 35 1.71 3.24 -1.16
C TRP A 35 0.73 2.59 -2.14
N LEU A 36 -0.54 2.94 -2.03
CA LEU A 36 -1.56 2.39 -2.90
C LEU A 36 -1.28 2.72 -4.36
N GLU A 37 -1.25 4.02 -4.67
CA GLU A 37 -0.99 4.47 -6.03
C GLU A 37 0.28 3.85 -6.57
N TRP A 38 1.22 3.54 -5.68
CA TRP A 38 2.48 2.94 -6.07
C TRP A 38 2.28 1.49 -6.50
N ALA A 39 1.82 0.67 -5.58
CA ALA A 39 1.58 -0.75 -5.87
C ALA A 39 0.74 -0.91 -7.14
N ILE A 40 -0.13 0.06 -7.40
CA ILE A 40 -1.00 0.02 -8.57
C ILE A 40 -0.19 0.22 -9.85
N LYS A 41 0.65 1.25 -9.85
CA LYS A 41 1.48 1.56 -11.01
C LYS A 41 2.62 0.56 -11.15
N GLU A 42 2.93 -0.14 -10.06
CA GLU A 42 3.99 -1.13 -10.05
C GLU A 42 3.48 -2.49 -10.51
N TYR A 43 2.44 -2.99 -9.84
CA TYR A 43 1.86 -4.27 -10.18
C TYR A 43 0.77 -4.12 -11.24
N SER A 44 0.65 -2.91 -11.79
CA SER A 44 -0.34 -2.63 -12.82
C SER A 44 -1.73 -3.08 -12.36
N LEU A 45 -2.26 -2.40 -11.36
CA LEU A 45 -3.58 -2.73 -10.83
C LEU A 45 -4.64 -1.79 -11.39
N MET A 46 -5.88 -2.27 -11.47
CA MET A 46 -6.98 -1.46 -11.98
C MET A 46 -8.27 -1.78 -11.23
N GLU A 47 -9.27 -0.92 -11.42
CA GLU A 47 -10.56 -1.11 -10.76
C GLU A 47 -10.41 -1.01 -9.24
N ILE A 48 -9.45 -0.21 -8.79
CA ILE A 48 -9.20 -0.03 -7.37
C ILE A 48 -9.73 1.32 -6.89
N ASP A 49 -10.40 1.32 -5.74
CA ASP A 49 -10.95 2.54 -5.16
C ASP A 49 -9.99 3.14 -4.15
N THR A 50 -9.09 4.00 -4.63
CA THR A 50 -8.11 4.65 -3.76
C THR A 50 -8.79 5.57 -2.76
N SER A 51 -10.00 6.03 -3.11
CA SER A 51 -10.75 6.92 -2.24
C SER A 51 -11.06 6.25 -0.90
N PHE A 52 -11.10 4.93 -0.91
CA PHE A 52 -11.39 4.17 0.31
C PHE A 52 -10.21 4.26 1.28
N PHE A 53 -9.02 4.50 0.76
CA PHE A 53 -7.83 4.61 1.59
C PHE A 53 -7.37 6.06 1.70
N GLN A 54 -8.22 6.98 1.25
CA GLN A 54 -7.91 8.41 1.30
C GLN A 54 -7.72 8.88 2.74
N ASN A 55 -8.37 8.19 3.67
CA ASN A 55 -8.27 8.54 5.08
C ASN A 55 -8.09 7.29 5.94
N MET A 56 -7.31 6.34 5.44
CA MET A 56 -7.05 5.10 6.17
C MET A 56 -5.63 5.05 6.70
N ASP A 57 -5.47 5.36 7.98
CA ASP A 57 -4.17 5.36 8.62
C ASP A 57 -3.52 3.98 8.52
N GLY A 58 -2.19 3.96 8.49
CA GLY A 58 -1.47 2.70 8.39
C GLY A 58 -1.99 1.65 9.35
N LYS A 59 -2.45 2.10 10.52
CA LYS A 59 -2.98 1.20 11.53
C LYS A 59 -4.27 0.54 11.05
N GLU A 60 -5.15 1.33 10.44
CA GLU A 60 -6.41 0.82 9.93
C GLU A 60 -6.22 0.10 8.60
N LEU A 61 -5.03 0.24 8.03
CA LEU A 61 -4.71 -0.41 6.76
C LEU A 61 -4.13 -1.80 6.99
N CYS A 62 -3.36 -1.94 8.07
CA CYS A 62 -2.74 -3.23 8.40
C CYS A 62 -3.77 -4.15 9.06
N LYS A 63 -4.87 -3.58 9.51
CA LYS A 63 -5.93 -4.36 10.16
C LYS A 63 -6.95 -4.85 9.14
N MET A 64 -7.07 -4.13 8.03
CA MET A 64 -8.02 -4.49 6.98
C MET A 64 -7.83 -5.94 6.56
N ASN A 65 -8.92 -6.58 6.14
CA ASN A 65 -8.87 -7.97 5.72
C ASN A 65 -9.34 -8.11 4.27
N LYS A 66 -9.35 -9.34 3.77
CA LYS A 66 -9.78 -9.61 2.40
C LYS A 66 -11.14 -8.98 2.13
N GLU A 67 -12.03 -9.06 3.12
CA GLU A 67 -13.37 -8.52 2.98
C GLU A 67 -13.33 -6.99 2.90
N ASP A 68 -12.77 -6.36 3.94
CA ASP A 68 -12.67 -4.91 3.98
C ASP A 68 -11.92 -4.38 2.77
N PHE A 69 -11.07 -5.22 2.19
CA PHE A 69 -10.29 -4.85 1.01
C PHE A 69 -11.10 -5.01 -0.26
N LEU A 70 -11.97 -6.01 -0.28
CA LEU A 70 -12.82 -6.28 -1.45
C LEU A 70 -13.87 -5.19 -1.61
N ARG A 71 -14.12 -4.44 -0.54
CA ARG A 71 -15.11 -3.37 -0.57
C ARG A 71 -14.50 -2.08 -1.12
N ALA A 72 -13.24 -2.17 -1.55
CA ALA A 72 -12.55 -1.01 -2.10
C ALA A 72 -11.81 -1.38 -3.38
N THR A 73 -11.21 -2.57 -3.40
CA THR A 73 -10.47 -3.04 -4.56
C THR A 73 -10.95 -4.43 -4.99
N THR A 74 -10.72 -4.75 -6.26
CA THR A 74 -11.12 -6.04 -6.80
C THR A 74 -10.42 -7.19 -6.09
N LEU A 75 -11.01 -8.38 -6.16
CA LEU A 75 -10.43 -9.56 -5.53
C LEU A 75 -8.97 -9.73 -5.91
N TYR A 76 -8.69 -9.67 -7.21
CA TYR A 76 -7.33 -9.82 -7.71
C TYR A 76 -6.38 -8.90 -6.96
N ASN A 77 -6.68 -7.61 -6.95
CA ASN A 77 -5.85 -6.62 -6.27
C ASN A 77 -5.85 -6.87 -4.77
N THR A 78 -6.96 -7.37 -4.25
CA THR A 78 -7.08 -7.64 -2.83
C THR A 78 -6.09 -8.71 -2.38
N GLU A 79 -5.71 -9.58 -3.31
CA GLU A 79 -4.75 -10.65 -3.02
C GLU A 79 -3.32 -10.12 -3.05
N VAL A 80 -3.07 -9.18 -3.95
CA VAL A 80 -1.74 -8.59 -4.09
C VAL A 80 -1.41 -7.70 -2.90
N LEU A 81 -2.24 -6.68 -2.69
CA LEU A 81 -2.03 -5.75 -1.58
C LEU A 81 -1.85 -6.49 -0.26
N LEU A 82 -2.84 -7.30 0.10
CA LEU A 82 -2.79 -8.07 1.34
C LEU A 82 -1.49 -8.87 1.42
N SER A 83 -1.17 -9.56 0.33
CA SER A 83 0.05 -10.37 0.28
C SER A 83 1.29 -9.52 0.53
N HIS A 84 1.35 -8.38 -0.14
CA HIS A 84 2.48 -7.46 0.01
C HIS A 84 2.65 -7.03 1.46
N LEU A 85 1.59 -6.47 2.03
CA LEU A 85 1.62 -6.01 3.41
C LEU A 85 1.93 -7.17 4.36
N SER A 86 1.49 -8.37 3.99
CA SER A 86 1.72 -9.55 4.81
C SER A 86 3.21 -9.69 5.16
N TYR A 87 4.06 -9.20 4.28
CA TYR A 87 5.51 -9.26 4.49
C TYR A 87 5.99 -8.05 5.28
N LEU A 88 5.61 -6.87 4.83
CA LEU A 88 6.01 -5.63 5.48
C LEU A 88 5.63 -5.65 6.96
N ARG A 89 4.38 -6.02 7.24
CA ARG A 89 3.90 -6.08 8.61
C ARG A 89 4.83 -6.92 9.48
N GLU A 90 5.48 -7.91 8.87
CA GLU A 90 6.39 -8.77 9.60
C GLU A 90 7.84 -8.39 9.31
N SER A 91 8.10 -7.09 9.18
CA SER A 91 9.44 -6.60 8.90
C SER A 91 9.83 -5.50 9.89
N SER A 92 11.02 -4.95 9.71
CA SER A 92 11.52 -3.89 10.59
C SER A 92 11.65 -4.40 12.02
N SER A 93 11.89 -5.69 12.17
CA SER A 93 12.03 -6.30 13.49
C SER A 93 13.47 -6.73 13.74
N GLY A 94 14.11 -6.09 14.71
CA GLY A 94 15.49 -6.43 15.03
C GLY A 94 16.32 -5.20 15.34
N PRO A 95 17.53 -5.42 15.87
CA PRO A 95 18.46 -4.34 16.21
C PRO A 95 19.02 -3.64 14.98
N SER A 96 19.18 -2.32 15.08
CA SER A 96 19.70 -1.53 13.96
C SER A 96 21.04 -2.09 13.48
N SER A 97 21.04 -2.70 12.30
CA SER A 97 22.25 -3.27 11.74
C SER A 97 22.52 -2.71 10.35
N GLY A 98 23.70 -3.02 9.82
CA GLY A 98 24.06 -2.54 8.49
C GLY A 98 24.19 -1.03 8.44
N GLY A 1 10.15 -0.43 -18.59
CA GLY A 1 9.81 0.75 -19.36
C GLY A 1 8.33 0.83 -19.66
N SER A 2 7.54 1.11 -18.63
CA SER A 2 6.09 1.21 -18.78
C SER A 2 5.60 2.60 -18.40
N SER A 3 4.37 2.91 -18.79
CA SER A 3 3.77 4.22 -18.50
C SER A 3 2.29 4.09 -18.20
N GLY A 4 1.81 4.89 -17.24
CA GLY A 4 0.40 4.84 -16.88
C GLY A 4 -0.37 6.03 -17.41
N SER A 5 -1.02 5.84 -18.56
CA SER A 5 -1.79 6.90 -19.18
C SER A 5 -0.90 8.08 -19.55
N SER A 6 -1.45 9.00 -20.34
CA SER A 6 -0.71 10.18 -20.77
C SER A 6 -0.38 11.08 -19.57
N GLY A 7 0.49 12.06 -19.80
CA GLY A 7 0.87 12.97 -18.74
C GLY A 7 1.74 12.31 -17.68
N PRO A 8 2.23 13.11 -16.73
CA PRO A 8 3.08 12.60 -15.63
C PRO A 8 2.30 11.74 -14.65
N PRO A 9 3.04 11.04 -13.78
CA PRO A 9 2.44 10.16 -12.77
C PRO A 9 1.71 10.93 -11.68
N ASN A 10 0.99 10.22 -10.82
CA ASN A 10 0.25 10.84 -9.74
C ASN A 10 0.99 10.68 -8.41
N MET A 11 1.67 9.55 -8.25
CA MET A 11 2.41 9.28 -7.03
C MET A 11 3.41 10.39 -6.74
N THR A 12 3.53 10.75 -5.46
CA THR A 12 4.45 11.80 -5.05
C THR A 12 5.61 11.25 -4.23
N THR A 13 6.80 11.26 -4.80
CA THR A 13 7.98 10.75 -4.13
C THR A 13 9.24 10.98 -4.97
N ASN A 14 10.39 10.67 -4.39
CA ASN A 14 11.66 10.84 -5.09
C ASN A 14 11.63 10.17 -6.46
N GLU A 15 12.37 10.73 -7.40
CA GLU A 15 12.43 10.19 -8.76
C GLU A 15 13.26 8.91 -8.80
N ARG A 16 12.68 7.81 -8.32
CA ARG A 16 13.37 6.54 -8.30
C ARG A 16 12.47 5.45 -7.71
N ARG A 17 11.84 5.75 -6.59
CA ARG A 17 10.96 4.80 -5.92
C ARG A 17 10.30 5.43 -4.69
N VAL A 18 9.26 4.79 -4.18
CA VAL A 18 8.55 5.28 -3.01
C VAL A 18 9.45 5.32 -1.80
N ILE A 19 9.16 6.24 -0.88
CA ILE A 19 9.95 6.38 0.34
C ILE A 19 9.08 6.26 1.58
N VAL A 20 8.90 5.02 2.03
CA VAL A 20 8.10 4.76 3.22
C VAL A 20 8.80 3.79 4.16
N PRO A 21 8.45 3.87 5.47
CA PRO A 21 9.04 3.01 6.49
C PRO A 21 8.59 1.55 6.36
N ALA A 22 9.46 0.64 6.77
CA ALA A 22 9.15 -0.79 6.69
C ALA A 22 7.81 -1.09 7.35
N ASP A 23 7.72 -0.86 8.65
CA ASP A 23 6.49 -1.11 9.39
C ASP A 23 5.33 -0.31 8.80
N PRO A 24 4.37 -1.03 8.20
CA PRO A 24 3.19 -0.39 7.59
C PRO A 24 2.24 0.19 8.63
N THR A 25 2.38 -0.27 9.86
CA THR A 25 1.52 0.21 10.96
C THR A 25 1.88 1.65 11.33
N LEU A 26 3.08 2.07 10.95
CA LEU A 26 3.53 3.42 11.25
C LEU A 26 3.19 4.38 10.12
N TRP A 27 2.69 3.84 9.02
CA TRP A 27 2.31 4.66 7.87
C TRP A 27 1.26 5.69 8.26
N THR A 28 1.49 6.93 7.84
CA THR A 28 0.55 8.02 8.14
C THR A 28 -0.63 8.01 7.19
N GLN A 29 -1.53 8.96 7.37
CA GLN A 29 -2.73 9.05 6.53
C GLN A 29 -2.35 9.30 5.07
N GLU A 30 -1.11 9.74 4.86
CA GLU A 30 -0.62 10.02 3.51
C GLU A 30 0.14 8.82 2.95
N HIS A 31 0.98 8.21 3.79
CA HIS A 31 1.76 7.06 3.39
C HIS A 31 0.87 5.97 2.78
N VAL A 32 -0.18 5.60 3.52
CA VAL A 32 -1.11 4.58 3.07
C VAL A 32 -1.59 4.87 1.65
N ARG A 33 -1.77 6.16 1.34
CA ARG A 33 -2.23 6.58 0.03
C ARG A 33 -1.14 6.41 -1.01
N GLN A 34 0.03 6.98 -0.74
CA GLN A 34 1.17 6.89 -1.65
C GLN A 34 1.46 5.45 -2.02
N TRP A 35 1.58 4.60 -1.01
CA TRP A 35 1.86 3.18 -1.22
C TRP A 35 0.82 2.56 -2.12
N LEU A 36 -0.43 2.98 -1.97
CA LEU A 36 -1.52 2.46 -2.78
C LEU A 36 -1.31 2.75 -4.26
N GLU A 37 -1.21 4.04 -4.58
CA GLU A 37 -1.01 4.46 -5.96
C GLU A 37 0.24 3.79 -6.55
N TRP A 38 1.17 3.44 -5.69
CA TRP A 38 2.40 2.79 -6.13
C TRP A 38 2.14 1.36 -6.58
N ALA A 39 1.62 0.54 -5.66
CA ALA A 39 1.31 -0.85 -5.98
C ALA A 39 0.43 -0.96 -7.21
N ILE A 40 -0.36 0.08 -7.46
CA ILE A 40 -1.25 0.11 -8.61
C ILE A 40 -0.47 0.30 -9.91
N LYS A 41 0.26 1.40 -10.01
CA LYS A 41 1.05 1.70 -11.19
C LYS A 41 2.23 0.73 -11.31
N GLU A 42 2.48 -0.03 -10.25
CA GLU A 42 3.58 -0.99 -10.25
C GLU A 42 3.09 -2.38 -10.65
N TYR A 43 2.02 -2.83 -10.01
CA TYR A 43 1.46 -4.14 -10.29
C TYR A 43 0.36 -4.04 -11.36
N SER A 44 0.29 -2.88 -12.01
CA SER A 44 -0.70 -2.65 -13.05
C SER A 44 -2.10 -3.00 -12.56
N LEU A 45 -2.47 -2.43 -11.41
CA LEU A 45 -3.78 -2.68 -10.82
C LEU A 45 -4.82 -1.72 -11.38
N MET A 46 -6.07 -2.17 -11.45
CA MET A 46 -7.15 -1.35 -11.97
C MET A 46 -8.45 -1.63 -11.21
N GLU A 47 -9.43 -0.76 -11.39
CA GLU A 47 -10.73 -0.92 -10.74
C GLU A 47 -10.58 -0.83 -9.22
N ILE A 48 -9.54 -0.12 -8.77
CA ILE A 48 -9.28 0.04 -7.35
C ILE A 48 -9.81 1.37 -6.84
N ASP A 49 -10.46 1.35 -5.69
CA ASP A 49 -11.01 2.55 -5.08
C ASP A 49 -10.01 3.19 -4.12
N THR A 50 -9.23 4.13 -4.61
CA THR A 50 -8.24 4.81 -3.79
C THR A 50 -8.90 5.74 -2.78
N SER A 51 -10.11 6.20 -3.10
CA SER A 51 -10.85 7.09 -2.22
C SER A 51 -11.16 6.42 -0.90
N PHE A 52 -11.23 5.08 -0.92
CA PHE A 52 -11.52 4.31 0.29
C PHE A 52 -10.36 4.38 1.28
N PHE A 53 -9.16 4.64 0.75
CA PHE A 53 -7.97 4.73 1.59
C PHE A 53 -7.44 6.17 1.64
N GLN A 54 -8.33 7.13 1.34
CA GLN A 54 -7.95 8.53 1.35
C GLN A 54 -7.67 9.01 2.77
N ASN A 55 -8.27 8.34 3.75
CA ASN A 55 -8.09 8.70 5.14
C ASN A 55 -7.91 7.45 6.01
N MET A 56 -7.18 6.47 5.48
CA MET A 56 -6.95 5.23 6.20
C MET A 56 -5.51 5.16 6.71
N ASP A 57 -5.32 5.49 7.98
CA ASP A 57 -4.00 5.47 8.59
C ASP A 57 -3.38 4.07 8.50
N GLY A 58 -2.06 4.02 8.43
CA GLY A 58 -1.37 2.74 8.35
C GLY A 58 -1.95 1.71 9.31
N LYS A 59 -2.34 2.16 10.49
CA LYS A 59 -2.91 1.27 11.50
C LYS A 59 -4.17 0.60 10.98
N GLU A 60 -5.08 1.40 10.42
CA GLU A 60 -6.33 0.89 9.89
C GLU A 60 -6.10 0.13 8.58
N LEU A 61 -4.89 0.27 8.04
CA LEU A 61 -4.55 -0.39 6.79
C LEU A 61 -4.02 -1.80 7.05
N CYS A 62 -3.42 -2.00 8.22
CA CYS A 62 -2.87 -3.30 8.60
C CYS A 62 -3.94 -4.17 9.23
N LYS A 63 -5.04 -3.55 9.65
CA LYS A 63 -6.13 -4.27 10.28
C LYS A 63 -7.13 -4.77 9.23
N MET A 64 -7.25 -4.02 8.13
CA MET A 64 -8.16 -4.39 7.06
C MET A 64 -7.95 -5.83 6.63
N ASN A 65 -9.02 -6.48 6.16
CA ASN A 65 -8.94 -7.86 5.72
C ASN A 65 -9.37 -7.99 4.26
N LYS A 66 -9.31 -9.20 3.73
CA LYS A 66 -9.69 -9.46 2.35
C LYS A 66 -11.07 -8.89 2.05
N GLU A 67 -11.97 -8.98 3.02
CA GLU A 67 -13.33 -8.47 2.87
C GLU A 67 -13.32 -6.94 2.79
N ASP A 68 -12.83 -6.31 3.84
CA ASP A 68 -12.77 -4.85 3.90
C ASP A 68 -12.04 -4.29 2.70
N PHE A 69 -11.11 -5.08 2.15
CA PHE A 69 -10.34 -4.66 0.99
C PHE A 69 -11.10 -4.91 -0.31
N LEU A 70 -11.92 -5.96 -0.31
CA LEU A 70 -12.70 -6.32 -1.48
C LEU A 70 -13.81 -5.29 -1.73
N ARG A 71 -14.13 -4.51 -0.69
CA ARG A 71 -15.16 -3.50 -0.79
C ARG A 71 -14.60 -2.21 -1.41
N ALA A 72 -13.32 -2.25 -1.78
CA ALA A 72 -12.67 -1.09 -2.38
C ALA A 72 -11.88 -1.49 -3.62
N THR A 73 -11.22 -2.65 -3.55
CA THR A 73 -10.43 -3.14 -4.68
C THR A 73 -10.89 -4.54 -5.09
N THR A 74 -10.61 -4.89 -6.34
CA THR A 74 -10.99 -6.20 -6.87
C THR A 74 -10.28 -7.31 -6.11
N LEU A 75 -10.75 -8.54 -6.30
CA LEU A 75 -10.16 -9.70 -5.63
C LEU A 75 -8.69 -9.83 -5.98
N TYR A 76 -8.39 -9.82 -7.27
CA TYR A 76 -7.00 -9.95 -7.73
C TYR A 76 -6.10 -8.96 -7.00
N ASN A 77 -6.49 -7.69 -6.99
CA ASN A 77 -5.71 -6.66 -6.33
C ASN A 77 -5.65 -6.90 -4.82
N THR A 78 -6.75 -7.40 -4.26
CA THR A 78 -6.83 -7.67 -2.84
C THR A 78 -5.75 -8.67 -2.41
N GLU A 79 -5.52 -9.68 -3.25
CA GLU A 79 -4.51 -10.69 -2.96
C GLU A 79 -3.11 -10.09 -2.97
N VAL A 80 -2.88 -9.15 -3.89
CA VAL A 80 -1.59 -8.50 -4.02
C VAL A 80 -1.29 -7.64 -2.80
N LEU A 81 -2.21 -6.72 -2.49
CA LEU A 81 -2.04 -5.84 -1.35
C LEU A 81 -1.85 -6.63 -0.05
N LEU A 82 -2.79 -7.52 0.23
CA LEU A 82 -2.73 -8.36 1.42
C LEU A 82 -1.40 -9.11 1.50
N SER A 83 -1.03 -9.74 0.38
CA SER A 83 0.21 -10.48 0.32
C SER A 83 1.42 -9.58 0.58
N HIS A 84 1.42 -8.42 -0.06
CA HIS A 84 2.51 -7.46 0.11
C HIS A 84 2.61 -6.99 1.55
N LEU A 85 1.52 -6.44 2.07
CA LEU A 85 1.48 -5.96 3.44
C LEU A 85 1.80 -7.08 4.43
N SER A 86 1.36 -8.29 4.10
CA SER A 86 1.59 -9.44 4.96
C SER A 86 3.07 -9.57 5.30
N TYR A 87 3.93 -9.13 4.39
CA TYR A 87 5.37 -9.19 4.60
C TYR A 87 5.87 -7.97 5.36
N LEU A 88 5.55 -6.79 4.83
CA LEU A 88 5.96 -5.53 5.46
C LEU A 88 5.52 -5.48 6.92
N ARG A 89 4.43 -6.19 7.22
CA ARG A 89 3.90 -6.22 8.59
C ARG A 89 4.82 -7.03 9.50
N GLU A 90 5.39 -8.10 8.96
CA GLU A 90 6.29 -8.96 9.74
C GLU A 90 7.75 -8.60 9.47
N SER A 91 7.98 -7.33 9.11
CA SER A 91 9.33 -6.87 8.83
C SER A 91 9.79 -5.86 9.89
N SER A 92 9.83 -6.32 11.14
CA SER A 92 10.24 -5.47 12.24
C SER A 92 10.31 -6.27 13.55
N SER A 93 9.33 -7.13 13.76
CA SER A 93 9.28 -7.95 14.97
C SER A 93 9.32 -9.44 14.61
N GLY A 94 9.89 -10.24 15.51
CA GLY A 94 9.99 -11.67 15.28
C GLY A 94 11.30 -12.06 14.63
N PRO A 95 11.38 -13.32 14.16
CA PRO A 95 12.57 -13.84 13.51
C PRO A 95 12.82 -13.20 12.15
N SER A 96 13.41 -12.02 12.14
CA SER A 96 13.69 -11.30 10.90
C SER A 96 14.91 -10.40 11.06
N SER A 97 16.04 -11.01 11.41
CA SER A 97 17.28 -10.27 11.60
C SER A 97 18.28 -10.58 10.49
N GLY A 98 18.56 -9.60 9.64
CA GLY A 98 19.50 -9.80 8.56
C GLY A 98 20.17 -8.51 8.13
N GLY A 1 -3.46 -1.03 -27.86
CA GLY A 1 -2.38 -0.44 -27.10
C GLY A 1 -2.84 0.17 -25.79
N SER A 2 -2.05 -0.04 -24.74
CA SER A 2 -2.39 0.49 -23.43
C SER A 2 -1.62 1.77 -23.13
N SER A 3 -2.32 2.89 -23.17
CA SER A 3 -1.70 4.19 -22.91
C SER A 3 -2.75 5.28 -22.79
N GLY A 4 -3.57 5.44 -23.83
CA GLY A 4 -4.61 6.45 -23.81
C GLY A 4 -4.11 7.80 -24.28
N SER A 5 -4.85 8.86 -23.94
CA SER A 5 -4.47 10.20 -24.35
C SER A 5 -3.80 10.96 -23.19
N SER A 6 -4.53 11.09 -22.09
CA SER A 6 -4.02 11.79 -20.91
C SER A 6 -3.92 10.84 -19.71
N GLY A 7 -4.92 9.98 -19.57
CA GLY A 7 -4.93 9.04 -18.47
C GLY A 7 -4.93 9.72 -17.12
N PRO A 8 -5.21 8.94 -16.05
CA PRO A 8 -5.25 9.47 -14.69
C PRO A 8 -3.87 9.84 -14.17
N PRO A 9 -3.83 10.56 -13.03
CA PRO A 9 -2.58 10.99 -12.41
C PRO A 9 -1.79 9.83 -11.82
N ASN A 10 -0.48 9.84 -12.04
CA ASN A 10 0.39 8.79 -11.53
C ASN A 10 0.89 9.12 -10.13
N MET A 11 1.58 8.18 -9.51
CA MET A 11 2.11 8.37 -8.16
C MET A 11 3.37 9.23 -8.20
N THR A 12 3.39 10.28 -7.39
CA THR A 12 4.54 11.18 -7.33
C THR A 12 5.57 10.68 -6.33
N THR A 13 6.71 10.23 -6.84
CA THR A 13 7.78 9.73 -6.00
C THR A 13 9.04 10.59 -6.13
N ASN A 14 9.17 11.27 -7.26
CA ASN A 14 10.33 12.13 -7.51
C ASN A 14 11.62 11.31 -7.54
N GLU A 15 11.50 10.03 -7.87
CA GLU A 15 12.66 9.14 -7.94
C GLU A 15 12.34 7.89 -8.75
N ARG A 16 11.56 6.98 -8.16
CA ARG A 16 11.18 5.75 -8.83
C ARG A 16 10.28 4.91 -7.93
N ARG A 17 10.62 4.83 -6.65
CA ARG A 17 9.84 4.05 -5.70
C ARG A 17 9.42 4.92 -4.50
N VAL A 18 8.30 4.57 -3.90
CA VAL A 18 7.79 5.31 -2.74
C VAL A 18 8.81 5.35 -1.62
N ILE A 19 8.79 6.43 -0.85
CA ILE A 19 9.72 6.59 0.27
C ILE A 19 9.00 6.44 1.61
N VAL A 20 8.47 5.25 1.86
CA VAL A 20 7.77 4.96 3.10
C VAL A 20 8.56 4.01 3.98
N PRO A 21 8.33 4.08 5.30
CA PRO A 21 9.01 3.23 6.28
C PRO A 21 8.57 1.77 6.18
N ALA A 22 9.46 0.87 6.59
CA ALA A 22 9.17 -0.56 6.55
C ALA A 22 7.84 -0.87 7.23
N ASP A 23 7.79 -0.67 8.54
CA ASP A 23 6.58 -0.92 9.32
C ASP A 23 5.38 -0.23 8.68
N PRO A 24 4.48 -1.04 8.08
CA PRO A 24 3.28 -0.52 7.43
C PRO A 24 2.26 0.03 8.44
N THR A 25 2.44 -0.32 9.70
CA THR A 25 1.55 0.15 10.76
C THR A 25 1.87 1.59 11.16
N LEU A 26 3.10 2.01 10.89
CA LEU A 26 3.53 3.37 11.22
C LEU A 26 3.16 4.34 10.11
N TRP A 27 2.67 3.80 9.00
CA TRP A 27 2.28 4.63 7.86
C TRP A 27 1.22 5.65 8.26
N THR A 28 1.43 6.90 7.83
CA THR A 28 0.49 7.97 8.15
C THR A 28 -0.70 7.96 7.20
N GLN A 29 -1.62 8.89 7.40
CA GLN A 29 -2.82 8.98 6.57
C GLN A 29 -2.44 9.27 5.12
N GLU A 30 -1.22 9.74 4.92
CA GLU A 30 -0.74 10.06 3.57
C GLU A 30 0.05 8.88 2.99
N HIS A 31 0.85 8.24 3.82
CA HIS A 31 1.65 7.10 3.38
C HIS A 31 0.77 6.01 2.80
N VAL A 32 -0.27 5.63 3.54
CA VAL A 32 -1.19 4.59 3.09
C VAL A 32 -1.71 4.88 1.68
N ARG A 33 -1.82 6.16 1.35
CA ARG A 33 -2.30 6.59 0.05
C ARG A 33 -1.21 6.42 -1.01
N GLN A 34 -0.06 7.04 -0.76
CA GLN A 34 1.06 6.96 -1.70
C GLN A 34 1.38 5.52 -2.05
N TRP A 35 1.42 4.66 -1.03
CA TRP A 35 1.71 3.25 -1.22
C TRP A 35 0.71 2.61 -2.19
N LEU A 36 -0.55 3.00 -2.06
CA LEU A 36 -1.61 2.48 -2.92
C LEU A 36 -1.33 2.80 -4.38
N GLU A 37 -1.27 4.09 -4.70
CA GLU A 37 -1.01 4.54 -6.06
C GLU A 37 0.26 3.90 -6.61
N TRP A 38 1.18 3.55 -5.72
CA TRP A 38 2.44 2.93 -6.11
C TRP A 38 2.22 1.49 -6.56
N ALA A 39 1.74 0.66 -5.65
CA ALA A 39 1.47 -0.74 -5.96
C ALA A 39 0.63 -0.88 -7.21
N ILE A 40 -0.24 0.10 -7.45
CA ILE A 40 -1.11 0.09 -8.63
C ILE A 40 -0.31 0.30 -9.91
N LYS A 41 0.55 1.31 -9.90
CA LYS A 41 1.37 1.62 -11.06
C LYS A 41 2.51 0.60 -11.21
N GLU A 42 2.80 -0.11 -10.13
CA GLU A 42 3.85 -1.12 -10.15
C GLU A 42 3.31 -2.46 -10.63
N TYR A 43 2.28 -2.94 -9.96
CA TYR A 43 1.67 -4.23 -10.31
C TYR A 43 0.58 -4.03 -11.37
N SER A 44 0.48 -2.82 -11.89
CA SER A 44 -0.52 -2.51 -12.90
C SER A 44 -1.91 -2.94 -12.44
N LEU A 45 -2.33 -2.42 -11.30
CA LEU A 45 -3.64 -2.74 -10.75
C LEU A 45 -4.72 -1.82 -11.32
N MET A 46 -5.95 -2.33 -11.38
CA MET A 46 -7.07 -1.54 -11.89
C MET A 46 -8.34 -1.84 -11.12
N GLU A 47 -9.36 -1.00 -11.30
CA GLU A 47 -10.63 -1.18 -10.62
C GLU A 47 -10.47 -1.06 -9.12
N ILE A 48 -9.50 -0.25 -8.70
CA ILE A 48 -9.25 -0.04 -7.27
C ILE A 48 -9.75 1.32 -6.82
N ASP A 49 -10.39 1.34 -5.66
CA ASP A 49 -10.93 2.59 -5.10
C ASP A 49 -9.93 3.22 -4.13
N THR A 50 -9.13 4.15 -4.63
CA THR A 50 -8.13 4.83 -3.81
C THR A 50 -8.79 5.74 -2.78
N SER A 51 -10.02 6.16 -3.08
CA SER A 51 -10.77 7.04 -2.19
C SER A 51 -11.09 6.32 -0.87
N PHE A 52 -11.18 5.00 -0.93
CA PHE A 52 -11.48 4.20 0.25
C PHE A 52 -10.35 4.29 1.27
N PHE A 53 -9.15 4.58 0.79
CA PHE A 53 -7.98 4.69 1.66
C PHE A 53 -7.47 6.13 1.70
N GLN A 54 -8.36 7.07 1.40
CA GLN A 54 -8.00 8.48 1.41
C GLN A 54 -7.71 8.96 2.83
N ASN A 55 -8.30 8.30 3.81
CA ASN A 55 -8.11 8.67 5.21
C ASN A 55 -7.91 7.42 6.07
N MET A 56 -7.26 6.42 5.51
CA MET A 56 -7.00 5.17 6.22
C MET A 56 -5.56 5.13 6.74
N ASP A 57 -5.40 5.42 8.03
CA ASP A 57 -4.08 5.42 8.65
C ASP A 57 -3.43 4.04 8.54
N GLY A 58 -2.10 4.02 8.48
CA GLY A 58 -1.39 2.75 8.37
C GLY A 58 -1.92 1.71 9.34
N LYS A 59 -2.30 2.14 10.53
CA LYS A 59 -2.83 1.22 11.53
C LYS A 59 -4.13 0.58 11.06
N GLU A 60 -5.01 1.39 10.47
CA GLU A 60 -6.28 0.88 9.97
C GLU A 60 -6.09 0.13 8.66
N LEU A 61 -4.91 0.27 8.07
CA LEU A 61 -4.60 -0.39 6.81
C LEU A 61 -4.06 -1.79 7.04
N CYS A 62 -3.44 -1.99 8.19
CA CYS A 62 -2.87 -3.29 8.54
C CYS A 62 -3.89 -4.16 9.24
N LYS A 63 -5.00 -3.54 9.68
CA LYS A 63 -6.06 -4.26 10.37
C LYS A 63 -7.11 -4.75 9.38
N MET A 64 -7.23 -4.06 8.25
CA MET A 64 -8.20 -4.43 7.23
C MET A 64 -8.05 -5.90 6.84
N ASN A 65 -9.10 -6.47 6.25
CA ASN A 65 -9.08 -7.86 5.84
C ASN A 65 -9.48 -8.00 4.37
N LYS A 66 -9.46 -9.23 3.87
CA LYS A 66 -9.82 -9.50 2.48
C LYS A 66 -11.18 -8.88 2.15
N GLU A 67 -12.13 -9.01 3.07
CA GLU A 67 -13.46 -8.48 2.87
C GLU A 67 -13.42 -6.95 2.79
N ASP A 68 -12.94 -6.31 3.85
CA ASP A 68 -12.86 -4.86 3.90
C ASP A 68 -12.11 -4.32 2.68
N PHE A 69 -11.11 -5.07 2.23
CA PHE A 69 -10.32 -4.67 1.07
C PHE A 69 -11.08 -4.91 -0.23
N LEU A 70 -11.92 -5.95 -0.24
CA LEU A 70 -12.70 -6.30 -1.41
C LEU A 70 -13.79 -5.25 -1.66
N ARG A 71 -14.11 -4.49 -0.63
CA ARG A 71 -15.13 -3.45 -0.73
C ARG A 71 -14.55 -2.18 -1.33
N ALA A 72 -13.27 -2.22 -1.68
CA ALA A 72 -12.60 -1.06 -2.26
C ALA A 72 -11.82 -1.46 -3.51
N THR A 73 -11.19 -2.63 -3.46
CA THR A 73 -10.40 -3.11 -4.59
C THR A 73 -10.88 -4.49 -5.04
N THR A 74 -10.61 -4.82 -6.29
CA THR A 74 -11.02 -6.12 -6.84
C THR A 74 -10.33 -7.27 -6.10
N LEU A 75 -10.84 -8.47 -6.32
CA LEU A 75 -10.28 -9.67 -5.68
C LEU A 75 -8.80 -9.82 -6.02
N TYR A 76 -8.49 -9.78 -7.31
CA TYR A 76 -7.12 -9.92 -7.77
C TYR A 76 -6.18 -8.98 -7.01
N ASN A 77 -6.56 -7.71 -6.95
CA ASN A 77 -5.76 -6.70 -6.24
C ASN A 77 -5.74 -6.99 -4.74
N THR A 78 -6.86 -7.48 -4.23
CA THR A 78 -6.98 -7.79 -2.81
C THR A 78 -5.93 -8.81 -2.37
N GLU A 79 -5.57 -9.70 -3.30
CA GLU A 79 -4.57 -10.72 -3.01
C GLU A 79 -3.16 -10.15 -3.01
N VAL A 80 -2.92 -9.20 -3.92
CA VAL A 80 -1.61 -8.56 -4.02
C VAL A 80 -1.33 -7.68 -2.80
N LEU A 81 -2.23 -6.75 -2.52
CA LEU A 81 -2.08 -5.85 -1.39
C LEU A 81 -1.87 -6.64 -0.09
N LEU A 82 -2.80 -7.55 0.19
CA LEU A 82 -2.71 -8.37 1.39
C LEU A 82 -1.38 -9.09 1.47
N SER A 83 -0.97 -9.68 0.35
CA SER A 83 0.29 -10.41 0.28
C SER A 83 1.47 -9.49 0.56
N HIS A 84 1.46 -8.32 -0.07
CA HIS A 84 2.52 -7.34 0.11
C HIS A 84 2.61 -6.90 1.56
N LEU A 85 1.51 -6.36 2.08
CA LEU A 85 1.47 -5.89 3.45
C LEU A 85 1.80 -7.01 4.43
N SER A 86 1.39 -8.23 4.08
CA SER A 86 1.64 -9.39 4.91
C SER A 86 3.12 -9.49 5.28
N TYR A 87 3.98 -9.11 4.35
CA TYR A 87 5.42 -9.15 4.56
C TYR A 87 5.89 -7.92 5.34
N LEU A 88 5.58 -6.74 4.83
CA LEU A 88 5.96 -5.49 5.48
C LEU A 88 5.54 -5.48 6.94
N ARG A 89 4.43 -6.15 7.24
CA ARG A 89 3.91 -6.22 8.60
C ARG A 89 4.77 -7.15 9.45
N GLU A 90 5.26 -8.22 8.84
CA GLU A 90 6.09 -9.19 9.55
C GLU A 90 7.58 -8.88 9.34
N SER A 91 7.92 -7.60 9.28
CA SER A 91 9.30 -7.18 9.07
C SER A 91 9.71 -6.15 10.11
N SER A 92 10.91 -5.59 9.94
CA SER A 92 11.42 -4.59 10.86
C SER A 92 11.51 -5.15 12.28
N SER A 93 12.60 -5.85 12.56
CA SER A 93 12.81 -6.44 13.88
C SER A 93 11.65 -7.35 14.26
N GLY A 94 11.72 -8.61 13.81
CA GLY A 94 10.67 -9.57 14.11
C GLY A 94 11.22 -10.87 14.65
N PRO A 95 10.35 -11.90 14.72
CA PRO A 95 10.73 -13.22 15.22
C PRO A 95 11.68 -13.95 14.27
N SER A 96 12.00 -15.20 14.60
CA SER A 96 12.90 -16.01 13.79
C SER A 96 12.15 -16.64 12.62
N SER A 97 12.85 -16.82 11.50
CA SER A 97 12.26 -17.41 10.31
C SER A 97 12.83 -18.80 10.05
N GLY A 98 12.90 -19.61 11.12
CA GLY A 98 13.44 -20.95 10.98
C GLY A 98 13.19 -21.80 12.22
N GLY A 1 21.65 18.88 -0.53
CA GLY A 1 20.39 18.82 -1.26
C GLY A 1 20.00 17.40 -1.64
N SER A 2 20.44 16.95 -2.80
CA SER A 2 20.13 15.61 -3.28
C SER A 2 21.25 15.08 -4.17
N SER A 3 22.48 15.49 -3.87
CA SER A 3 23.64 15.06 -4.64
C SER A 3 24.31 13.86 -3.99
N GLY A 4 24.70 12.88 -4.80
CA GLY A 4 25.34 11.69 -4.29
C GLY A 4 24.37 10.77 -3.57
N SER A 5 23.30 10.39 -4.26
CA SER A 5 22.29 9.52 -3.67
C SER A 5 22.85 8.13 -3.45
N SER A 6 23.74 7.69 -4.35
CA SER A 6 24.35 6.38 -4.25
C SER A 6 23.29 5.28 -4.32
N GLY A 7 22.22 5.55 -5.07
CA GLY A 7 21.15 4.58 -5.21
C GLY A 7 20.00 4.85 -4.26
N PRO A 8 18.89 4.11 -4.46
CA PRO A 8 17.70 4.26 -3.62
C PRO A 8 17.91 3.72 -2.20
N PRO A 9 16.97 4.05 -1.31
CA PRO A 9 17.03 3.61 0.09
C PRO A 9 16.81 2.12 0.25
N ASN A 10 15.96 1.55 -0.61
CA ASN A 10 15.67 0.12 -0.56
C ASN A 10 14.69 -0.26 -1.67
N MET A 11 13.67 0.57 -1.87
CA MET A 11 12.67 0.31 -2.89
C MET A 11 13.26 0.53 -4.29
N THR A 12 13.28 -0.53 -5.09
CA THR A 12 13.81 -0.45 -6.45
C THR A 12 12.69 -0.36 -7.47
N THR A 13 12.64 0.77 -8.18
CA THR A 13 11.61 0.98 -9.20
C THR A 13 11.89 2.25 -10.00
N ASN A 14 11.12 2.45 -11.06
CA ASN A 14 11.29 3.63 -11.91
C ASN A 14 10.97 4.91 -11.13
N GLU A 15 10.96 6.04 -11.83
CA GLU A 15 10.69 7.32 -11.21
C GLU A 15 9.32 7.32 -10.54
N ARG A 16 8.98 8.44 -9.90
CA ARG A 16 7.69 8.57 -9.22
C ARG A 16 7.55 7.51 -8.13
N ARG A 17 8.68 7.06 -7.59
CA ARG A 17 8.68 6.04 -6.55
C ARG A 17 8.21 6.64 -5.22
N VAL A 18 7.91 5.77 -4.26
CA VAL A 18 7.46 6.21 -2.94
C VAL A 18 8.47 5.86 -1.86
N ILE A 19 8.61 6.74 -0.88
CA ILE A 19 9.55 6.52 0.22
C ILE A 19 8.81 6.37 1.54
N VAL A 20 8.42 5.15 1.86
CA VAL A 20 7.71 4.87 3.10
C VAL A 20 8.49 3.88 3.97
N PRO A 21 8.29 3.97 5.30
CA PRO A 21 8.97 3.10 6.26
C PRO A 21 8.48 1.65 6.18
N ALA A 22 9.34 0.73 6.56
CA ALA A 22 9.00 -0.70 6.54
C ALA A 22 7.68 -0.95 7.25
N ASP A 23 7.67 -0.75 8.57
CA ASP A 23 6.48 -0.96 9.37
C ASP A 23 5.28 -0.22 8.77
N PRO A 24 4.34 -0.97 8.22
CA PRO A 24 3.12 -0.40 7.60
C PRO A 24 2.18 0.19 8.63
N THR A 25 2.48 -0.04 9.90
CA THR A 25 1.65 0.48 10.99
C THR A 25 1.99 1.93 11.30
N LEU A 26 3.22 2.32 10.97
CA LEU A 26 3.68 3.69 11.22
C LEU A 26 3.31 4.60 10.06
N TRP A 27 2.68 4.03 9.04
CA TRP A 27 2.28 4.79 7.86
C TRP A 27 1.22 5.83 8.22
N THR A 28 1.47 7.09 7.87
CA THR A 28 0.54 8.16 8.15
C THR A 28 -0.67 8.11 7.23
N GLN A 29 -1.61 9.02 7.44
CA GLN A 29 -2.82 9.08 6.61
C GLN A 29 -2.47 9.31 5.16
N GLU A 30 -1.26 9.80 4.92
CA GLU A 30 -0.81 10.08 3.55
C GLU A 30 -0.02 8.89 2.99
N HIS A 31 0.84 8.32 3.82
CA HIS A 31 1.65 7.17 3.40
C HIS A 31 0.77 6.08 2.80
N VAL A 32 -0.26 5.70 3.55
CA VAL A 32 -1.18 4.65 3.09
C VAL A 32 -1.69 4.95 1.69
N ARG A 33 -1.78 6.23 1.35
CA ARG A 33 -2.26 6.64 0.03
C ARG A 33 -1.16 6.46 -1.02
N GLN A 34 0.01 7.02 -0.74
CA GLN A 34 1.14 6.93 -1.67
C GLN A 34 1.42 5.48 -2.03
N TRP A 35 1.48 4.62 -1.02
CA TRP A 35 1.75 3.20 -1.23
C TRP A 35 0.73 2.60 -2.19
N LEU A 36 -0.53 3.00 -2.04
CA LEU A 36 -1.59 2.50 -2.90
C LEU A 36 -1.31 2.83 -4.36
N GLU A 37 -1.24 4.12 -4.67
CA GLU A 37 -0.98 4.56 -6.03
C GLU A 37 0.28 3.92 -6.59
N TRP A 38 1.20 3.57 -5.70
CA TRP A 38 2.45 2.94 -6.09
C TRP A 38 2.23 1.50 -6.54
N ALA A 39 1.74 0.67 -5.62
CA ALA A 39 1.47 -0.73 -5.93
C ALA A 39 0.62 -0.87 -7.18
N ILE A 40 -0.23 0.12 -7.43
CA ILE A 40 -1.10 0.10 -8.59
C ILE A 40 -0.30 0.30 -9.87
N LYS A 41 0.57 1.30 -9.88
CA LYS A 41 1.40 1.60 -11.04
C LYS A 41 2.52 0.58 -11.19
N GLU A 42 2.81 -0.13 -10.10
CA GLU A 42 3.86 -1.14 -10.10
C GLU A 42 3.31 -2.49 -10.57
N TYR A 43 2.27 -2.97 -9.90
CA TYR A 43 1.66 -4.24 -10.24
C TYR A 43 0.57 -4.05 -11.30
N SER A 44 0.48 -2.84 -11.83
CA SER A 44 -0.53 -2.54 -12.85
C SER A 44 -1.91 -2.95 -12.38
N LEU A 45 -2.33 -2.41 -11.24
CA LEU A 45 -3.65 -2.73 -10.69
C LEU A 45 -4.71 -1.79 -11.26
N MET A 46 -5.95 -2.29 -11.32
CA MET A 46 -7.06 -1.51 -11.85
C MET A 46 -8.35 -1.81 -11.09
N GLU A 47 -9.35 -0.96 -11.27
CA GLU A 47 -10.63 -1.14 -10.60
C GLU A 47 -10.47 -1.05 -9.09
N ILE A 48 -9.52 -0.24 -8.63
CA ILE A 48 -9.27 -0.06 -7.21
C ILE A 48 -9.77 1.29 -6.73
N ASP A 49 -10.43 1.30 -5.57
CA ASP A 49 -10.95 2.53 -4.99
C ASP A 49 -9.97 3.12 -4.00
N THR A 50 -9.03 3.92 -4.50
CA THR A 50 -8.02 4.55 -3.66
C THR A 50 -8.67 5.49 -2.65
N SER A 51 -9.84 6.00 -2.99
CA SER A 51 -10.56 6.92 -2.11
C SER A 51 -10.85 6.26 -0.76
N PHE A 52 -11.11 4.96 -0.79
CA PHE A 52 -11.40 4.21 0.43
C PHE A 52 -10.27 4.37 1.46
N PHE A 53 -9.08 4.65 0.95
CA PHE A 53 -7.92 4.83 1.83
C PHE A 53 -7.43 6.27 1.79
N GLN A 54 -8.34 7.19 1.45
CA GLN A 54 -7.99 8.61 1.38
C GLN A 54 -7.60 9.14 2.75
N ASN A 55 -8.06 8.47 3.81
CA ASN A 55 -7.75 8.87 5.17
C ASN A 55 -7.57 7.66 6.07
N MET A 56 -7.19 6.54 5.48
CA MET A 56 -6.98 5.31 6.23
C MET A 56 -5.54 5.22 6.75
N ASP A 57 -5.36 5.53 8.02
CA ASP A 57 -4.04 5.48 8.64
C ASP A 57 -3.44 4.09 8.54
N GLY A 58 -2.11 4.02 8.49
CA GLY A 58 -1.44 2.74 8.40
C GLY A 58 -2.01 1.70 9.35
N LYS A 59 -2.43 2.16 10.52
CA LYS A 59 -3.01 1.25 11.51
C LYS A 59 -4.31 0.64 11.00
N GLU A 60 -5.17 1.47 10.43
CA GLU A 60 -6.45 1.01 9.89
C GLU A 60 -6.25 0.28 8.57
N LEU A 61 -5.05 0.38 8.02
CA LEU A 61 -4.72 -0.26 6.75
C LEU A 61 -4.18 -1.67 6.98
N CYS A 62 -3.46 -1.84 8.09
CA CYS A 62 -2.88 -3.14 8.42
C CYS A 62 -3.91 -4.03 9.11
N LYS A 63 -5.01 -3.43 9.54
CA LYS A 63 -6.08 -4.17 10.22
C LYS A 63 -7.08 -4.72 9.21
N MET A 64 -7.28 -3.98 8.12
CA MET A 64 -8.22 -4.40 7.08
C MET A 64 -7.92 -5.81 6.61
N ASN A 65 -8.96 -6.55 6.26
CA ASN A 65 -8.81 -7.93 5.79
C ASN A 65 -9.26 -8.07 4.34
N LYS A 66 -9.21 -9.28 3.82
CA LYS A 66 -9.62 -9.55 2.45
C LYS A 66 -11.00 -8.97 2.17
N GLU A 67 -11.93 -9.17 3.11
CA GLU A 67 -13.29 -8.65 2.96
C GLU A 67 -13.29 -7.14 2.86
N ASP A 68 -12.83 -6.48 3.92
CA ASP A 68 -12.78 -5.02 3.95
C ASP A 68 -12.06 -4.48 2.72
N PHE A 69 -11.02 -5.19 2.29
CA PHE A 69 -10.25 -4.77 1.12
C PHE A 69 -11.04 -4.98 -0.16
N LEU A 70 -11.86 -6.02 -0.17
CA LEU A 70 -12.69 -6.34 -1.34
C LEU A 70 -13.78 -5.30 -1.54
N ARG A 71 -14.07 -4.54 -0.48
CA ARG A 71 -15.10 -3.51 -0.54
C ARG A 71 -14.54 -2.22 -1.12
N ALA A 72 -13.27 -2.25 -1.51
CA ALA A 72 -12.62 -1.09 -2.09
C ALA A 72 -11.85 -1.46 -3.36
N THR A 73 -11.22 -2.63 -3.35
CA THR A 73 -10.45 -3.10 -4.50
C THR A 73 -10.94 -4.47 -4.95
N THR A 74 -10.70 -4.78 -6.23
CA THR A 74 -11.11 -6.06 -6.79
C THR A 74 -10.41 -7.22 -6.08
N LEU A 75 -10.92 -8.43 -6.30
CA LEU A 75 -10.35 -9.62 -5.68
C LEU A 75 -8.88 -9.77 -6.06
N TYR A 76 -8.59 -9.70 -7.35
CA TYR A 76 -7.22 -9.84 -7.83
C TYR A 76 -6.28 -8.91 -7.06
N ASN A 77 -6.64 -7.64 -6.99
CA ASN A 77 -5.82 -6.65 -6.28
C ASN A 77 -5.80 -6.95 -4.78
N THR A 78 -6.91 -7.46 -4.26
CA THR A 78 -7.01 -7.78 -2.84
C THR A 78 -5.96 -8.82 -2.45
N GLU A 79 -5.62 -9.69 -3.38
CA GLU A 79 -4.62 -10.73 -3.13
C GLU A 79 -3.21 -10.15 -3.12
N VAL A 80 -2.97 -9.19 -4.01
CA VAL A 80 -1.66 -8.55 -4.11
C VAL A 80 -1.36 -7.72 -2.87
N LEU A 81 -2.25 -6.78 -2.56
CA LEU A 81 -2.07 -5.92 -1.39
C LEU A 81 -1.86 -6.75 -0.13
N LEU A 82 -2.79 -7.66 0.14
CA LEU A 82 -2.70 -8.52 1.31
C LEU A 82 -1.37 -9.27 1.34
N SER A 83 -0.99 -9.82 0.21
CA SER A 83 0.26 -10.57 0.10
C SER A 83 1.46 -9.66 0.39
N HIS A 84 1.43 -8.46 -0.17
CA HIS A 84 2.52 -7.50 0.02
C HIS A 84 2.59 -7.07 1.49
N LEU A 85 1.49 -6.51 1.99
CA LEU A 85 1.44 -6.05 3.38
C LEU A 85 1.76 -7.19 4.34
N SER A 86 1.34 -8.40 3.98
CA SER A 86 1.58 -9.57 4.81
C SER A 86 3.06 -9.68 5.18
N TYR A 87 3.92 -9.19 4.30
CA TYR A 87 5.36 -9.24 4.54
C TYR A 87 5.83 -7.99 5.30
N LEU A 88 5.43 -6.83 4.79
CA LEU A 88 5.82 -5.56 5.42
C LEU A 88 5.43 -5.55 6.89
N ARG A 89 4.20 -5.96 7.19
CA ARG A 89 3.73 -6.00 8.57
C ARG A 89 4.68 -6.79 9.46
N GLU A 90 5.34 -7.79 8.87
CA GLU A 90 6.29 -8.62 9.61
C GLU A 90 7.68 -8.01 9.58
N SER A 91 7.94 -7.20 8.56
CA SER A 91 9.24 -6.56 8.42
C SER A 91 9.26 -5.17 9.06
N SER A 92 10.11 -5.00 10.07
CA SER A 92 10.21 -3.73 10.78
C SER A 92 11.65 -3.23 10.80
N SER A 93 12.58 -4.13 11.13
CA SER A 93 13.99 -3.77 11.19
C SER A 93 14.20 -2.53 12.05
N GLY A 94 13.35 -2.36 13.06
CA GLY A 94 13.47 -1.21 13.93
C GLY A 94 14.42 -1.46 15.08
N PRO A 95 13.98 -2.23 16.08
CA PRO A 95 14.78 -2.56 17.25
C PRO A 95 15.94 -3.48 16.92
N SER A 96 16.92 -3.56 17.83
CA SER A 96 18.09 -4.41 17.62
C SER A 96 17.72 -5.88 17.73
N SER A 97 16.82 -6.20 18.66
CA SER A 97 16.38 -7.56 18.88
C SER A 97 14.96 -7.78 18.33
N GLY A 98 14.47 -9.00 18.47
CA GLY A 98 13.13 -9.31 17.98
C GLY A 98 12.96 -8.99 16.52
N GLY A 1 27.49 1.74 7.07
CA GLY A 1 28.72 2.24 6.48
C GLY A 1 29.88 1.28 6.63
N SER A 2 30.39 0.79 5.50
CA SER A 2 31.50 -0.16 5.50
C SER A 2 31.11 -1.44 6.23
N SER A 3 30.70 -2.44 5.45
CA SER A 3 30.29 -3.72 6.02
C SER A 3 29.14 -3.54 7.01
N GLY A 4 27.92 -3.65 6.50
CA GLY A 4 26.76 -3.49 7.34
C GLY A 4 25.50 -4.06 6.70
N SER A 5 24.97 -5.13 7.30
CA SER A 5 23.76 -5.78 6.78
C SER A 5 22.56 -4.85 6.90
N SER A 6 21.69 -4.89 5.90
CA SER A 6 20.50 -4.04 5.89
C SER A 6 19.65 -4.33 4.65
N GLY A 7 18.35 -4.55 4.87
CA GLY A 7 17.46 -4.83 3.76
C GLY A 7 16.43 -3.73 3.55
N PRO A 8 16.88 -2.61 2.97
CA PRO A 8 16.02 -1.46 2.70
C PRO A 8 15.00 -1.74 1.60
N PRO A 9 14.01 -0.85 1.46
CA PRO A 9 12.96 -0.98 0.45
C PRO A 9 13.48 -0.76 -0.97
N ASN A 10 14.07 -1.81 -1.54
CA ASN A 10 14.62 -1.73 -2.89
C ASN A 10 13.50 -1.75 -3.92
N MET A 11 13.11 -0.57 -4.38
CA MET A 11 12.05 -0.45 -5.37
C MET A 11 12.62 -0.35 -6.78
N THR A 12 12.01 -1.06 -7.72
CA THR A 12 12.47 -1.06 -9.10
C THR A 12 11.45 -0.38 -10.02
N THR A 13 11.84 0.75 -10.59
CA THR A 13 10.96 1.49 -11.49
C THR A 13 11.70 2.66 -12.14
N ASN A 14 11.05 3.30 -13.11
CA ASN A 14 11.64 4.43 -13.81
C ASN A 14 12.09 5.51 -12.83
N GLU A 15 11.13 6.08 -12.12
CA GLU A 15 11.42 7.13 -11.14
C GLU A 15 10.25 7.31 -10.17
N ARG A 16 10.54 7.88 -9.01
CA ARG A 16 9.52 8.11 -7.99
C ARG A 16 8.84 6.80 -7.59
N ARG A 17 9.40 6.13 -6.59
CA ARG A 17 8.85 4.87 -6.11
C ARG A 17 8.33 5.01 -4.69
N VAL A 18 7.99 6.23 -4.30
CA VAL A 18 7.48 6.50 -2.97
C VAL A 18 8.53 6.21 -1.90
N ILE A 19 8.45 6.93 -0.78
CA ILE A 19 9.40 6.75 0.30
C ILE A 19 8.67 6.50 1.63
N VAL A 20 8.37 5.23 1.89
CA VAL A 20 7.67 4.86 3.12
C VAL A 20 8.51 3.92 3.96
N PRO A 21 8.30 3.95 5.29
CA PRO A 21 9.03 3.09 6.24
C PRO A 21 8.65 1.62 6.10
N ALA A 22 9.55 0.75 6.55
CA ALA A 22 9.31 -0.69 6.49
C ALA A 22 7.98 -1.05 7.12
N ASP A 23 7.88 -0.89 8.43
CA ASP A 23 6.66 -1.20 9.16
C ASP A 23 5.48 -0.40 8.61
N PRO A 24 4.43 -1.13 8.18
CA PRO A 24 3.21 -0.51 7.62
C PRO A 24 2.41 0.24 8.68
N THR A 25 2.43 -0.27 9.90
CA THR A 25 1.70 0.36 11.00
C THR A 25 2.21 1.77 11.27
N LEU A 26 3.41 2.06 10.77
CA LEU A 26 4.01 3.37 10.96
C LEU A 26 3.63 4.32 9.82
N TRP A 27 2.78 3.84 8.93
CA TRP A 27 2.33 4.64 7.80
C TRP A 27 1.27 5.65 8.22
N THR A 28 1.44 6.90 7.80
CA THR A 28 0.50 7.96 8.16
C THR A 28 -0.73 7.91 7.25
N GLN A 29 -1.65 8.84 7.47
CA GLN A 29 -2.88 8.92 6.68
C GLN A 29 -2.55 9.18 5.21
N GLU A 30 -1.33 9.65 4.95
CA GLU A 30 -0.90 9.94 3.59
C GLU A 30 -0.13 8.77 2.99
N HIS A 31 0.75 8.18 3.80
CA HIS A 31 1.55 7.05 3.35
C HIS A 31 0.67 5.95 2.76
N VAL A 32 -0.36 5.56 3.51
CA VAL A 32 -1.28 4.52 3.07
C VAL A 32 -1.80 4.82 1.68
N ARG A 33 -1.91 6.11 1.34
CA ARG A 33 -2.40 6.53 0.03
C ARG A 33 -1.32 6.38 -1.03
N GLN A 34 -0.16 6.99 -0.79
CA GLN A 34 0.96 6.92 -1.72
C GLN A 34 1.29 5.47 -2.06
N TRP A 35 1.37 4.63 -1.03
CA TRP A 35 1.67 3.22 -1.22
C TRP A 35 0.69 2.57 -2.19
N LEU A 36 -0.57 2.94 -2.06
CA LEU A 36 -1.62 2.38 -2.92
C LEU A 36 -1.36 2.73 -4.39
N GLU A 37 -1.32 4.02 -4.69
CA GLU A 37 -1.08 4.48 -6.06
C GLU A 37 0.18 3.83 -6.63
N TRP A 38 1.13 3.52 -5.75
CA TRP A 38 2.37 2.89 -6.18
C TRP A 38 2.15 1.46 -6.63
N ALA A 39 1.67 0.62 -5.71
CA ALA A 39 1.40 -0.78 -6.02
C ALA A 39 0.54 -0.91 -7.27
N ILE A 40 -0.31 0.08 -7.50
CA ILE A 40 -1.21 0.08 -8.65
C ILE A 40 -0.42 0.30 -9.95
N LYS A 41 0.45 1.29 -9.94
CA LYS A 41 1.26 1.60 -11.11
C LYS A 41 2.39 0.58 -11.28
N GLU A 42 2.68 -0.14 -10.21
CA GLU A 42 3.74 -1.15 -10.23
C GLU A 42 3.19 -2.49 -10.70
N TYR A 43 2.11 -2.93 -10.08
CA TYR A 43 1.49 -4.21 -10.42
C TYR A 43 0.41 -4.02 -11.48
N SER A 44 0.35 -2.81 -12.04
CA SER A 44 -0.65 -2.49 -13.06
C SER A 44 -2.05 -2.87 -12.60
N LEU A 45 -2.39 -2.47 -11.37
CA LEU A 45 -3.70 -2.76 -10.80
C LEU A 45 -4.76 -1.82 -11.37
N MET A 46 -6.00 -2.30 -11.42
CA MET A 46 -7.10 -1.50 -11.93
C MET A 46 -8.38 -1.79 -11.18
N GLU A 47 -9.40 -0.94 -11.36
CA GLU A 47 -10.67 -1.11 -10.69
C GLU A 47 -10.52 -1.01 -9.17
N ILE A 48 -9.55 -0.20 -8.74
CA ILE A 48 -9.29 -0.01 -7.32
C ILE A 48 -9.88 1.31 -6.83
N ASP A 49 -10.24 1.35 -5.56
CA ASP A 49 -10.82 2.56 -4.96
C ASP A 49 -9.84 3.20 -3.99
N THR A 50 -9.01 4.11 -4.51
CA THR A 50 -8.02 4.80 -3.69
C THR A 50 -8.69 5.71 -2.68
N SER A 51 -9.88 6.19 -3.01
CA SER A 51 -10.63 7.09 -2.13
C SER A 51 -11.00 6.39 -0.83
N PHE A 52 -11.08 5.06 -0.88
CA PHE A 52 -11.42 4.27 0.30
C PHE A 52 -10.33 4.37 1.34
N PHE A 53 -9.11 4.65 0.90
CA PHE A 53 -7.97 4.77 1.81
C PHE A 53 -7.45 6.21 1.85
N GLN A 54 -8.30 7.14 1.45
CA GLN A 54 -7.92 8.55 1.43
C GLN A 54 -7.59 9.04 2.83
N ASN A 55 -8.24 8.45 3.83
CA ASN A 55 -8.02 8.82 5.22
C ASN A 55 -7.89 7.59 6.11
N MET A 56 -7.14 6.60 5.63
CA MET A 56 -6.94 5.36 6.37
C MET A 56 -5.52 5.26 6.90
N ASP A 57 -5.34 5.52 8.19
CA ASP A 57 -4.02 5.47 8.80
C ASP A 57 -3.42 4.07 8.66
N GLY A 58 -2.09 4.01 8.62
CA GLY A 58 -1.41 2.73 8.48
C GLY A 58 -1.98 1.68 9.40
N LYS A 59 -2.42 2.10 10.60
CA LYS A 59 -2.98 1.18 11.57
C LYS A 59 -4.29 0.58 11.06
N GLU A 60 -5.15 1.43 10.51
CA GLU A 60 -6.44 0.98 9.98
C GLU A 60 -6.26 0.26 8.65
N LEU A 61 -5.06 0.36 8.09
CA LEU A 61 -4.75 -0.29 6.83
C LEU A 61 -4.23 -1.71 7.04
N CYS A 62 -3.46 -1.89 8.10
CA CYS A 62 -2.90 -3.21 8.42
C CYS A 62 -3.95 -4.09 9.09
N LYS A 63 -5.02 -3.47 9.57
CA LYS A 63 -6.10 -4.20 10.23
C LYS A 63 -7.13 -4.68 9.21
N MET A 64 -7.25 -3.96 8.11
CA MET A 64 -8.20 -4.31 7.06
C MET A 64 -7.98 -5.75 6.60
N ASN A 65 -9.08 -6.46 6.37
CA ASN A 65 -9.02 -7.85 5.93
C ASN A 65 -9.38 -7.98 4.45
N LYS A 66 -9.23 -9.17 3.90
CA LYS A 66 -9.55 -9.43 2.50
C LYS A 66 -10.96 -8.94 2.17
N GLU A 67 -11.84 -9.01 3.16
CA GLU A 67 -13.23 -8.59 2.97
C GLU A 67 -13.32 -7.07 2.88
N ASP A 68 -12.76 -6.38 3.89
CA ASP A 68 -12.78 -4.93 3.92
C ASP A 68 -12.03 -4.35 2.72
N PHE A 69 -11.09 -5.11 2.19
CA PHE A 69 -10.31 -4.68 1.04
C PHE A 69 -11.07 -4.89 -0.26
N LEU A 70 -11.89 -5.94 -0.29
CA LEU A 70 -12.68 -6.25 -1.47
C LEU A 70 -13.78 -5.20 -1.70
N ARG A 71 -14.08 -4.45 -0.64
CA ARG A 71 -15.11 -3.41 -0.73
C ARG A 71 -14.54 -2.13 -1.32
N ALA A 72 -13.26 -2.17 -1.70
CA ALA A 72 -12.60 -1.01 -2.28
C ALA A 72 -11.82 -1.40 -3.53
N THR A 73 -11.17 -2.55 -3.48
CA THR A 73 -10.38 -3.04 -4.60
C THR A 73 -10.85 -4.42 -5.04
N THR A 74 -10.57 -4.75 -6.31
CA THR A 74 -10.96 -6.04 -6.85
C THR A 74 -10.26 -7.18 -6.13
N LEU A 75 -10.76 -8.40 -6.34
CA LEU A 75 -10.18 -9.58 -5.69
C LEU A 75 -8.71 -9.73 -6.05
N TYR A 76 -8.41 -9.71 -7.35
CA TYR A 76 -7.04 -9.84 -7.82
C TYR A 76 -6.12 -8.88 -7.08
N ASN A 77 -6.50 -7.61 -7.03
CA ASN A 77 -5.71 -6.60 -6.35
C ASN A 77 -5.62 -6.88 -4.85
N THR A 78 -6.73 -7.37 -4.29
CA THR A 78 -6.78 -7.68 -2.87
C THR A 78 -5.69 -8.67 -2.48
N GLU A 79 -5.49 -9.69 -3.31
CA GLU A 79 -4.47 -10.71 -3.05
C GLU A 79 -3.08 -10.10 -3.06
N VAL A 80 -2.87 -9.15 -3.96
CA VAL A 80 -1.57 -8.48 -4.08
C VAL A 80 -1.28 -7.64 -2.84
N LEU A 81 -2.20 -6.74 -2.51
CA LEU A 81 -2.05 -5.86 -1.35
C LEU A 81 -1.85 -6.69 -0.08
N LEU A 82 -2.80 -7.59 0.18
CA LEU A 82 -2.74 -8.44 1.36
C LEU A 82 -1.41 -9.20 1.43
N SER A 83 -1.02 -9.77 0.29
CA SER A 83 0.22 -10.53 0.22
C SER A 83 1.43 -9.63 0.51
N HIS A 84 1.43 -8.45 -0.12
CA HIS A 84 2.52 -7.50 0.07
C HIS A 84 2.61 -7.05 1.53
N LEU A 85 1.51 -6.51 2.04
CA LEU A 85 1.46 -6.04 3.42
C LEU A 85 1.77 -7.18 4.39
N SER A 86 1.37 -8.39 4.02
CA SER A 86 1.60 -9.56 4.86
C SER A 86 3.07 -9.64 5.29
N TYR A 87 3.95 -9.15 4.43
CA TYR A 87 5.38 -9.17 4.71
C TYR A 87 5.80 -7.93 5.49
N LEU A 88 5.44 -6.75 4.97
CA LEU A 88 5.77 -5.50 5.61
C LEU A 88 5.34 -5.49 7.07
N ARG A 89 4.15 -6.04 7.34
CA ARG A 89 3.63 -6.10 8.69
C ARG A 89 4.56 -6.90 9.60
N GLU A 90 5.19 -7.92 9.04
CA GLU A 90 6.10 -8.77 9.80
C GLU A 90 7.55 -8.35 9.57
N SER A 91 7.77 -7.03 9.48
CA SER A 91 9.11 -6.50 9.25
C SER A 91 9.42 -5.37 10.23
N SER A 92 10.68 -5.24 10.61
CA SER A 92 11.11 -4.21 11.54
C SER A 92 10.29 -4.26 12.83
N SER A 93 9.81 -5.46 13.16
CA SER A 93 9.01 -5.65 14.36
C SER A 93 9.86 -5.49 15.62
N GLY A 94 11.14 -5.85 15.50
CA GLY A 94 12.04 -5.74 16.63
C GLY A 94 12.15 -7.03 17.43
N PRO A 95 12.81 -8.03 16.84
CA PRO A 95 13.00 -9.34 17.49
C PRO A 95 13.94 -9.27 18.69
N SER A 96 14.02 -10.36 19.44
CA SER A 96 14.88 -10.42 20.62
C SER A 96 16.30 -10.02 20.26
N SER A 97 16.94 -9.28 21.16
CA SER A 97 18.31 -8.82 20.95
C SER A 97 18.89 -8.21 22.23
N GLY A 98 18.13 -7.29 22.82
CA GLY A 98 18.58 -6.64 24.05
C GLY A 98 18.62 -7.59 25.23
N GLY A 1 2.62 6.89 -28.51
CA GLY A 1 3.83 7.36 -27.86
C GLY A 1 3.86 7.05 -26.38
N SER A 2 4.10 5.79 -26.04
CA SER A 2 4.15 5.36 -24.65
C SER A 2 2.84 5.69 -23.94
N SER A 3 1.75 5.07 -24.39
CA SER A 3 0.44 5.31 -23.80
C SER A 3 -0.12 4.03 -23.20
N GLY A 4 -1.04 4.17 -22.25
CA GLY A 4 -1.63 3.01 -21.61
C GLY A 4 -3.10 2.84 -21.99
N SER A 5 -3.88 2.28 -21.06
CA SER A 5 -5.29 2.06 -21.29
C SER A 5 -6.14 3.15 -20.65
N SER A 6 -5.62 3.74 -19.58
CA SER A 6 -6.33 4.80 -18.86
C SER A 6 -5.50 6.07 -18.84
N GLY A 7 -4.23 5.95 -18.45
CA GLY A 7 -3.36 7.11 -18.39
C GLY A 7 -2.19 6.90 -17.44
N PRO A 8 -1.29 7.89 -17.39
CA PRO A 8 -0.11 7.84 -16.52
C PRO A 8 -0.47 7.96 -15.05
N PRO A 9 0.51 7.67 -14.17
CA PRO A 9 0.31 7.72 -12.72
C PRO A 9 0.15 9.15 -12.21
N ASN A 10 0.01 9.29 -10.90
CA ASN A 10 -0.14 10.62 -10.29
C ASN A 10 0.37 10.61 -8.85
N MET A 11 1.40 9.80 -8.60
CA MET A 11 1.99 9.71 -7.27
C MET A 11 2.95 10.87 -7.02
N THR A 12 2.64 11.70 -6.03
CA THR A 12 3.47 12.84 -5.70
C THR A 12 4.77 12.40 -5.03
N THR A 13 5.88 12.59 -5.72
CA THR A 13 7.18 12.22 -5.19
C THR A 13 8.31 12.98 -5.90
N ASN A 14 9.39 13.23 -5.17
CA ASN A 14 10.53 13.95 -5.72
C ASN A 14 11.26 13.09 -6.75
N GLU A 15 11.23 11.78 -6.56
CA GLU A 15 11.88 10.86 -7.47
C GLU A 15 10.92 9.78 -7.95
N ARG A 16 11.38 8.93 -8.87
CA ARG A 16 10.57 7.86 -9.40
C ARG A 16 10.55 6.66 -8.46
N ARG A 17 10.01 6.87 -7.26
CA ARG A 17 9.93 5.80 -6.27
C ARG A 17 9.04 6.22 -5.10
N VAL A 18 9.02 5.39 -4.06
CA VAL A 18 8.21 5.67 -2.87
C VAL A 18 9.09 5.79 -1.63
N ILE A 19 8.67 6.63 -0.69
CA ILE A 19 9.40 6.83 0.55
C ILE A 19 8.55 6.50 1.76
N VAL A 20 8.55 5.23 2.14
CA VAL A 20 7.78 4.78 3.30
C VAL A 20 8.60 3.86 4.19
N PRO A 21 8.24 3.79 5.48
CA PRO A 21 8.93 2.94 6.46
C PRO A 21 8.69 1.46 6.21
N ALA A 22 9.40 0.62 6.97
CA ALA A 22 9.26 -0.83 6.83
C ALA A 22 7.83 -1.27 7.14
N ASP A 23 7.51 -1.32 8.43
CA ASP A 23 6.18 -1.73 8.86
C ASP A 23 5.12 -0.78 8.32
N PRO A 24 3.97 -1.35 7.90
CA PRO A 24 2.85 -0.58 7.35
C PRO A 24 2.17 0.27 8.42
N THR A 25 2.14 -0.23 9.65
CA THR A 25 1.52 0.48 10.76
C THR A 25 2.14 1.86 10.95
N LEU A 26 3.35 2.03 10.44
CA LEU A 26 4.06 3.30 10.56
C LEU A 26 3.68 4.25 9.43
N TRP A 27 2.71 3.84 8.63
CA TRP A 27 2.24 4.65 7.51
C TRP A 27 1.18 5.65 7.96
N THR A 28 1.44 6.93 7.72
CA THR A 28 0.50 7.98 8.11
C THR A 28 -0.70 8.01 7.17
N GLN A 29 -1.59 8.97 7.40
CA GLN A 29 -2.80 9.11 6.59
C GLN A 29 -2.43 9.41 5.14
N GLU A 30 -1.18 9.84 4.91
CA GLU A 30 -0.71 10.16 3.57
C GLU A 30 0.01 8.98 2.95
N HIS A 31 0.84 8.31 3.75
CA HIS A 31 1.61 7.16 3.28
C HIS A 31 0.67 6.11 2.68
N VAL A 32 -0.36 5.75 3.42
CA VAL A 32 -1.33 4.76 2.95
C VAL A 32 -1.83 5.10 1.56
N ARG A 33 -1.89 6.39 1.26
CA ARG A 33 -2.36 6.85 -0.05
C ARG A 33 -1.27 6.69 -1.11
N GLN A 34 -0.04 7.03 -0.74
CA GLN A 34 1.09 6.93 -1.65
C GLN A 34 1.37 5.47 -2.00
N TRP A 35 1.57 4.65 -0.98
CA TRP A 35 1.85 3.23 -1.18
C TRP A 35 0.79 2.60 -2.08
N LEU A 36 -0.43 3.09 -1.99
CA LEU A 36 -1.54 2.57 -2.80
C LEU A 36 -1.28 2.82 -4.28
N GLU A 37 -1.23 4.09 -4.66
CA GLU A 37 -0.99 4.46 -6.05
C GLU A 37 0.25 3.76 -6.60
N TRP A 38 1.19 3.46 -5.72
CA TRP A 38 2.42 2.79 -6.13
C TRP A 38 2.15 1.35 -6.54
N ALA A 39 1.60 0.56 -5.61
CA ALA A 39 1.28 -0.83 -5.88
C ALA A 39 0.39 -0.96 -7.11
N ILE A 40 -0.38 0.08 -7.38
CA ILE A 40 -1.28 0.08 -8.54
C ILE A 40 -0.51 0.22 -9.84
N LYS A 41 0.33 1.25 -9.92
CA LYS A 41 1.12 1.50 -11.12
C LYS A 41 2.33 0.56 -11.18
N GLU A 42 2.49 -0.25 -10.13
CA GLU A 42 3.60 -1.19 -10.06
C GLU A 42 3.14 -2.58 -10.48
N TYR A 43 2.12 -3.10 -9.81
CA TYR A 43 1.59 -4.42 -10.11
C TYR A 43 0.46 -4.34 -11.12
N SER A 44 0.34 -3.19 -11.77
CA SER A 44 -0.71 -2.98 -12.77
C SER A 44 -2.08 -3.34 -12.20
N LEU A 45 -2.57 -2.52 -11.29
CA LEU A 45 -3.87 -2.75 -10.66
C LEU A 45 -4.92 -1.79 -11.21
N MET A 46 -6.14 -2.27 -11.33
CA MET A 46 -7.25 -1.46 -11.85
C MET A 46 -8.53 -1.71 -11.06
N GLU A 47 -9.51 -0.84 -11.24
CA GLU A 47 -10.79 -0.98 -10.55
C GLU A 47 -10.61 -0.84 -9.04
N ILE A 48 -9.57 -0.11 -8.64
CA ILE A 48 -9.28 0.09 -7.22
C ILE A 48 -9.79 1.44 -6.74
N ASP A 49 -10.42 1.45 -5.58
CA ASP A 49 -10.96 2.68 -5.00
C ASP A 49 -9.97 3.31 -4.03
N THR A 50 -9.17 4.26 -4.54
CA THR A 50 -8.18 4.94 -3.72
C THR A 50 -8.85 5.80 -2.65
N SER A 51 -10.09 6.21 -2.91
CA SER A 51 -10.83 7.03 -1.97
C SER A 51 -11.05 6.30 -0.66
N PHE A 52 -11.24 4.98 -0.75
CA PHE A 52 -11.47 4.16 0.44
C PHE A 52 -10.31 4.30 1.43
N PHE A 53 -9.15 4.68 0.93
CA PHE A 53 -7.97 4.86 1.76
C PHE A 53 -7.52 6.32 1.77
N GLN A 54 -8.45 7.22 1.47
CA GLN A 54 -8.14 8.65 1.43
C GLN A 54 -7.79 9.15 2.83
N ASN A 55 -8.29 8.46 3.85
CA ASN A 55 -8.02 8.85 5.24
C ASN A 55 -7.85 7.61 6.12
N MET A 56 -7.36 6.54 5.52
CA MET A 56 -7.14 5.29 6.26
C MET A 56 -5.70 5.20 6.74
N ASP A 57 -5.50 5.51 8.02
CA ASP A 57 -4.17 5.46 8.62
C ASP A 57 -3.58 4.06 8.53
N GLY A 58 -2.26 3.98 8.44
CA GLY A 58 -1.60 2.68 8.35
C GLY A 58 -2.16 1.68 9.34
N LYS A 59 -2.55 2.16 10.51
CA LYS A 59 -3.10 1.30 11.56
C LYS A 59 -4.44 0.71 11.13
N GLU A 60 -5.31 1.57 10.61
CA GLU A 60 -6.63 1.15 10.16
C GLU A 60 -6.53 0.38 8.84
N LEU A 61 -5.36 0.44 8.21
CA LEU A 61 -5.14 -0.24 6.94
C LEU A 61 -4.59 -1.65 7.17
N CYS A 62 -3.54 -1.74 7.99
CA CYS A 62 -2.93 -3.03 8.29
C CYS A 62 -3.91 -3.95 9.01
N LYS A 63 -4.94 -3.35 9.60
CA LYS A 63 -5.95 -4.11 10.33
C LYS A 63 -7.05 -4.60 9.39
N MET A 64 -7.22 -3.90 8.27
CA MET A 64 -8.23 -4.27 7.28
C MET A 64 -8.09 -5.74 6.89
N ASN A 65 -9.22 -6.36 6.56
CA ASN A 65 -9.22 -7.77 6.16
C ASN A 65 -9.57 -7.91 4.68
N LYS A 66 -9.53 -9.14 4.19
CA LYS A 66 -9.84 -9.42 2.79
C LYS A 66 -11.19 -8.81 2.40
N GLU A 67 -12.20 -9.02 3.24
CA GLU A 67 -13.53 -8.48 2.99
C GLU A 67 -13.48 -6.98 2.80
N ASP A 68 -13.00 -6.28 3.82
CA ASP A 68 -12.89 -4.81 3.76
C ASP A 68 -12.12 -4.37 2.52
N PHE A 69 -11.06 -5.09 2.21
CA PHE A 69 -10.23 -4.77 1.04
C PHE A 69 -11.02 -4.96 -0.25
N LEU A 70 -11.84 -6.00 -0.28
CA LEU A 70 -12.64 -6.31 -1.46
C LEU A 70 -13.73 -5.26 -1.65
N ARG A 71 -14.02 -4.51 -0.60
CA ARG A 71 -15.05 -3.47 -0.65
C ARG A 71 -14.48 -2.18 -1.23
N ALA A 72 -13.21 -2.22 -1.63
CA ALA A 72 -12.55 -1.05 -2.19
C ALA A 72 -11.76 -1.41 -3.45
N THR A 73 -11.11 -2.58 -3.42
CA THR A 73 -10.33 -3.04 -4.56
C THR A 73 -10.78 -4.42 -5.00
N THR A 74 -10.51 -4.75 -6.27
CA THR A 74 -10.88 -6.05 -6.82
C THR A 74 -10.18 -7.19 -6.09
N LEU A 75 -10.65 -8.40 -6.31
CA LEU A 75 -10.07 -9.58 -5.67
C LEU A 75 -8.59 -9.71 -6.03
N TYR A 76 -8.29 -9.70 -7.33
CA TYR A 76 -6.92 -9.82 -7.80
C TYR A 76 -6.01 -8.84 -7.07
N ASN A 77 -6.42 -7.58 -7.01
CA ASN A 77 -5.63 -6.55 -6.34
C ASN A 77 -5.53 -6.84 -4.85
N THR A 78 -6.62 -7.35 -4.27
CA THR A 78 -6.66 -7.66 -2.85
C THR A 78 -5.54 -8.63 -2.47
N GLU A 79 -5.35 -9.65 -3.31
CA GLU A 79 -4.31 -10.65 -3.06
C GLU A 79 -2.93 -10.01 -3.07
N VAL A 80 -2.73 -9.06 -3.98
CA VAL A 80 -1.45 -8.38 -4.10
C VAL A 80 -1.15 -7.56 -2.84
N LEU A 81 -2.08 -6.69 -2.48
CA LEU A 81 -1.92 -5.85 -1.30
C LEU A 81 -1.72 -6.69 -0.04
N LEU A 82 -2.65 -7.61 0.19
CA LEU A 82 -2.59 -8.49 1.36
C LEU A 82 -1.25 -9.24 1.39
N SER A 83 -0.85 -9.77 0.24
CA SER A 83 0.40 -10.50 0.14
C SER A 83 1.60 -9.61 0.44
N HIS A 84 1.60 -8.41 -0.14
CA HIS A 84 2.68 -7.46 0.06
C HIS A 84 2.78 -7.06 1.54
N LEU A 85 1.67 -6.56 2.08
CA LEU A 85 1.63 -6.12 3.47
C LEU A 85 1.91 -7.29 4.40
N SER A 86 1.54 -8.50 3.97
CA SER A 86 1.75 -9.70 4.77
C SER A 86 3.20 -9.82 5.20
N TYR A 87 4.11 -9.38 4.33
CA TYR A 87 5.54 -9.44 4.62
C TYR A 87 5.96 -8.24 5.47
N LEU A 88 5.68 -7.04 4.97
CA LEU A 88 6.04 -5.82 5.68
C LEU A 88 5.53 -5.85 7.12
N ARG A 89 4.42 -6.56 7.33
CA ARG A 89 3.83 -6.66 8.66
C ARG A 89 4.64 -7.62 9.53
N GLU A 90 5.18 -8.67 8.92
CA GLU A 90 5.97 -9.65 9.64
C GLU A 90 7.46 -9.33 9.54
N SER A 91 7.78 -8.06 9.32
CA SER A 91 9.16 -7.62 9.19
C SER A 91 9.57 -6.75 10.37
N SER A 92 10.79 -6.23 10.33
CA SER A 92 11.29 -5.38 11.41
C SER A 92 11.39 -6.15 12.71
N SER A 93 11.75 -7.43 12.61
CA SER A 93 11.87 -8.28 13.79
C SER A 93 13.32 -8.32 14.28
N GLY A 94 13.75 -7.25 14.93
CA GLY A 94 15.11 -7.19 15.44
C GLY A 94 15.20 -7.59 16.90
N PRO A 95 16.39 -7.39 17.50
CA PRO A 95 16.62 -7.73 18.91
C PRO A 95 15.86 -6.82 19.86
N SER A 96 15.75 -7.24 21.12
CA SER A 96 15.05 -6.47 22.14
C SER A 96 15.59 -6.79 23.52
N SER A 97 16.79 -6.30 23.81
CA SER A 97 17.42 -6.54 25.11
C SER A 97 17.30 -5.31 26.00
N GLY A 98 17.29 -5.53 27.31
CA GLY A 98 17.19 -4.42 28.25
C GLY A 98 18.09 -4.60 29.45
N GLY A 1 -21.95 9.29 -3.44
CA GLY A 1 -22.27 9.95 -2.18
C GLY A 1 -21.59 11.30 -2.04
N SER A 2 -21.86 11.98 -0.94
CA SER A 2 -21.28 13.30 -0.69
C SER A 2 -19.76 13.20 -0.60
N SER A 3 -19.08 14.34 -0.78
CA SER A 3 -17.63 14.39 -0.72
C SER A 3 -17.02 13.41 -1.72
N GLY A 4 -17.39 13.56 -2.99
CA GLY A 4 -16.86 12.68 -4.02
C GLY A 4 -15.35 12.67 -4.06
N SER A 5 -14.74 13.86 -3.94
CA SER A 5 -13.29 13.97 -3.97
C SER A 5 -12.72 13.40 -5.27
N SER A 6 -13.20 13.91 -6.40
CA SER A 6 -12.75 13.44 -7.69
C SER A 6 -11.41 14.08 -8.06
N GLY A 7 -10.67 13.43 -8.96
CA GLY A 7 -9.37 13.94 -9.37
C GLY A 7 -8.39 14.04 -8.22
N PRO A 8 -7.95 12.87 -7.71
CA PRO A 8 -7.00 12.81 -6.61
C PRO A 8 -5.60 13.28 -7.00
N PRO A 9 -4.74 13.49 -5.99
CA PRO A 9 -3.37 13.95 -6.22
C PRO A 9 -2.50 12.88 -6.87
N ASN A 10 -1.54 13.31 -7.68
CA ASN A 10 -0.64 12.39 -8.36
C ASN A 10 0.59 12.09 -7.51
N MET A 11 1.01 10.83 -7.51
CA MET A 11 2.18 10.41 -6.74
C MET A 11 3.46 10.54 -7.56
N THR A 12 4.31 11.49 -7.18
CA THR A 12 5.57 11.71 -7.88
C THR A 12 6.67 10.82 -7.33
N THR A 13 7.50 10.30 -8.23
CA THR A 13 8.61 9.42 -7.83
C THR A 13 9.47 9.05 -9.02
N ASN A 14 10.56 8.34 -8.76
CA ASN A 14 11.47 7.91 -9.81
C ASN A 14 10.90 6.72 -10.58
N GLU A 15 9.73 6.91 -11.18
CA GLU A 15 9.07 5.86 -11.95
C GLU A 15 8.77 4.65 -11.06
N ARG A 16 7.53 4.56 -10.59
CA ARG A 16 7.11 3.46 -9.74
C ARG A 16 8.06 3.31 -8.55
N ARG A 17 7.77 4.03 -7.47
CA ARG A 17 8.60 3.97 -6.27
C ARG A 17 8.03 4.86 -5.18
N VAL A 18 8.22 4.45 -3.93
CA VAL A 18 7.71 5.20 -2.78
C VAL A 18 8.74 5.26 -1.66
N ILE A 19 8.72 6.34 -0.90
CA ILE A 19 9.66 6.52 0.21
C ILE A 19 8.95 6.38 1.55
N VAL A 20 8.42 5.19 1.82
CA VAL A 20 7.73 4.92 3.07
C VAL A 20 8.52 3.98 3.96
N PRO A 21 8.29 4.07 5.27
CA PRO A 21 8.98 3.22 6.26
C PRO A 21 8.53 1.76 6.17
N ALA A 22 9.41 0.85 6.57
CA ALA A 22 9.10 -0.58 6.55
C ALA A 22 7.78 -0.87 7.25
N ASP A 23 7.77 -0.69 8.57
CA ASP A 23 6.56 -0.94 9.36
C ASP A 23 5.37 -0.19 8.76
N PRO A 24 4.43 -0.96 8.18
CA PRO A 24 3.23 -0.39 7.57
C PRO A 24 2.26 0.17 8.60
N THR A 25 2.43 -0.24 9.86
CA THR A 25 1.57 0.22 10.94
C THR A 25 1.90 1.65 11.32
N LEU A 26 3.10 2.10 10.96
CA LEU A 26 3.54 3.45 11.27
C LEU A 26 3.17 4.42 10.14
N TRP A 27 2.66 3.87 9.05
CA TRP A 27 2.26 4.68 7.90
C TRP A 27 1.22 5.71 8.30
N THR A 28 1.42 6.95 7.84
CA THR A 28 0.49 8.03 8.15
C THR A 28 -0.72 7.99 7.24
N GLN A 29 -1.65 8.92 7.45
CA GLN A 29 -2.87 8.99 6.64
C GLN A 29 -2.53 9.24 5.18
N GLU A 30 -1.31 9.71 4.93
CA GLU A 30 -0.87 10.00 3.57
C GLU A 30 -0.09 8.82 2.99
N HIS A 31 0.80 8.25 3.81
CA HIS A 31 1.60 7.12 3.39
C HIS A 31 0.73 6.02 2.79
N VAL A 32 -0.29 5.61 3.54
CA VAL A 32 -1.20 4.57 3.09
C VAL A 32 -1.72 4.86 1.68
N ARG A 33 -1.83 6.14 1.35
CA ARG A 33 -2.32 6.56 0.05
C ARG A 33 -1.24 6.39 -1.02
N GLN A 34 -0.08 7.00 -0.78
CA GLN A 34 1.03 6.91 -1.71
C GLN A 34 1.35 5.46 -2.05
N TRP A 35 1.42 4.62 -1.03
CA TRP A 35 1.71 3.21 -1.22
C TRP A 35 0.71 2.56 -2.16
N LEU A 36 -0.56 2.93 -2.03
CA LEU A 36 -1.62 2.39 -2.87
C LEU A 36 -1.36 2.72 -4.34
N GLU A 37 -1.32 4.01 -4.66
CA GLU A 37 -1.08 4.46 -6.02
C GLU A 37 0.18 3.82 -6.59
N TRP A 38 1.12 3.50 -5.71
CA TRP A 38 2.38 2.90 -6.13
C TRP A 38 2.16 1.44 -6.57
N ALA A 39 1.69 0.62 -5.65
CA ALA A 39 1.43 -0.79 -5.93
C ALA A 39 0.57 -0.93 -7.18
N ILE A 40 -0.29 0.05 -7.43
CA ILE A 40 -1.17 0.03 -8.58
C ILE A 40 -0.39 0.24 -9.87
N LYS A 41 0.39 1.31 -9.91
CA LYS A 41 1.20 1.63 -11.09
C LYS A 41 2.35 0.64 -11.24
N GLU A 42 2.64 -0.10 -10.17
CA GLU A 42 3.73 -1.08 -10.19
C GLU A 42 3.21 -2.44 -10.65
N TYR A 43 2.15 -2.92 -9.99
CA TYR A 43 1.58 -4.21 -10.33
C TYR A 43 0.49 -4.06 -11.40
N SER A 44 0.39 -2.87 -11.97
CA SER A 44 -0.60 -2.58 -13.00
C SER A 44 -1.99 -2.99 -12.53
N LEU A 45 -2.39 -2.46 -11.37
CA LEU A 45 -3.70 -2.76 -10.80
C LEU A 45 -4.76 -1.81 -11.35
N MET A 46 -6.00 -2.30 -11.42
CA MET A 46 -7.10 -1.48 -11.93
C MET A 46 -8.39 -1.78 -11.17
N GLU A 47 -9.40 -0.95 -11.37
CA GLU A 47 -10.68 -1.12 -10.70
C GLU A 47 -10.53 -1.00 -9.18
N ILE A 48 -9.54 -0.22 -8.76
CA ILE A 48 -9.27 -0.02 -7.34
C ILE A 48 -9.80 1.35 -6.87
N ASP A 49 -10.43 1.37 -5.71
CA ASP A 49 -10.96 2.60 -5.16
C ASP A 49 -10.00 3.21 -4.14
N THR A 50 -9.07 4.03 -4.64
CA THR A 50 -8.09 4.67 -3.78
C THR A 50 -8.76 5.59 -2.77
N SER A 51 -9.93 6.12 -3.14
CA SER A 51 -10.67 7.02 -2.26
C SER A 51 -11.02 6.34 -0.94
N PHE A 52 -11.11 5.00 -0.98
CA PHE A 52 -11.45 4.23 0.21
C PHE A 52 -10.32 4.31 1.24
N PHE A 53 -9.11 4.57 0.77
CA PHE A 53 -7.95 4.67 1.64
C PHE A 53 -7.43 6.10 1.69
N GLN A 54 -8.29 7.05 1.35
CA GLN A 54 -7.91 8.46 1.35
C GLN A 54 -7.64 8.95 2.77
N ASN A 55 -8.29 8.32 3.74
CA ASN A 55 -8.11 8.68 5.14
C ASN A 55 -7.97 7.44 6.01
N MET A 56 -7.17 6.49 5.54
CA MET A 56 -6.94 5.25 6.28
C MET A 56 -5.52 5.19 6.80
N ASP A 57 -5.35 5.48 8.09
CA ASP A 57 -4.03 5.46 8.72
C ASP A 57 -3.39 4.08 8.60
N GLY A 58 -2.06 4.04 8.54
CA GLY A 58 -1.36 2.78 8.44
C GLY A 58 -1.91 1.72 9.38
N LYS A 59 -2.33 2.15 10.56
CA LYS A 59 -2.87 1.24 11.56
C LYS A 59 -4.17 0.59 11.05
N GLU A 60 -5.06 1.41 10.51
CA GLU A 60 -6.33 0.92 9.98
C GLU A 60 -6.12 0.18 8.67
N LEU A 61 -4.92 0.29 8.11
CA LEU A 61 -4.60 -0.37 6.85
C LEU A 61 -4.06 -1.78 7.10
N CYS A 62 -3.43 -1.97 8.25
CA CYS A 62 -2.87 -3.28 8.60
C CYS A 62 -3.93 -4.16 9.24
N LYS A 63 -5.03 -3.54 9.68
CA LYS A 63 -6.11 -4.26 10.31
C LYS A 63 -7.13 -4.75 9.27
N MET A 64 -7.24 -4.02 8.18
CA MET A 64 -8.17 -4.37 7.11
C MET A 64 -7.98 -5.82 6.68
N ASN A 65 -9.06 -6.45 6.22
CA ASN A 65 -9.00 -7.84 5.78
C ASN A 65 -9.43 -7.96 4.32
N LYS A 66 -9.40 -9.18 3.81
CA LYS A 66 -9.78 -9.44 2.42
C LYS A 66 -11.14 -8.83 2.11
N GLU A 67 -12.07 -8.93 3.06
CA GLU A 67 -13.41 -8.39 2.88
C GLU A 67 -13.37 -6.86 2.81
N ASP A 68 -12.87 -6.24 3.87
CA ASP A 68 -12.78 -4.79 3.93
C ASP A 68 -12.01 -4.24 2.73
N PHE A 69 -11.12 -5.05 2.19
CA PHE A 69 -10.32 -4.65 1.03
C PHE A 69 -11.09 -4.87 -0.26
N LEU A 70 -11.89 -5.93 -0.28
CA LEU A 70 -12.69 -6.26 -1.47
C LEU A 70 -13.79 -5.22 -1.69
N ARG A 71 -14.10 -4.46 -0.66
CA ARG A 71 -15.12 -3.43 -0.74
C ARG A 71 -14.56 -2.15 -1.35
N ALA A 72 -13.29 -2.18 -1.72
CA ALA A 72 -12.63 -1.03 -2.31
C ALA A 72 -11.85 -1.42 -3.56
N THR A 73 -11.19 -2.57 -3.50
CA THR A 73 -10.41 -3.06 -4.62
C THR A 73 -10.87 -4.45 -5.05
N THR A 74 -10.59 -4.79 -6.31
CA THR A 74 -10.99 -6.08 -6.86
C THR A 74 -10.29 -7.22 -6.11
N LEU A 75 -10.79 -8.44 -6.31
CA LEU A 75 -10.21 -9.62 -5.66
C LEU A 75 -8.73 -9.76 -6.01
N TYR A 76 -8.43 -9.74 -7.31
CA TYR A 76 -7.06 -9.87 -7.78
C TYR A 76 -6.14 -8.91 -7.03
N ASN A 77 -6.51 -7.63 -7.01
CA ASN A 77 -5.72 -6.62 -6.32
C ASN A 77 -5.66 -6.90 -4.82
N THR A 78 -6.76 -7.39 -4.27
CA THR A 78 -6.84 -7.69 -2.85
C THR A 78 -5.76 -8.70 -2.45
N GLU A 79 -5.54 -9.70 -3.30
CA GLU A 79 -4.54 -10.72 -3.02
C GLU A 79 -3.13 -10.13 -3.04
N VAL A 80 -2.91 -9.18 -3.94
CA VAL A 80 -1.60 -8.52 -4.04
C VAL A 80 -1.32 -7.66 -2.82
N LEU A 81 -2.24 -6.76 -2.50
CA LEU A 81 -2.09 -5.87 -1.36
C LEU A 81 -1.90 -6.66 -0.08
N LEU A 82 -2.83 -7.57 0.20
CA LEU A 82 -2.76 -8.40 1.40
C LEU A 82 -1.44 -9.14 1.47
N SER A 83 -1.02 -9.73 0.35
CA SER A 83 0.23 -10.47 0.28
C SER A 83 1.43 -9.55 0.54
N HIS A 84 1.42 -8.38 -0.09
CA HIS A 84 2.50 -7.42 0.07
C HIS A 84 2.61 -6.96 1.53
N LEU A 85 1.50 -6.45 2.06
CA LEU A 85 1.47 -5.98 3.44
C LEU A 85 1.82 -7.11 4.41
N SER A 86 1.41 -8.32 4.06
CA SER A 86 1.69 -9.49 4.90
C SER A 86 3.17 -9.58 5.24
N TYR A 87 4.01 -9.13 4.33
CA TYR A 87 5.46 -9.15 4.53
C TYR A 87 5.92 -7.92 5.29
N LEU A 88 5.58 -6.75 4.78
CA LEU A 88 5.96 -5.49 5.42
C LEU A 88 5.52 -5.47 6.88
N ARG A 89 4.46 -6.19 7.19
CA ARG A 89 3.93 -6.26 8.55
C ARG A 89 4.84 -7.11 9.44
N GLU A 90 5.45 -8.13 8.84
CA GLU A 90 6.34 -9.02 9.58
C GLU A 90 7.80 -8.61 9.39
N SER A 91 8.03 -7.30 9.33
CA SER A 91 9.38 -6.77 9.15
C SER A 91 9.61 -5.57 10.05
N SER A 92 10.87 -5.34 10.41
CA SER A 92 11.24 -4.23 11.28
C SER A 92 10.49 -4.31 12.60
N SER A 93 10.41 -5.51 13.15
CA SER A 93 9.72 -5.73 14.42
C SER A 93 10.63 -5.41 15.60
N GLY A 94 10.19 -5.77 16.81
CA GLY A 94 10.97 -5.51 17.99
C GLY A 94 11.07 -6.74 18.88
N PRO A 95 11.85 -6.62 19.98
CA PRO A 95 12.05 -7.71 20.93
C PRO A 95 10.78 -8.01 21.74
N SER A 96 10.64 -9.25 22.16
CA SER A 96 9.47 -9.67 22.94
C SER A 96 8.18 -9.31 22.22
N SER A 97 7.84 -10.10 21.21
CA SER A 97 6.62 -9.86 20.44
C SER A 97 5.53 -10.85 20.81
N GLY A 98 5.25 -10.94 22.11
CA GLY A 98 4.22 -11.86 22.58
C GLY A 98 4.81 -13.12 23.19
N GLY A 1 4.45 27.36 -13.99
CA GLY A 1 3.05 27.69 -13.81
C GLY A 1 2.19 26.48 -13.52
N SER A 2 0.96 26.73 -13.09
CA SER A 2 0.03 25.64 -12.76
C SER A 2 -1.00 25.46 -13.88
N SER A 3 -0.51 25.12 -15.08
CA SER A 3 -1.38 24.92 -16.23
C SER A 3 -1.03 23.62 -16.95
N GLY A 4 -2.04 22.82 -17.23
CA GLY A 4 -1.81 21.55 -17.93
C GLY A 4 -1.63 20.39 -16.97
N SER A 5 -1.89 19.19 -17.44
CA SER A 5 -1.74 17.99 -16.61
C SER A 5 -1.81 16.73 -17.47
N SER A 6 -0.65 16.25 -17.92
CA SER A 6 -0.60 15.05 -18.75
C SER A 6 -0.40 13.81 -17.89
N GLY A 7 -1.24 12.80 -18.12
CA GLY A 7 -1.14 11.57 -17.36
C GLY A 7 -1.55 11.75 -15.91
N PRO A 8 -1.72 10.63 -15.20
CA PRO A 8 -2.11 10.64 -13.78
C PRO A 8 -1.00 11.15 -12.89
N PRO A 9 -1.35 11.44 -11.61
CA PRO A 9 -0.39 11.95 -10.63
C PRO A 9 0.62 10.89 -10.22
N ASN A 10 1.79 10.91 -10.85
CA ASN A 10 2.85 9.94 -10.54
C ASN A 10 3.64 10.38 -9.31
N MET A 11 4.47 9.48 -8.80
CA MET A 11 5.28 9.77 -7.62
C MET A 11 6.54 10.55 -8.01
N THR A 12 6.66 11.76 -7.49
CA THR A 12 7.82 12.61 -7.78
C THR A 12 8.65 12.84 -6.53
N THR A 13 9.87 12.33 -6.54
CA THR A 13 10.78 12.48 -5.40
C THR A 13 12.23 12.64 -5.86
N ASN A 14 12.61 11.84 -6.86
CA ASN A 14 13.97 11.90 -7.39
C ASN A 14 14.13 10.93 -8.56
N GLU A 15 13.66 9.70 -8.37
CA GLU A 15 13.76 8.68 -9.41
C GLU A 15 12.45 7.90 -9.53
N ARG A 16 11.34 8.60 -9.30
CA ARG A 16 10.01 7.98 -9.38
C ARG A 16 9.93 6.77 -8.45
N ARG A 17 10.04 7.02 -7.15
CA ARG A 17 9.97 5.95 -6.16
C ARG A 17 9.09 6.35 -4.99
N VAL A 18 9.03 5.49 -3.97
CA VAL A 18 8.21 5.75 -2.79
C VAL A 18 9.08 5.87 -1.54
N ILE A 19 8.64 6.71 -0.60
CA ILE A 19 9.39 6.90 0.64
C ILE A 19 8.53 6.54 1.85
N VAL A 20 8.54 5.26 2.22
CA VAL A 20 7.77 4.78 3.36
C VAL A 20 8.60 3.85 4.23
N PRO A 21 8.23 3.76 5.52
CA PRO A 21 8.93 2.89 6.48
C PRO A 21 8.70 1.41 6.21
N ALA A 22 9.37 0.57 6.98
CA ALA A 22 9.23 -0.88 6.82
C ALA A 22 7.80 -1.32 7.11
N ASP A 23 7.46 -1.39 8.40
CA ASP A 23 6.12 -1.80 8.81
C ASP A 23 5.07 -0.82 8.31
N PRO A 24 3.91 -1.36 7.89
CA PRO A 24 2.80 -0.53 7.39
C PRO A 24 2.14 0.29 8.48
N THR A 25 2.19 -0.22 9.71
CA THR A 25 1.60 0.47 10.85
C THR A 25 2.23 1.84 11.05
N LEU A 26 3.41 2.04 10.48
CA LEU A 26 4.11 3.31 10.59
C LEU A 26 3.74 4.24 9.43
N TRP A 27 2.70 3.88 8.70
CA TRP A 27 2.24 4.69 7.57
C TRP A 27 1.20 5.71 8.02
N THR A 28 1.47 6.98 7.74
CA THR A 28 0.55 8.04 8.11
C THR A 28 -0.66 8.09 7.18
N GLN A 29 -1.54 9.06 7.40
CA GLN A 29 -2.74 9.21 6.58
C GLN A 29 -2.37 9.48 5.13
N GLU A 30 -1.13 9.90 4.90
CA GLU A 30 -0.65 10.20 3.56
C GLU A 30 0.07 9.00 2.96
N HIS A 31 0.92 8.36 3.76
CA HIS A 31 1.67 7.19 3.30
C HIS A 31 0.74 6.16 2.69
N VAL A 32 -0.31 5.80 3.42
CA VAL A 32 -1.27 4.80 2.95
C VAL A 32 -1.78 5.16 1.55
N ARG A 33 -1.85 6.45 1.26
CA ARG A 33 -2.32 6.92 -0.04
C ARG A 33 -1.22 6.77 -1.09
N GLN A 34 0.01 7.07 -0.71
CA GLN A 34 1.14 6.96 -1.63
C GLN A 34 1.41 5.50 -1.99
N TRP A 35 1.57 4.67 -0.96
CA TRP A 35 1.84 3.25 -1.17
C TRP A 35 0.78 2.63 -2.08
N LEU A 36 -0.45 3.14 -1.99
CA LEU A 36 -1.55 2.63 -2.80
C LEU A 36 -1.30 2.88 -4.28
N GLU A 37 -1.21 4.16 -4.65
CA GLU A 37 -0.97 4.54 -6.03
C GLU A 37 0.28 3.84 -6.58
N TRP A 38 1.21 3.53 -5.69
CA TRP A 38 2.45 2.87 -6.08
C TRP A 38 2.18 1.43 -6.51
N ALA A 39 1.69 0.63 -5.58
CA ALA A 39 1.40 -0.77 -5.85
C ALA A 39 0.53 -0.92 -7.11
N ILE A 40 -0.29 0.09 -7.36
CA ILE A 40 -1.18 0.08 -8.53
C ILE A 40 -0.38 0.23 -9.81
N LYS A 41 0.55 1.18 -9.83
CA LYS A 41 1.38 1.42 -11.00
C LYS A 41 2.48 0.37 -11.11
N GLU A 42 2.75 -0.31 -10.00
CA GLU A 42 3.78 -1.34 -9.98
C GLU A 42 3.21 -2.70 -10.41
N TYR A 43 2.05 -3.03 -9.87
CA TYR A 43 1.39 -4.30 -10.21
C TYR A 43 0.30 -4.09 -11.25
N SER A 44 0.26 -2.90 -11.82
CA SER A 44 -0.74 -2.57 -12.84
C SER A 44 -2.14 -2.91 -12.35
N LEU A 45 -2.42 -2.53 -11.10
CA LEU A 45 -3.73 -2.79 -10.50
C LEU A 45 -4.79 -1.87 -11.11
N MET A 46 -5.99 -2.41 -11.27
CA MET A 46 -7.10 -1.64 -11.84
C MET A 46 -8.39 -1.90 -11.08
N GLU A 47 -9.36 -1.00 -11.24
CA GLU A 47 -10.64 -1.13 -10.56
C GLU A 47 -10.47 -1.04 -9.04
N ILE A 48 -9.53 -0.20 -8.61
CA ILE A 48 -9.26 -0.03 -7.19
C ILE A 48 -9.79 1.31 -6.70
N ASP A 49 -10.43 1.29 -5.53
CA ASP A 49 -10.98 2.51 -4.95
C ASP A 49 -9.97 3.17 -4.01
N THR A 50 -9.29 4.19 -4.52
CA THR A 50 -8.29 4.91 -3.72
C THR A 50 -8.95 5.77 -2.66
N SER A 51 -10.21 6.14 -2.90
CA SER A 51 -10.95 6.98 -1.96
C SER A 51 -11.15 6.26 -0.63
N PHE A 52 -11.23 4.93 -0.69
CA PHE A 52 -11.42 4.12 0.50
C PHE A 52 -10.24 4.29 1.47
N PHE A 53 -9.10 4.68 0.94
CA PHE A 53 -7.91 4.89 1.75
C PHE A 53 -7.48 6.35 1.73
N GLN A 54 -8.43 7.24 1.45
CA GLN A 54 -8.15 8.67 1.39
C GLN A 54 -7.77 9.20 2.78
N ASN A 55 -8.24 8.51 3.81
CA ASN A 55 -7.95 8.92 5.18
C ASN A 55 -7.78 7.70 6.08
N MET A 56 -7.31 6.60 5.51
CA MET A 56 -7.10 5.37 6.26
C MET A 56 -5.65 5.26 6.75
N ASP A 57 -5.45 5.60 8.03
CA ASP A 57 -4.12 5.55 8.62
C ASP A 57 -3.55 4.13 8.55
N GLY A 58 -2.23 4.03 8.46
CA GLY A 58 -1.59 2.73 8.39
C GLY A 58 -2.17 1.73 9.38
N LYS A 59 -2.56 2.23 10.55
CA LYS A 59 -3.14 1.38 11.58
C LYS A 59 -4.48 0.80 11.13
N GLU A 60 -5.35 1.67 10.62
CA GLU A 60 -6.67 1.25 10.16
C GLU A 60 -6.54 0.47 8.85
N LEU A 61 -5.39 0.56 8.21
CA LEU A 61 -5.14 -0.13 6.95
C LEU A 61 -4.62 -1.54 7.19
N CYS A 62 -3.57 -1.65 8.00
CA CYS A 62 -2.97 -2.94 8.32
C CYS A 62 -3.97 -3.84 9.04
N LYS A 63 -4.98 -3.22 9.65
CA LYS A 63 -6.00 -3.96 10.38
C LYS A 63 -7.11 -4.41 9.44
N MET A 64 -6.96 -4.11 8.16
CA MET A 64 -7.95 -4.49 7.15
C MET A 64 -7.87 -5.97 6.85
N ASN A 65 -8.93 -6.51 6.26
CA ASN A 65 -8.98 -7.92 5.92
C ASN A 65 -9.39 -8.12 4.46
N LYS A 66 -9.39 -9.37 4.01
CA LYS A 66 -9.76 -9.69 2.63
C LYS A 66 -11.11 -9.06 2.27
N GLU A 67 -12.06 -9.14 3.19
CA GLU A 67 -13.38 -8.58 2.98
C GLU A 67 -13.32 -7.05 2.87
N ASP A 68 -12.79 -6.42 3.92
CA ASP A 68 -12.67 -4.97 3.95
C ASP A 68 -11.92 -4.45 2.72
N PHE A 69 -10.96 -5.24 2.26
CA PHE A 69 -10.18 -4.86 1.08
C PHE A 69 -10.98 -5.05 -0.20
N LEU A 70 -11.79 -6.10 -0.23
CA LEU A 70 -12.63 -6.40 -1.40
C LEU A 70 -13.73 -5.36 -1.56
N ARG A 71 -14.01 -4.63 -0.48
CA ARG A 71 -15.04 -3.60 -0.50
C ARG A 71 -14.50 -2.29 -1.07
N ALA A 72 -13.24 -2.31 -1.50
CA ALA A 72 -12.60 -1.13 -2.07
C ALA A 72 -11.84 -1.48 -3.35
N THR A 73 -11.18 -2.63 -3.33
CA THR A 73 -10.41 -3.07 -4.49
C THR A 73 -10.88 -4.45 -4.96
N THR A 74 -10.62 -4.74 -6.24
CA THR A 74 -11.02 -6.03 -6.80
C THR A 74 -10.30 -7.18 -6.12
N LEU A 75 -10.79 -8.40 -6.35
CA LEU A 75 -10.19 -9.58 -5.74
C LEU A 75 -8.73 -9.72 -6.14
N TYR A 76 -8.46 -9.60 -7.44
CA TYR A 76 -7.09 -9.72 -7.95
C TYR A 76 -6.14 -8.84 -7.15
N ASN A 77 -6.50 -7.56 -7.02
CA ASN A 77 -5.68 -6.61 -6.27
C ASN A 77 -5.67 -6.94 -4.79
N THR A 78 -6.79 -7.42 -4.28
CA THR A 78 -6.92 -7.78 -2.88
C THR A 78 -5.85 -8.79 -2.47
N GLU A 79 -5.49 -9.66 -3.41
CA GLU A 79 -4.48 -10.68 -3.14
C GLU A 79 -3.08 -10.08 -3.11
N VAL A 80 -2.82 -9.17 -4.05
CA VAL A 80 -1.52 -8.50 -4.13
C VAL A 80 -1.24 -7.69 -2.87
N LEU A 81 -2.13 -6.74 -2.57
CA LEU A 81 -1.97 -5.89 -1.40
C LEU A 81 -1.75 -6.73 -0.14
N LEU A 82 -2.67 -7.67 0.10
CA LEU A 82 -2.58 -8.54 1.26
C LEU A 82 -1.24 -9.26 1.30
N SER A 83 -0.81 -9.78 0.15
CA SER A 83 0.44 -10.50 0.05
C SER A 83 1.62 -9.57 0.38
N HIS A 84 1.59 -8.37 -0.18
CA HIS A 84 2.65 -7.40 0.05
C HIS A 84 2.73 -7.02 1.52
N LEU A 85 1.62 -6.51 2.06
CA LEU A 85 1.56 -6.10 3.46
C LEU A 85 1.85 -7.29 4.38
N SER A 86 1.46 -8.48 3.94
CA SER A 86 1.68 -9.69 4.73
C SER A 86 3.14 -9.81 5.14
N TYR A 87 4.04 -9.34 4.29
CA TYR A 87 5.47 -9.40 4.57
C TYR A 87 5.90 -8.21 5.41
N LEU A 88 5.62 -7.00 4.91
CA LEU A 88 5.99 -5.78 5.63
C LEU A 88 5.49 -5.82 7.07
N ARG A 89 4.37 -6.48 7.29
CA ARG A 89 3.80 -6.60 8.62
C ARG A 89 4.62 -7.56 9.49
N GLU A 90 5.11 -8.62 8.87
CA GLU A 90 5.91 -9.62 9.58
C GLU A 90 7.40 -9.39 9.34
N SER A 91 7.77 -8.13 9.11
CA SER A 91 9.17 -7.78 8.86
C SER A 91 9.62 -6.67 9.80
N SER A 92 9.03 -6.63 10.99
CA SER A 92 9.37 -5.62 11.98
C SER A 92 8.99 -6.08 13.38
N SER A 93 7.69 -6.27 13.61
CA SER A 93 7.19 -6.70 14.91
C SER A 93 5.86 -7.43 14.76
N GLY A 94 5.24 -7.75 15.90
CA GLY A 94 3.97 -8.44 15.88
C GLY A 94 4.10 -9.91 16.26
N PRO A 95 2.96 -10.61 16.34
CA PRO A 95 2.93 -12.02 16.69
C PRO A 95 3.52 -12.91 15.60
N SER A 96 4.42 -13.81 16.00
CA SER A 96 5.07 -14.71 15.05
C SER A 96 4.85 -16.17 15.46
N SER A 97 5.35 -16.52 16.65
CA SER A 97 5.21 -17.88 17.16
C SER A 97 3.81 -18.12 17.71
N GLY A 98 3.36 -19.37 17.66
CA GLY A 98 2.04 -19.70 18.17
C GLY A 98 2.09 -20.45 19.48
N GLY A 1 1.57 -11.43 -18.31
CA GLY A 1 2.42 -10.43 -17.70
C GLY A 1 3.12 -9.55 -18.71
N SER A 2 4.23 -8.95 -18.31
CA SER A 2 4.99 -8.07 -19.19
C SER A 2 4.12 -6.91 -19.67
N SER A 3 4.67 -6.12 -20.59
CA SER A 3 3.95 -4.97 -21.13
C SER A 3 3.59 -3.98 -20.03
N GLY A 4 2.87 -2.93 -20.39
CA GLY A 4 2.47 -1.93 -19.43
C GLY A 4 1.92 -0.67 -20.08
N SER A 5 1.34 0.21 -19.28
CA SER A 5 0.76 1.45 -19.79
C SER A 5 1.70 2.62 -19.55
N SER A 6 2.40 2.59 -18.42
CA SER A 6 3.33 3.66 -18.08
C SER A 6 2.62 5.01 -17.95
N GLY A 7 2.29 5.37 -16.72
CA GLY A 7 1.60 6.63 -16.48
C GLY A 7 2.56 7.76 -16.12
N PRO A 8 2.03 8.99 -16.10
CA PRO A 8 2.82 10.18 -15.77
C PRO A 8 3.24 10.21 -14.30
N PRO A 9 4.17 11.12 -13.96
CA PRO A 9 4.67 11.28 -12.60
C PRO A 9 3.61 11.88 -11.67
N ASN A 10 3.55 11.37 -10.44
CA ASN A 10 2.58 11.85 -9.46
C ASN A 10 3.18 11.82 -8.06
N MET A 11 3.55 10.62 -7.60
CA MET A 11 4.13 10.46 -6.27
C MET A 11 5.49 11.15 -6.19
N THR A 12 5.91 11.50 -4.98
CA THR A 12 7.18 12.16 -4.76
C THR A 12 8.29 11.15 -4.50
N THR A 13 9.22 11.02 -5.45
CA THR A 13 10.33 10.08 -5.31
C THR A 13 11.46 10.44 -6.27
N ASN A 14 12.66 9.98 -5.95
CA ASN A 14 13.83 10.25 -6.77
C ASN A 14 14.12 9.08 -7.71
N GLU A 15 13.06 8.40 -8.13
CA GLU A 15 13.21 7.25 -9.03
C GLU A 15 11.85 6.85 -9.61
N ARG A 16 11.01 6.23 -8.79
CA ARG A 16 9.70 5.78 -9.23
C ARG A 16 8.94 5.12 -8.08
N ARG A 17 9.64 4.26 -7.34
CA ARG A 17 9.03 3.55 -6.22
C ARG A 17 8.69 4.51 -5.08
N VAL A 18 7.91 4.03 -4.13
CA VAL A 18 7.51 4.85 -2.99
C VAL A 18 8.58 4.84 -1.90
N ILE A 19 8.65 5.92 -1.13
CA ILE A 19 9.62 6.04 -0.06
C ILE A 19 8.95 5.94 1.31
N VAL A 20 8.36 4.78 1.59
CA VAL A 20 7.69 4.55 2.86
C VAL A 20 8.46 3.56 3.73
N PRO A 21 8.26 3.65 5.05
CA PRO A 21 8.93 2.76 6.01
C PRO A 21 8.41 1.33 5.94
N ALA A 22 9.26 0.39 6.30
CA ALA A 22 8.88 -1.03 6.29
C ALA A 22 7.57 -1.25 7.03
N ASP A 23 7.61 -1.07 8.35
CA ASP A 23 6.43 -1.24 9.18
C ASP A 23 5.23 -0.47 8.61
N PRO A 24 4.26 -1.21 8.06
CA PRO A 24 3.06 -0.61 7.48
C PRO A 24 2.14 0.00 8.53
N THR A 25 2.34 -0.39 9.78
CA THR A 25 1.53 0.11 10.89
C THR A 25 1.92 1.55 11.23
N LEU A 26 3.14 1.93 10.86
CA LEU A 26 3.64 3.28 11.14
C LEU A 26 3.25 4.24 10.02
N TRP A 27 2.71 3.69 8.94
CA TRP A 27 2.31 4.50 7.79
C TRP A 27 1.28 5.55 8.21
N THR A 28 1.52 6.79 7.79
CA THR A 28 0.62 7.89 8.12
C THR A 28 -0.59 7.91 7.18
N GLN A 29 -1.48 8.87 7.39
CA GLN A 29 -2.68 8.99 6.57
C GLN A 29 -2.31 9.28 5.12
N GLU A 30 -1.07 9.70 4.90
CA GLU A 30 -0.60 10.00 3.54
C GLU A 30 0.13 8.80 2.96
N HIS A 31 0.93 8.13 3.79
CA HIS A 31 1.69 6.97 3.34
C HIS A 31 0.77 5.90 2.77
N VAL A 32 -0.26 5.54 3.53
CA VAL A 32 -1.21 4.52 3.09
C VAL A 32 -1.74 4.84 1.70
N ARG A 33 -1.82 6.13 1.37
CA ARG A 33 -2.31 6.56 0.07
C ARG A 33 -1.24 6.38 -1.00
N GLN A 34 -0.08 6.99 -0.79
CA GLN A 34 1.03 6.90 -1.73
C GLN A 34 1.34 5.45 -2.07
N TRP A 35 1.40 4.61 -1.04
CA TRP A 35 1.69 3.19 -1.23
C TRP A 35 0.69 2.56 -2.17
N LEU A 36 -0.57 2.95 -2.05
CA LEU A 36 -1.63 2.41 -2.91
C LEU A 36 -1.35 2.74 -4.38
N GLU A 37 -1.30 4.02 -4.69
CA GLU A 37 -1.04 4.47 -6.06
C GLU A 37 0.21 3.80 -6.62
N TRP A 38 1.14 3.48 -5.74
CA TRP A 38 2.39 2.84 -6.15
C TRP A 38 2.14 1.40 -6.59
N ALA A 39 1.66 0.58 -5.67
CA ALA A 39 1.38 -0.82 -5.98
C ALA A 39 0.51 -0.95 -7.23
N ILE A 40 -0.33 0.04 -7.46
CA ILE A 40 -1.22 0.04 -8.62
C ILE A 40 -0.42 0.24 -9.91
N LYS A 41 0.44 1.26 -9.92
CA LYS A 41 1.26 1.55 -11.09
C LYS A 41 2.36 0.51 -11.25
N GLU A 42 2.67 -0.21 -10.17
CA GLU A 42 3.71 -1.22 -10.20
C GLU A 42 3.14 -2.56 -10.69
N TYR A 43 2.08 -3.01 -10.03
CA TYR A 43 1.44 -4.27 -10.40
C TYR A 43 0.36 -4.06 -11.46
N SER A 44 0.32 -2.85 -12.01
CA SER A 44 -0.66 -2.52 -13.03
C SER A 44 -2.07 -2.88 -12.58
N LEU A 45 -2.40 -2.52 -11.33
CA LEU A 45 -3.71 -2.81 -10.77
C LEU A 45 -4.76 -1.87 -11.34
N MET A 46 -6.01 -2.35 -11.40
CA MET A 46 -7.10 -1.54 -11.92
C MET A 46 -8.39 -1.83 -11.15
N GLU A 47 -9.39 -0.96 -11.34
CA GLU A 47 -10.68 -1.12 -10.67
C GLU A 47 -10.51 -1.00 -9.16
N ILE A 48 -9.54 -0.20 -8.73
CA ILE A 48 -9.28 0.00 -7.32
C ILE A 48 -9.82 1.35 -6.84
N ASP A 49 -10.37 1.37 -5.62
CA ASP A 49 -10.92 2.59 -5.06
C ASP A 49 -9.93 3.24 -4.09
N THR A 50 -9.13 4.17 -4.61
CA THR A 50 -8.14 4.86 -3.80
C THR A 50 -8.81 5.77 -2.78
N SER A 51 -10.02 6.22 -3.09
CA SER A 51 -10.76 7.09 -2.19
C SER A 51 -11.09 6.39 -0.88
N PHE A 52 -11.16 5.07 -0.93
CA PHE A 52 -11.46 4.28 0.26
C PHE A 52 -10.32 4.37 1.27
N PHE A 53 -9.11 4.64 0.78
CA PHE A 53 -7.95 4.74 1.64
C PHE A 53 -7.43 6.18 1.68
N GLN A 54 -8.32 7.13 1.40
CA GLN A 54 -7.96 8.55 1.39
C GLN A 54 -7.67 9.03 2.81
N ASN A 55 -8.26 8.36 3.80
CA ASN A 55 -8.07 8.72 5.19
C ASN A 55 -7.91 7.48 6.07
N MET A 56 -7.20 6.49 5.54
CA MET A 56 -6.98 5.25 6.27
C MET A 56 -5.54 5.16 6.78
N ASP A 57 -5.35 5.47 8.05
CA ASP A 57 -4.03 5.44 8.66
C ASP A 57 -3.43 4.04 8.57
N GLY A 58 -2.10 3.97 8.50
CA GLY A 58 -1.42 2.69 8.40
C GLY A 58 -2.00 1.66 9.34
N LYS A 59 -2.31 2.09 10.56
CA LYS A 59 -2.88 1.19 11.56
C LYS A 59 -4.18 0.56 11.07
N GLU A 60 -5.06 1.39 10.51
CA GLU A 60 -6.34 0.91 10.00
C GLU A 60 -6.15 0.16 8.68
N LEU A 61 -4.95 0.26 8.12
CA LEU A 61 -4.63 -0.41 6.87
C LEU A 61 -4.14 -1.83 7.12
N CYS A 62 -3.51 -2.03 8.26
CA CYS A 62 -2.98 -3.35 8.62
C CYS A 62 -4.07 -4.21 9.27
N LYS A 63 -5.14 -3.56 9.71
CA LYS A 63 -6.25 -4.27 10.35
C LYS A 63 -7.26 -4.73 9.32
N MET A 64 -7.30 -4.04 8.18
CA MET A 64 -8.24 -4.38 7.11
C MET A 64 -8.05 -5.83 6.68
N ASN A 65 -9.14 -6.46 6.25
CA ASN A 65 -9.10 -7.85 5.81
C ASN A 65 -9.50 -7.96 4.34
N LYS A 66 -9.48 -9.19 3.83
CA LYS A 66 -9.85 -9.44 2.43
C LYS A 66 -11.20 -8.82 2.11
N GLU A 67 -12.14 -8.91 3.06
CA GLU A 67 -13.47 -8.36 2.88
C GLU A 67 -13.43 -6.84 2.80
N ASP A 68 -12.93 -6.21 3.87
CA ASP A 68 -12.84 -4.76 3.93
C ASP A 68 -12.07 -4.22 2.73
N PHE A 69 -11.17 -5.04 2.19
CA PHE A 69 -10.36 -4.64 1.05
C PHE A 69 -11.12 -4.87 -0.25
N LEU A 70 -11.92 -5.93 -0.29
CA LEU A 70 -12.70 -6.25 -1.48
C LEU A 70 -13.81 -5.23 -1.71
N ARG A 71 -14.12 -4.47 -0.68
CA ARG A 71 -15.15 -3.44 -0.76
C ARG A 71 -14.60 -2.16 -1.37
N ALA A 72 -13.32 -2.19 -1.73
CA ALA A 72 -12.67 -1.02 -2.32
C ALA A 72 -11.87 -1.42 -3.55
N THR A 73 -11.20 -2.56 -3.49
CA THR A 73 -10.40 -3.04 -4.60
C THR A 73 -10.85 -4.43 -5.04
N THR A 74 -10.57 -4.77 -6.30
CA THR A 74 -10.95 -6.06 -6.85
C THR A 74 -10.26 -7.20 -6.11
N LEU A 75 -10.74 -8.42 -6.31
CA LEU A 75 -10.17 -9.60 -5.66
C LEU A 75 -8.69 -9.74 -6.01
N TYR A 76 -8.39 -9.73 -7.30
CA TYR A 76 -7.02 -9.86 -7.77
C TYR A 76 -6.09 -8.90 -7.03
N ASN A 77 -6.49 -7.63 -6.99
CA ASN A 77 -5.71 -6.60 -6.31
C ASN A 77 -5.62 -6.88 -4.81
N THR A 78 -6.71 -7.38 -4.25
CA THR A 78 -6.76 -7.69 -2.82
C THR A 78 -5.65 -8.66 -2.43
N GLU A 79 -5.46 -9.69 -3.24
CA GLU A 79 -4.43 -10.69 -2.98
C GLU A 79 -3.04 -10.06 -3.00
N VAL A 80 -2.84 -9.11 -3.91
CA VAL A 80 -1.55 -8.43 -4.03
C VAL A 80 -1.27 -7.58 -2.80
N LEU A 81 -2.22 -6.70 -2.46
CA LEU A 81 -2.06 -5.83 -1.31
C LEU A 81 -1.87 -6.64 -0.02
N LEU A 82 -2.82 -7.54 0.24
CA LEU A 82 -2.75 -8.38 1.43
C LEU A 82 -1.43 -9.13 1.50
N SER A 83 -1.01 -9.71 0.38
CA SER A 83 0.24 -10.45 0.32
C SER A 83 1.43 -9.53 0.57
N HIS A 84 1.43 -8.37 -0.08
CA HIS A 84 2.51 -7.41 0.09
C HIS A 84 2.62 -6.95 1.54
N LEU A 85 1.51 -6.45 2.09
CA LEU A 85 1.49 -5.99 3.47
C LEU A 85 1.90 -7.10 4.43
N SER A 86 1.61 -8.34 4.05
CA SER A 86 1.95 -9.50 4.87
C SER A 86 3.44 -9.52 5.19
N TYR A 87 4.24 -9.04 4.25
CA TYR A 87 5.69 -9.00 4.43
C TYR A 87 6.11 -7.76 5.23
N LEU A 88 5.57 -6.61 4.84
CA LEU A 88 5.90 -5.36 5.51
C LEU A 88 5.56 -5.43 7.01
N ARG A 89 4.37 -5.95 7.30
CA ARG A 89 3.93 -6.08 8.69
C ARG A 89 4.90 -6.94 9.49
N GLU A 90 5.55 -7.88 8.81
CA GLU A 90 6.50 -8.77 9.45
C GLU A 90 7.93 -8.38 9.10
N SER A 91 8.20 -7.09 9.10
CA SER A 91 9.54 -6.58 8.77
C SER A 91 10.03 -5.62 9.84
N SER A 92 11.21 -5.04 9.61
CA SER A 92 11.80 -4.10 10.56
C SER A 92 11.95 -4.74 11.93
N SER A 93 12.09 -6.06 11.95
CA SER A 93 12.24 -6.79 13.21
C SER A 93 11.03 -6.58 14.11
N GLY A 94 9.94 -7.26 13.79
CA GLY A 94 8.73 -7.14 14.58
C GLY A 94 8.51 -8.33 15.50
N PRO A 95 7.43 -8.28 16.29
CA PRO A 95 7.09 -9.35 17.23
C PRO A 95 6.64 -10.63 16.52
N SER A 96 6.28 -11.63 17.31
CA SER A 96 5.83 -12.91 16.76
C SER A 96 4.59 -13.42 17.49
N SER A 97 3.44 -12.84 17.18
CA SER A 97 2.18 -13.22 17.81
C SER A 97 1.00 -12.76 16.97
N GLY A 98 0.08 -13.69 16.70
CA GLY A 98 -1.10 -13.37 15.91
C GLY A 98 -1.69 -14.59 15.23
#